data_6VFU
#
_entry.id   6VFU
#
_cell.length_a   108.971
_cell.length_b   108.971
_cell.length_c   309.663
_cell.angle_alpha   90.000
_cell.angle_beta   90.000
_cell.angle_gamma   120.000
#
_symmetry.space_group_name_H-M   'P 32 2 1'
#
loop_
_entity.id
_entity.type
_entity.pdbx_description
1 polymer Protocadherin-19
2 branched beta-D-mannopyranose-(1-4)-2-acetamido-2-deoxy-beta-D-glucopyranose-(1-4)-[alpha-L-fucopyranose-(1-6)]2-acetamido-2-deoxy-beta-D-glucopyranose
3 branched alpha-L-fucopyranose-(1-6)-2-acetamido-2-deoxy-beta-D-glucopyranose
4 branched 2-acetamido-2-deoxy-beta-D-glucopyranose-(1-4)-2-acetamido-2-deoxy-beta-D-glucopyranose
5 non-polymer 'CALCIUM ION'
6 non-polymer 2-acetamido-2-deoxy-beta-D-glucopyranose
7 non-polymer 'NICKEL (II) ION'
8 non-polymer 'CHLORIDE ION'
9 water water
#
_entity_poly.entity_id   1
_entity_poly.type   'polypeptide(L)'
_entity_poly.pdbx_seq_one_letter_code
;LINLKYSVEEEQRAGTVIANVAKDAREAGFALDPRQASAFRVVSNSAPHLVDINPSSGLLVTKQKIDRDLLCRQSPKCII
SLEVMSSSMEICVIKVEIKDLNDNAPSFPAAQIELEISEAASPGTRIPLDSAYDPDSGSFGVQTYELTPNELFGLEIKTR
GDGSRFAELVVEKSLDRETQSHYSFRITALDGGDPPRLGTVGLSIKVTDSNDNNPVFSESTYAVSVPENSPPNTPVIRLN
ASDPDEGTNGQVVYSFYGYVNDRTRELFQIDPHSGLVTVTGALDYEEGHVYELDVQAKDLGPNSIPAHCKVTVSVLDTND
NPPVINLLSVNSELVEVSESAPPGYVIALVRVSDRDSGLNGRVQCRLLGNVPFRLQEYESFSTILVDGRLDREQHDQYNL
TIQARDGGVPMLQSAKSFTVLITDHHHHHH
;
_entity_poly.pdbx_strand_id   C,A,B
#
loop_
_chem_comp.id
_chem_comp.type
_chem_comp.name
_chem_comp.formula
BMA D-saccharide, beta linking beta-D-mannopyranose 'C6 H12 O6'
CA non-polymer 'CALCIUM ION' 'Ca 2'
CL non-polymer 'CHLORIDE ION' 'Cl -1'
FUC L-saccharide, alpha linking alpha-L-fucopyranose 'C6 H12 O5'
NAG D-saccharide, beta linking 2-acetamido-2-deoxy-beta-D-glucopyranose 'C8 H15 N O6'
NI non-polymer 'NICKEL (II) ION' 'Ni 2'
#
# COMPACT_ATOMS: atom_id res chain seq x y z
N LEU A 1 28.45 -28.89 -63.79
CA LEU A 1 29.74 -29.63 -63.79
C LEU A 1 30.81 -28.91 -63.00
N ILE A 2 31.16 -27.70 -63.44
CA ILE A 2 32.22 -26.92 -62.83
C ILE A 2 31.61 -26.03 -61.75
N ASN A 3 32.28 -25.96 -60.60
CA ASN A 3 31.81 -25.17 -59.47
C ASN A 3 32.94 -24.27 -58.97
N LEU A 4 32.63 -23.00 -58.75
CA LEU A 4 33.56 -22.06 -58.14
C LEU A 4 32.91 -21.31 -56.99
N LYS A 5 33.47 -21.49 -55.80
CA LYS A 5 33.00 -20.80 -54.60
C LYS A 5 33.88 -19.60 -54.31
N TYR A 6 33.27 -18.55 -53.76
CA TYR A 6 34.02 -17.36 -53.34
C TYR A 6 33.42 -16.82 -52.05
N SER A 7 34.04 -15.77 -51.51
CA SER A 7 33.52 -15.12 -50.32
C SER A 7 34.05 -13.70 -50.25
N VAL A 8 33.21 -12.78 -49.77
CA VAL A 8 33.60 -11.37 -49.68
C VAL A 8 32.72 -10.73 -48.61
N GLU A 9 33.29 -9.78 -47.88
CA GLU A 9 32.52 -9.06 -46.88
C GLU A 9 31.43 -8.23 -47.53
N GLU A 10 30.42 -7.90 -46.73
CA GLU A 10 29.33 -7.04 -47.18
C GLU A 10 29.76 -5.58 -47.18
N GLU A 11 28.90 -4.73 -47.73
CA GLU A 11 29.06 -3.28 -47.64
C GLU A 11 30.40 -2.82 -48.19
N GLN A 12 30.92 -3.55 -49.18
CA GLN A 12 32.17 -3.18 -49.82
C GLN A 12 31.91 -2.19 -50.96
N ARG A 13 32.85 -1.26 -51.14
CA ARG A 13 32.78 -0.31 -52.23
C ARG A 13 32.35 -0.99 -53.52
N ALA A 14 31.30 -0.45 -54.14
CA ALA A 14 30.84 -1.00 -55.40
C ALA A 14 32.00 -1.05 -56.39
N GLY A 15 31.93 -2.00 -57.31
CA GLY A 15 33.04 -2.23 -58.22
C GLY A 15 34.21 -2.95 -57.58
N THR A 16 33.94 -3.81 -56.60
CA THR A 16 34.98 -4.60 -55.97
C THR A 16 35.33 -5.81 -56.83
N VAL A 17 36.61 -6.19 -56.79
CA VAL A 17 37.10 -7.36 -57.51
C VAL A 17 37.09 -8.55 -56.56
N ILE A 18 36.14 -9.46 -56.76
CA ILE A 18 36.08 -10.68 -55.96
C ILE A 18 37.20 -11.63 -56.38
N ALA A 19 37.25 -11.95 -57.68
CA ALA A 19 38.25 -12.89 -58.19
C ALA A 19 38.20 -12.90 -59.71
N ASN A 20 39.31 -13.31 -60.33
CA ASN A 20 39.40 -13.45 -61.78
C ASN A 20 38.91 -14.84 -62.16
N VAL A 21 37.64 -14.93 -62.60
CA VAL A 21 37.07 -16.24 -62.90
C VAL A 21 37.82 -16.93 -64.02
N ALA A 22 38.41 -16.17 -64.96
CA ALA A 22 39.19 -16.81 -66.02
C ALA A 22 40.31 -17.65 -65.44
N LYS A 23 41.05 -17.07 -64.47
CA LYS A 23 42.19 -17.77 -63.87
C LYS A 23 41.75 -19.09 -63.26
N ASP A 24 40.81 -19.04 -62.32
CA ASP A 24 40.43 -20.26 -61.59
C ASP A 24 39.58 -21.19 -62.43
N ALA A 25 38.94 -20.68 -63.48
CA ALA A 25 38.16 -21.54 -64.37
C ALA A 25 39.07 -22.35 -65.27
N ARG A 26 40.01 -21.70 -65.94
CA ARG A 26 41.01 -22.43 -66.72
C ARG A 26 41.78 -23.38 -65.83
N GLU A 27 42.25 -22.89 -64.68
CA GLU A 27 42.96 -23.75 -63.75
C GLU A 27 42.12 -24.96 -63.34
N ALA A 28 40.80 -24.76 -63.21
CA ALA A 28 39.90 -25.85 -62.82
C ALA A 28 39.33 -26.63 -64.00
N GLY A 29 39.55 -26.23 -65.25
CA GLY A 29 39.02 -26.98 -66.37
C GLY A 29 37.82 -26.36 -67.06
N PHE A 30 38.10 -25.36 -67.91
CA PHE A 30 37.08 -24.64 -68.67
C PHE A 30 37.41 -24.69 -70.16
N ALA A 31 36.37 -24.68 -70.99
CA ALA A 31 36.55 -24.56 -72.44
C ALA A 31 36.45 -23.07 -72.80
N LEU A 32 37.56 -22.36 -72.57
CA LEU A 32 37.67 -20.96 -72.97
C LEU A 32 38.42 -20.92 -74.30
N ASP A 33 37.67 -21.09 -75.39
CA ASP A 33 38.22 -20.89 -76.72
C ASP A 33 38.72 -19.45 -76.86
N PRO A 34 39.80 -19.20 -77.64
CA PRO A 34 40.08 -17.82 -78.01
C PRO A 34 39.02 -17.21 -78.92
N ARG A 35 38.04 -16.52 -78.32
CA ARG A 35 36.88 -16.02 -79.04
C ARG A 35 36.69 -14.53 -78.75
N GLN A 36 37.69 -13.72 -79.12
CA GLN A 36 37.62 -12.26 -79.00
C GLN A 36 37.06 -11.84 -77.64
N ALA A 37 37.67 -12.36 -76.58
CA ALA A 37 37.34 -11.95 -75.22
C ALA A 37 35.84 -12.02 -74.96
N SER A 38 35.21 -13.08 -75.47
CA SER A 38 33.78 -13.29 -75.29
C SER A 38 33.46 -14.78 -75.37
N ALA A 39 34.01 -15.55 -74.44
CA ALA A 39 33.90 -17.00 -74.48
C ALA A 39 32.75 -17.55 -73.65
N PHE A 40 32.20 -16.77 -72.72
CA PHE A 40 31.21 -17.28 -71.79
C PHE A 40 30.35 -16.14 -71.25
N ARG A 41 29.08 -16.45 -70.98
CA ARG A 41 28.10 -15.47 -70.51
C ARG A 41 27.31 -16.05 -69.34
N VAL A 42 26.89 -15.14 -68.45
CA VAL A 42 26.09 -15.52 -67.29
C VAL A 42 24.71 -15.99 -67.74
N VAL A 43 24.35 -17.21 -67.35
CA VAL A 43 23.03 -17.75 -67.68
C VAL A 43 21.96 -17.08 -66.83
N SER A 44 22.10 -17.17 -65.51
CA SER A 44 21.15 -16.61 -64.56
C SER A 44 21.88 -16.47 -63.24
N ASN A 45 21.44 -15.53 -62.41
CA ASN A 45 22.11 -15.36 -61.13
C ASN A 45 21.14 -14.83 -60.09
N SER A 46 21.38 -15.25 -58.85
CA SER A 46 20.50 -14.89 -57.74
C SER A 46 20.33 -13.37 -57.61
N ALA A 47 21.40 -12.62 -57.85
CA ALA A 47 21.40 -11.18 -57.65
C ALA A 47 21.90 -10.49 -58.91
N PRO A 48 21.00 -10.06 -59.81
CA PRO A 48 21.46 -9.41 -61.04
C PRO A 48 22.18 -8.09 -60.81
N HIS A 49 21.65 -7.25 -59.91
CA HIS A 49 22.16 -5.91 -59.69
C HIS A 49 23.33 -5.86 -58.72
N LEU A 50 23.72 -6.97 -58.11
CA LEU A 50 24.76 -6.97 -57.08
C LEU A 50 26.10 -7.50 -57.57
N VAL A 51 26.09 -8.54 -58.41
CA VAL A 51 27.32 -9.18 -58.86
C VAL A 51 27.26 -9.35 -60.37
N ASP A 52 28.42 -9.28 -61.01
CA ASP A 52 28.44 -9.46 -62.46
C ASP A 52 29.82 -10.00 -62.85
N ILE A 53 29.84 -10.90 -63.83
CA ILE A 53 31.07 -11.40 -64.43
C ILE A 53 31.25 -10.68 -65.76
N ASN A 54 32.50 -10.38 -66.11
CA ASN A 54 32.78 -9.65 -67.32
C ASN A 54 33.13 -10.58 -68.45
N PRO A 55 32.39 -10.57 -69.56
CA PRO A 55 32.75 -11.43 -70.69
C PRO A 55 34.11 -11.08 -71.27
N SER A 56 34.51 -9.81 -71.20
CA SER A 56 35.79 -9.37 -71.73
C SER A 56 36.96 -9.80 -70.86
N SER A 57 36.94 -9.41 -69.58
CA SER A 57 38.05 -9.71 -68.69
C SER A 57 37.93 -11.11 -68.10
N GLY A 58 36.71 -11.56 -67.85
CA GLY A 58 36.51 -12.83 -67.20
C GLY A 58 36.79 -12.68 -65.72
N LEU A 59 36.20 -11.65 -65.13
CA LEU A 59 36.45 -11.30 -63.74
C LEU A 59 35.13 -11.03 -63.02
N LEU A 60 35.12 -11.33 -61.71
CA LEU A 60 33.95 -11.10 -60.85
C LEU A 60 34.02 -9.73 -60.18
N VAL A 61 33.10 -8.86 -60.56
CA VAL A 61 33.00 -7.53 -59.97
C VAL A 61 31.66 -7.39 -59.28
N THR A 62 31.63 -6.60 -58.21
CA THR A 62 30.38 -6.28 -57.53
C THR A 62 29.76 -5.09 -58.26
N LYS A 63 28.50 -5.25 -58.67
CA LYS A 63 27.85 -4.18 -59.41
C LYS A 63 27.52 -3.00 -58.49
N GLN A 64 27.02 -3.28 -57.29
CA GLN A 64 26.73 -2.24 -56.32
C GLN A 64 27.26 -2.66 -54.97
N LYS A 65 27.03 -1.82 -53.96
CA LYS A 65 27.42 -2.14 -52.60
C LYS A 65 26.47 -3.18 -52.02
N ILE A 66 27.04 -4.19 -51.39
CA ILE A 66 26.28 -5.33 -50.90
C ILE A 66 25.89 -5.08 -49.46
N ASP A 67 24.61 -5.26 -49.15
CA ASP A 67 24.11 -5.19 -47.77
C ASP A 67 23.55 -6.57 -47.45
N ARG A 68 24.40 -7.41 -46.85
CA ARG A 68 24.01 -8.79 -46.59
C ARG A 68 22.76 -8.86 -45.73
N ASP A 69 22.61 -7.92 -44.79
CA ASP A 69 21.51 -7.98 -43.84
C ASP A 69 20.15 -7.79 -44.49
N LEU A 70 20.10 -7.27 -45.73
CA LEU A 70 18.86 -7.18 -46.46
C LEU A 70 18.58 -8.46 -47.26
N LEU A 71 19.60 -8.96 -47.96
CA LEU A 71 19.42 -10.16 -48.78
C LEU A 71 18.93 -11.33 -47.92
N CYS A 72 19.69 -11.68 -46.88
CA CYS A 72 19.50 -12.94 -46.18
C CYS A 72 18.99 -12.79 -44.75
N ARG A 73 18.74 -11.57 -44.28
CA ARG A 73 18.24 -11.38 -42.93
C ARG A 73 19.15 -12.06 -41.92
N GLN A 74 18.62 -12.98 -41.12
CA GLN A 74 19.43 -13.76 -40.19
C GLN A 74 19.86 -15.11 -40.75
N SER A 75 19.46 -15.46 -41.97
CA SER A 75 19.83 -16.73 -42.55
C SER A 75 21.33 -16.95 -42.36
N PRO A 76 21.76 -18.13 -41.90
CA PRO A 76 23.16 -18.25 -41.46
C PRO A 76 24.18 -17.97 -42.54
N LYS A 77 23.95 -18.48 -43.76
CA LYS A 77 24.82 -18.23 -44.89
C LYS A 77 24.10 -17.35 -45.90
N CYS A 78 24.88 -16.59 -46.66
CA CYS A 78 24.35 -15.71 -47.69
C CYS A 78 25.17 -15.92 -48.95
N ILE A 79 24.67 -16.76 -49.83
CA ILE A 79 25.34 -17.11 -51.07
C ILE A 79 24.50 -16.56 -52.23
N ILE A 80 25.18 -15.92 -53.17
CA ILE A 80 24.60 -15.54 -54.45
C ILE A 80 25.01 -16.64 -55.42
N SER A 81 24.01 -17.35 -55.94
CA SER A 81 24.21 -18.38 -56.94
C SER A 81 24.16 -17.74 -58.31
N LEU A 82 25.24 -17.92 -59.07
CA LEU A 82 25.43 -17.28 -60.35
C LEU A 82 25.97 -18.29 -61.34
N GLU A 83 25.25 -18.51 -62.44
CA GLU A 83 25.54 -19.59 -63.38
C GLU A 83 26.01 -19.00 -64.70
N VAL A 84 27.10 -19.57 -65.25
CA VAL A 84 27.64 -19.04 -66.50
C VAL A 84 27.67 -20.14 -67.55
N MET A 85 27.53 -19.71 -68.80
CA MET A 85 27.51 -20.60 -69.97
C MET A 85 28.73 -20.32 -70.81
N SER A 86 29.34 -21.37 -71.36
CA SER A 86 30.53 -21.20 -72.17
C SER A 86 30.12 -21.06 -73.63
N SER A 87 31.13 -20.88 -74.49
CA SER A 87 30.87 -20.78 -75.92
C SER A 87 30.15 -22.00 -76.47
N SER A 88 30.57 -23.20 -76.08
CA SER A 88 30.03 -24.44 -76.67
C SER A 88 29.13 -25.22 -75.72
N MET A 89 28.15 -24.55 -75.11
CA MET A 89 27.19 -25.21 -74.21
C MET A 89 27.90 -25.94 -73.07
N GLU A 90 28.68 -25.17 -72.32
CA GLU A 90 29.33 -25.66 -71.11
C GLU A 90 28.99 -24.68 -69.99
N ILE A 91 28.82 -25.21 -68.79
CA ILE A 91 28.29 -24.42 -67.69
C ILE A 91 29.21 -24.50 -66.48
N CYS A 92 29.37 -23.35 -65.81
CA CYS A 92 30.08 -23.26 -64.53
C CYS A 92 29.20 -22.52 -63.52
N VAL A 93 28.72 -23.25 -62.51
CA VAL A 93 28.01 -22.62 -61.41
C VAL A 93 29.03 -22.00 -60.46
N ILE A 94 28.81 -20.73 -60.12
CA ILE A 94 29.66 -19.95 -59.23
C ILE A 94 28.79 -19.47 -58.08
N LYS A 95 29.18 -19.82 -56.86
CA LYS A 95 28.43 -19.46 -55.66
C LYS A 95 29.33 -18.61 -54.77
N VAL A 96 28.96 -17.33 -54.61
CA VAL A 96 29.76 -16.38 -53.86
C VAL A 96 29.08 -16.10 -52.53
N GLU A 97 29.81 -16.28 -51.44
CA GLU A 97 29.25 -16.08 -50.10
C GLU A 97 29.54 -14.67 -49.61
N ILE A 98 28.56 -14.07 -48.95
CA ILE A 98 28.65 -12.71 -48.44
C ILE A 98 28.85 -12.80 -46.95
N LYS A 99 30.07 -12.56 -46.48
CA LYS A 99 30.36 -12.61 -45.06
C LYS A 99 29.71 -11.44 -44.35
N ASP A 100 29.06 -11.72 -43.23
CA ASP A 100 28.32 -10.70 -42.50
C ASP A 100 29.26 -9.84 -41.67
N LEU A 101 28.84 -8.59 -41.46
CA LEU A 101 29.56 -7.65 -40.61
C LEU A 101 28.62 -7.10 -39.56
N ASN A 102 29.18 -6.76 -38.40
CA ASN A 102 28.41 -6.15 -37.32
C ASN A 102 28.30 -4.64 -37.53
N ASP A 103 27.78 -4.28 -38.71
CA ASP A 103 27.58 -2.88 -39.05
C ASP A 103 26.29 -2.31 -38.48
N ASN A 104 25.46 -3.12 -37.83
CA ASN A 104 24.22 -2.67 -37.22
C ASN A 104 24.26 -2.93 -35.72
N ALA A 105 23.98 -1.90 -34.95
CA ALA A 105 23.80 -2.01 -33.52
C ALA A 105 22.34 -2.24 -33.18
N PRO A 106 22.04 -3.01 -32.14
CA PRO A 106 20.63 -3.28 -31.81
C PRO A 106 19.88 -1.98 -31.56
N SER A 107 18.63 -1.95 -32.03
CA SER A 107 17.85 -0.73 -32.02
C SER A 107 16.49 -1.00 -31.43
N PHE A 108 16.01 -0.06 -30.63
CA PHE A 108 14.67 -0.08 -30.09
C PHE A 108 13.81 0.92 -30.85
N PRO A 109 12.64 0.52 -31.35
CA PRO A 109 11.84 1.51 -32.08
C PRO A 109 11.36 2.63 -31.18
N ALA A 110 10.98 2.30 -29.94
CA ALA A 110 10.57 3.33 -28.99
C ALA A 110 11.75 3.87 -28.20
N ALA A 111 11.70 5.18 -27.97
CA ALA A 111 12.68 5.83 -27.12
C ALA A 111 12.48 5.40 -25.68
N GLN A 112 11.23 5.37 -25.23
CA GLN A 112 10.87 4.90 -23.90
C GLN A 112 9.75 3.87 -24.01
N ILE A 113 9.72 2.94 -23.06
CA ILE A 113 8.65 1.96 -22.95
C ILE A 113 7.91 2.22 -21.65
N GLU A 114 6.69 2.74 -21.76
CA GLU A 114 5.85 2.99 -20.60
C GLU A 114 4.94 1.79 -20.37
N LEU A 115 4.86 1.32 -19.13
CA LEU A 115 4.05 0.16 -18.79
C LEU A 115 3.18 0.47 -17.57
N GLU A 116 2.04 -0.21 -17.49
CA GLU A 116 1.13 -0.08 -16.36
C GLU A 116 0.93 -1.46 -15.75
N ILE A 117 1.33 -1.61 -14.48
CA ILE A 117 1.21 -2.88 -13.76
C ILE A 117 0.41 -2.63 -12.48
N SER A 118 -0.58 -3.48 -12.25
CA SER A 118 -1.38 -3.39 -11.03
C SER A 118 -0.56 -3.81 -9.83
N GLU A 119 -0.66 -3.03 -8.75
CA GLU A 119 0.02 -3.41 -7.51
C GLU A 119 -0.35 -4.82 -7.08
N ALA A 120 -1.49 -5.32 -7.53
CA ALA A 120 -1.91 -6.68 -7.24
C ALA A 120 -1.29 -7.71 -8.20
N ALA A 121 -0.28 -7.31 -8.97
CA ALA A 121 0.39 -8.22 -9.89
C ALA A 121 1.09 -9.31 -9.09
N SER A 122 0.62 -10.54 -9.22
CA SER A 122 1.25 -11.64 -8.51
C SER A 122 2.72 -11.74 -8.90
N PRO A 123 3.63 -11.95 -7.95
CA PRO A 123 5.01 -12.25 -8.32
C PRO A 123 5.03 -13.43 -9.28
N GLY A 124 5.74 -13.27 -10.39
CA GLY A 124 5.68 -14.21 -11.49
C GLY A 124 4.97 -13.63 -12.70
N THR A 125 4.08 -12.66 -12.50
CA THR A 125 3.45 -11.98 -13.61
C THR A 125 4.49 -11.53 -14.62
N ARG A 126 4.27 -11.85 -15.89
CA ARG A 126 5.22 -11.54 -16.94
C ARG A 126 4.57 -10.69 -18.02
N ILE A 127 5.35 -9.77 -18.58
CA ILE A 127 4.87 -8.85 -19.62
C ILE A 127 5.83 -8.88 -20.82
N PRO A 128 5.46 -9.48 -21.95
CA PRO A 128 6.34 -9.47 -23.13
C PRO A 128 6.74 -8.06 -23.57
N LEU A 129 8.05 -7.87 -23.75
CA LEU A 129 8.61 -6.62 -24.22
C LEU A 129 8.91 -6.70 -25.71
N ASP A 130 8.79 -5.57 -26.39
CA ASP A 130 9.14 -5.51 -27.81
C ASP A 130 10.64 -5.73 -27.97
N SER A 131 11.02 -6.84 -28.60
CA SER A 131 12.43 -7.14 -28.79
C SER A 131 13.08 -6.07 -29.66
N ALA A 132 14.37 -5.86 -29.43
CA ALA A 132 15.11 -4.86 -30.19
C ALA A 132 15.37 -5.35 -31.62
N TYR A 133 15.87 -4.46 -32.45
CA TYR A 133 16.07 -4.68 -33.88
C TYR A 133 17.55 -4.66 -34.21
N ASP A 134 18.10 -5.83 -34.56
CA ASP A 134 19.46 -5.92 -35.08
C ASP A 134 19.45 -6.86 -36.27
N PRO A 135 19.55 -6.35 -37.51
CA PRO A 135 19.42 -7.22 -38.68
C PRO A 135 20.63 -8.09 -38.96
N ASP A 136 21.72 -7.95 -38.20
CA ASP A 136 22.87 -8.82 -38.41
C ASP A 136 22.48 -10.28 -38.19
N SER A 137 23.37 -11.18 -38.60
CA SER A 137 23.06 -12.60 -38.62
C SER A 137 23.65 -13.30 -37.41
N GLY A 138 22.84 -14.10 -36.75
CA GLY A 138 23.31 -14.96 -35.67
C GLY A 138 24.18 -14.29 -34.65
N SER A 139 25.44 -14.72 -34.59
CA SER A 139 26.38 -14.22 -33.60
C SER A 139 26.33 -12.69 -33.50
N PHE A 140 26.33 -12.00 -34.64
CA PHE A 140 26.34 -10.55 -34.65
C PHE A 140 24.98 -9.93 -34.37
N GLY A 141 23.92 -10.72 -34.23
CA GLY A 141 22.62 -10.19 -33.92
C GLY A 141 22.42 -9.97 -32.44
N VAL A 142 21.18 -9.61 -32.08
CA VAL A 142 20.85 -9.41 -30.68
C VAL A 142 21.17 -10.67 -29.91
N GLN A 143 21.87 -10.52 -28.80
CA GLN A 143 22.24 -11.66 -27.97
C GLN A 143 21.59 -11.62 -26.60
N THR A 144 21.69 -10.51 -25.88
CA THR A 144 21.16 -10.44 -24.52
C THR A 144 20.52 -9.09 -24.26
N TYR A 145 19.75 -9.03 -23.18
CA TYR A 145 19.16 -7.79 -22.69
C TYR A 145 19.54 -7.62 -21.22
N GLU A 146 19.53 -6.38 -20.76
CA GLU A 146 19.84 -6.05 -19.38
C GLU A 146 18.92 -4.93 -18.92
N LEU A 147 18.38 -5.06 -17.71
CA LEU A 147 17.60 -3.99 -17.11
C LEU A 147 18.36 -3.44 -15.91
N THR A 148 18.05 -2.20 -15.57
CA THR A 148 18.66 -1.58 -14.41
C THR A 148 18.53 -2.50 -13.20
N PRO A 149 19.61 -2.84 -12.51
CA PRO A 149 19.51 -3.75 -11.36
C PRO A 149 18.50 -3.27 -10.34
N ASN A 150 17.58 -4.15 -9.97
CA ASN A 150 16.59 -3.86 -8.95
C ASN A 150 16.11 -5.18 -8.34
N GLU A 151 15.27 -5.05 -7.31
CA GLU A 151 14.75 -6.19 -6.58
C GLU A 151 13.33 -6.54 -6.97
N LEU A 152 12.55 -5.58 -7.47
CA LEU A 152 11.15 -5.80 -7.78
C LEU A 152 10.96 -6.49 -9.12
N PHE A 153 11.74 -6.13 -10.13
CA PHE A 153 11.55 -6.64 -11.48
C PHE A 153 12.77 -7.38 -11.96
N GLY A 154 12.53 -8.36 -12.83
CA GLY A 154 13.59 -9.08 -13.49
C GLY A 154 13.25 -9.24 -14.96
N LEU A 155 14.25 -9.66 -15.72
CA LEU A 155 14.10 -9.86 -17.15
C LEU A 155 14.37 -11.33 -17.44
N GLU A 156 13.51 -11.95 -18.25
CA GLU A 156 13.73 -13.34 -18.66
C GLU A 156 13.69 -13.40 -20.18
N ILE A 157 14.77 -13.94 -20.73
CA ILE A 157 14.97 -14.05 -22.17
C ILE A 157 14.61 -15.45 -22.63
N LYS A 158 13.92 -15.53 -23.77
CA LYS A 158 13.62 -16.82 -24.37
C LYS A 158 13.81 -16.67 -25.88
N THR A 159 14.07 -17.79 -26.51
CA THR A 159 14.38 -17.86 -27.94
C THR A 159 13.32 -18.70 -28.63
N ARG A 160 12.44 -18.03 -29.37
CA ARG A 160 11.31 -18.72 -29.99
C ARG A 160 11.80 -19.84 -30.90
N GLY A 161 12.73 -19.53 -31.80
CA GLY A 161 13.28 -20.51 -32.70
C GLY A 161 14.55 -20.02 -33.36
N ASP A 162 15.60 -20.84 -33.36
CA ASP A 162 16.89 -20.49 -33.95
C ASP A 162 17.34 -19.12 -33.46
N GLY A 163 17.40 -19.00 -32.15
CA GLY A 163 17.71 -17.73 -31.52
C GLY A 163 16.51 -16.82 -31.56
N SER A 164 16.52 -15.85 -32.48
CA SER A 164 15.41 -14.93 -32.64
C SER A 164 14.84 -14.67 -31.25
N ARG A 165 15.60 -13.91 -30.46
CA ARG A 165 15.38 -13.77 -29.03
C ARG A 165 14.43 -12.65 -28.70
N PHE A 166 13.66 -12.85 -27.63
CA PHE A 166 12.84 -11.78 -27.10
C PHE A 166 12.88 -11.92 -25.59
N ALA A 167 12.62 -10.82 -24.90
CA ALA A 167 12.76 -10.78 -23.46
C ALA A 167 11.52 -10.16 -22.85
N GLU A 168 10.99 -10.82 -21.84
CA GLU A 168 9.81 -10.35 -21.13
C GLU A 168 10.15 -9.91 -19.71
N LEU A 169 9.34 -8.97 -19.21
CA LEU A 169 9.45 -8.46 -17.85
C LEU A 169 8.79 -9.44 -16.88
N VAL A 170 9.30 -9.46 -15.65
CA VAL A 170 8.79 -10.37 -14.64
C VAL A 170 8.73 -9.65 -13.30
N VAL A 171 7.55 -9.61 -12.69
CA VAL A 171 7.47 -9.09 -11.33
C VAL A 171 8.12 -10.11 -10.42
N GLU A 172 9.19 -9.70 -9.73
CA GLU A 172 9.93 -10.66 -8.94
C GLU A 172 9.37 -10.77 -7.53
N LYS A 173 8.87 -9.66 -6.97
CA LYS A 173 8.23 -9.69 -5.67
C LYS A 173 7.09 -8.67 -5.64
N SER A 174 6.27 -8.77 -4.60
CA SER A 174 5.03 -8.00 -4.52
C SER A 174 5.27 -6.50 -4.69
N LEU A 175 4.38 -5.85 -5.43
CA LEU A 175 4.36 -4.41 -5.59
C LEU A 175 3.35 -3.79 -4.62
N ASP A 176 3.44 -2.47 -4.47
CA ASP A 176 2.48 -1.72 -3.66
C ASP A 176 2.52 -0.27 -4.09
N ARG A 177 1.41 0.23 -4.62
CA ARG A 177 1.37 1.62 -5.08
C ARG A 177 1.48 2.59 -3.92
N GLU A 178 0.80 2.30 -2.80
CA GLU A 178 0.80 3.21 -1.66
C GLU A 178 2.19 3.45 -1.09
N THR A 179 3.20 2.67 -1.50
CA THR A 179 4.58 2.88 -1.08
C THR A 179 5.41 3.55 -2.17
N GLN A 180 5.37 3.02 -3.39
CA GLN A 180 6.08 3.59 -4.53
C GLN A 180 5.20 3.44 -5.75
N SER A 181 4.80 4.55 -6.33
CA SER A 181 3.83 4.54 -7.42
C SER A 181 4.50 4.37 -8.78
N HIS A 182 5.67 4.97 -8.97
CA HIS A 182 6.36 4.96 -10.26
C HIS A 182 7.75 4.36 -10.13
N TYR A 183 8.21 3.73 -11.21
CA TYR A 183 9.57 3.22 -11.33
C TYR A 183 10.15 3.65 -12.67
N SER A 184 11.44 3.93 -12.70
CA SER A 184 12.14 4.31 -13.92
C SER A 184 13.41 3.49 -14.06
N PHE A 185 13.47 2.68 -15.12
CA PHE A 185 14.60 1.78 -15.37
C PHE A 185 15.16 2.05 -16.75
N ARG A 186 16.25 1.36 -17.07
CA ARG A 186 16.90 1.46 -18.37
C ARG A 186 17.18 0.06 -18.86
N ILE A 187 16.74 -0.25 -20.07
CA ILE A 187 17.02 -1.54 -20.69
C ILE A 187 18.03 -1.30 -21.80
N THR A 188 19.01 -2.20 -21.90
CA THR A 188 19.99 -2.14 -22.97
C THR A 188 20.10 -3.52 -23.59
N ALA A 189 20.07 -3.57 -24.92
CA ALA A 189 20.25 -4.81 -25.66
C ALA A 189 21.68 -4.85 -26.18
N LEU A 190 22.22 -6.06 -26.24
CA LEU A 190 23.61 -6.27 -26.61
C LEU A 190 23.67 -7.36 -27.67
N ASP A 191 24.51 -7.14 -28.67
CA ASP A 191 24.78 -8.09 -29.73
C ASP A 191 26.16 -8.72 -29.52
N GLY A 192 26.38 -9.84 -30.20
CA GLY A 192 27.61 -10.59 -30.06
C GLY A 192 28.69 -10.09 -30.98
N GLY A 193 29.24 -8.91 -30.71
CA GLY A 193 30.30 -8.38 -31.55
C GLY A 193 31.61 -8.31 -30.82
N ASP A 194 32.72 -8.26 -31.56
CA ASP A 194 34.03 -8.16 -30.92
C ASP A 194 34.07 -6.96 -29.98
N PRO A 195 33.90 -5.74 -30.46
CA PRO A 195 33.41 -4.67 -29.60
C PRO A 195 31.89 -4.60 -29.71
N PRO A 196 31.16 -5.24 -28.78
CA PRO A 196 29.71 -5.37 -28.96
C PRO A 196 29.01 -4.01 -28.99
N ARG A 197 27.95 -3.95 -29.78
CA ARG A 197 27.15 -2.74 -29.95
C ARG A 197 25.86 -2.90 -29.15
N LEU A 198 25.31 -1.77 -28.70
CA LEU A 198 24.19 -1.80 -27.78
C LEU A 198 23.06 -0.88 -28.23
N GLY A 199 21.89 -1.11 -27.64
CA GLY A 199 20.77 -0.20 -27.78
C GLY A 199 20.15 0.04 -26.42
N THR A 200 19.41 1.14 -26.31
CA THR A 200 18.87 1.58 -25.02
C THR A 200 17.42 2.02 -25.14
N VAL A 201 16.69 1.83 -24.05
CA VAL A 201 15.32 2.31 -23.94
C VAL A 201 15.04 2.62 -22.46
N GLY A 202 14.34 3.71 -22.22
CA GLY A 202 13.87 4.02 -20.88
C GLY A 202 12.58 3.28 -20.60
N LEU A 203 12.50 2.65 -19.43
CA LEU A 203 11.36 1.82 -19.06
C LEU A 203 10.65 2.46 -17.87
N SER A 204 9.52 3.09 -18.11
CA SER A 204 8.71 3.67 -17.05
C SER A 204 7.62 2.67 -16.66
N ILE A 205 7.56 2.35 -15.38
CA ILE A 205 6.55 1.43 -14.85
C ILE A 205 5.66 2.25 -13.94
N LYS A 206 4.41 2.47 -14.37
CA LYS A 206 3.41 3.12 -13.55
C LYS A 206 2.59 2.03 -12.88
N VAL A 207 2.55 2.05 -11.55
CA VAL A 207 1.87 1.01 -10.79
C VAL A 207 0.40 1.40 -10.67
N THR A 208 -0.47 0.70 -11.40
CA THR A 208 -1.89 0.97 -11.32
C THR A 208 -2.44 0.52 -9.97
N ASP A 209 -3.41 1.26 -9.45
CA ASP A 209 -3.89 1.06 -8.09
C ASP A 209 -4.82 -0.14 -8.01
N SER A 210 -4.97 -0.64 -6.77
CA SER A 210 -5.95 -1.66 -6.45
C SER A 210 -6.63 -1.28 -5.14
N ASN A 211 -7.94 -1.49 -5.07
CA ASN A 211 -8.66 -1.20 -3.85
C ASN A 211 -8.27 -2.23 -2.80
N ASP A 212 -7.05 -2.11 -2.28
CA ASP A 212 -6.52 -3.03 -1.27
C ASP A 212 -6.34 -2.36 0.08
N ASN A 213 -7.03 -1.24 0.31
CA ASN A 213 -7.06 -0.58 1.61
C ASN A 213 -8.51 -0.27 1.95
N ASN A 214 -8.91 -0.59 3.13
CA ASN A 214 -10.25 -0.30 3.59
C ASN A 214 -10.26 0.98 4.41
N PRO A 215 -11.35 1.74 4.42
CA PRO A 215 -11.41 2.92 5.29
C PRO A 215 -11.12 2.53 6.74
N VAL A 216 -10.53 3.46 7.47
CA VAL A 216 -10.13 3.21 8.85
C VAL A 216 -10.40 4.47 9.66
N PHE A 217 -11.13 4.31 10.76
CA PHE A 217 -11.36 5.42 11.66
C PHE A 217 -10.19 5.58 12.62
N SER A 218 -9.98 6.82 13.07
CA SER A 218 -8.93 7.07 14.05
C SER A 218 -9.15 6.22 15.29
N GLU A 219 -10.41 6.12 15.75
CA GLU A 219 -10.74 5.35 16.93
C GLU A 219 -11.92 4.44 16.61
N SER A 220 -12.06 3.38 17.41
CA SER A 220 -13.20 2.48 17.25
C SER A 220 -14.45 3.06 17.90
N THR A 221 -14.29 3.72 19.05
CA THR A 221 -15.40 4.27 19.81
C THR A 221 -15.19 5.75 20.05
N TYR A 222 -16.29 6.49 20.12
CA TYR A 222 -16.27 7.93 20.37
C TYR A 222 -17.34 8.27 21.41
N ALA A 223 -17.18 9.44 22.02
CA ALA A 223 -18.12 9.94 23.01
C ALA A 223 -18.30 11.43 22.78
N VAL A 224 -19.55 11.86 22.63
CA VAL A 224 -19.86 13.25 22.37
C VAL A 224 -20.98 13.70 23.30
N SER A 225 -21.04 14.99 23.56
CA SER A 225 -22.07 15.57 24.40
C SER A 225 -22.80 16.66 23.63
N VAL A 226 -24.12 16.73 23.81
CA VAL A 226 -24.95 17.69 23.11
C VAL A 226 -25.93 18.30 24.10
N PRO A 227 -26.00 19.62 24.25
CA PRO A 227 -27.02 20.21 25.12
C PRO A 227 -28.41 19.99 24.54
N GLU A 228 -29.34 19.62 25.42
CA GLU A 228 -30.70 19.36 24.96
C GLU A 228 -31.26 20.60 24.27
N ASN A 229 -32.27 20.37 23.43
CA ASN A 229 -32.93 21.41 22.66
C ASN A 229 -32.00 22.07 21.64
N SER A 230 -30.88 21.42 21.31
CA SER A 230 -30.00 21.94 20.28
C SER A 230 -30.79 22.09 18.97
N PRO A 231 -30.68 23.21 18.29
CA PRO A 231 -31.56 23.45 17.14
C PRO A 231 -31.27 22.47 16.02
N PRO A 232 -32.18 22.32 15.06
CA PRO A 232 -31.91 21.46 13.91
C PRO A 232 -30.59 21.82 13.25
N ASN A 233 -29.92 20.81 12.70
CA ASN A 233 -28.64 20.99 12.03
C ASN A 233 -27.59 21.52 12.99
N THR A 234 -27.51 20.89 14.21
CA THR A 234 -26.45 21.31 15.12
C THR A 234 -25.28 20.34 15.01
N PRO A 235 -24.04 20.83 14.96
CA PRO A 235 -22.91 19.91 14.78
C PRO A 235 -22.67 18.97 15.95
N VAL A 236 -22.93 17.67 15.76
CA VAL A 236 -22.63 16.69 16.81
C VAL A 236 -21.17 16.28 16.74
N ILE A 237 -20.77 15.65 15.64
CA ILE A 237 -19.40 15.15 15.50
C ILE A 237 -19.12 14.93 14.03
N ARG A 238 -17.90 15.25 13.61
CA ARG A 238 -17.51 15.10 12.21
C ARG A 238 -16.44 14.01 12.14
N LEU A 239 -16.84 12.81 11.74
CA LEU A 239 -15.93 11.68 11.65
C LEU A 239 -14.97 11.83 10.47
N ASN A 240 -13.78 11.23 10.62
CA ASN A 240 -12.70 11.36 9.64
C ASN A 240 -12.06 9.98 9.45
N ALA A 241 -12.55 9.23 8.47
CA ALA A 241 -11.93 7.97 8.09
C ALA A 241 -10.97 8.21 6.93
N SER A 242 -9.92 7.40 6.87
CA SER A 242 -8.86 7.55 5.88
C SER A 242 -8.75 6.29 5.03
N ASP A 243 -8.56 6.50 3.72
CA ASP A 243 -8.31 5.42 2.77
C ASP A 243 -7.22 5.86 1.80
N PRO A 244 -6.02 5.26 1.84
CA PRO A 244 -4.92 5.74 1.01
C PRO A 244 -4.99 5.31 -0.45
N ASP A 245 -6.04 4.59 -0.86
CA ASP A 245 -6.15 4.17 -2.24
C ASP A 245 -6.32 5.38 -3.15
N GLU A 246 -6.42 5.13 -4.46
CA GLU A 246 -6.44 6.18 -5.47
C GLU A 246 -7.85 6.43 -5.97
N GLY A 247 -8.18 7.71 -6.15
CA GLY A 247 -9.47 8.07 -6.72
C GLY A 247 -10.63 7.47 -5.99
N THR A 248 -11.54 6.83 -6.74
CA THR A 248 -12.73 6.24 -6.15
C THR A 248 -12.38 5.31 -4.99
N ASN A 249 -11.34 4.49 -5.18
CA ASN A 249 -10.99 3.51 -4.15
C ASN A 249 -10.61 4.20 -2.84
N GLY A 250 -10.11 5.43 -2.90
CA GLY A 250 -9.73 6.16 -1.72
C GLY A 250 -10.73 7.17 -1.23
N GLN A 251 -11.89 7.27 -1.88
CA GLN A 251 -12.93 8.22 -1.49
C GLN A 251 -13.85 7.56 -0.48
N VAL A 252 -14.01 8.18 0.68
CA VAL A 252 -14.82 7.63 1.77
C VAL A 252 -16.21 8.25 1.75
N VAL A 253 -17.22 7.42 2.01
CA VAL A 253 -18.59 7.86 2.19
C VAL A 253 -19.12 7.26 3.48
N TYR A 254 -19.53 8.12 4.41
CA TYR A 254 -20.09 7.73 5.69
C TYR A 254 -21.59 7.46 5.56
N SER A 255 -22.11 6.67 6.48
CA SER A 255 -23.54 6.35 6.52
C SER A 255 -23.82 5.67 7.85
N PHE A 256 -25.09 5.55 8.19
CA PHE A 256 -25.44 4.87 9.43
C PHE A 256 -25.57 3.37 9.16
N TYR A 257 -25.06 2.58 10.10
CA TYR A 257 -25.10 1.11 10.06
C TYR A 257 -25.77 0.62 11.33
N GLY A 258 -27.09 0.69 11.37
CA GLY A 258 -27.81 0.00 12.42
C GLY A 258 -29.14 -0.46 11.90
N TYR A 259 -29.98 -0.95 12.81
CA TYR A 259 -31.36 -1.24 12.45
C TYR A 259 -32.06 0.11 12.24
N VAL A 260 -33.08 0.10 11.39
CA VAL A 260 -33.61 1.36 10.86
C VAL A 260 -34.87 1.83 11.60
N ASN A 261 -35.29 1.13 12.64
CA ASN A 261 -36.49 1.50 13.38
C ASN A 261 -36.24 2.36 14.63
N ASP A 262 -35.00 2.74 14.93
CA ASP A 262 -34.75 3.41 16.20
C ASP A 262 -34.87 4.92 16.09
N ARG A 263 -35.08 5.55 17.26
CA ARG A 263 -35.21 7.00 17.35
C ARG A 263 -34.01 7.70 16.75
N THR A 264 -32.82 7.14 16.95
CA THR A 264 -31.61 7.76 16.40
C THR A 264 -31.81 8.20 14.95
N ARG A 265 -32.38 7.31 14.12
CA ARG A 265 -32.60 7.63 12.72
C ARG A 265 -33.29 8.98 12.55
N GLU A 266 -34.32 9.22 13.36
CA GLU A 266 -35.11 10.44 13.24
C GLU A 266 -34.43 11.63 13.91
N LEU A 267 -33.56 11.37 14.90
CA LEU A 267 -32.96 12.45 15.66
C LEU A 267 -31.78 13.08 14.94
N PHE A 268 -30.86 12.26 14.44
CA PHE A 268 -29.61 12.73 13.86
C PHE A 268 -29.58 12.51 12.35
N GLN A 269 -28.58 13.13 11.73
CA GLN A 269 -28.25 12.93 10.32
C GLN A 269 -26.75 12.96 10.17
N ILE A 270 -26.26 12.38 9.08
CA ILE A 270 -24.84 12.43 8.75
C ILE A 270 -24.69 12.92 7.32
N ASP A 271 -23.69 13.76 7.08
CA ASP A 271 -23.34 14.16 5.72
C ASP A 271 -22.48 13.03 5.14
N PRO A 272 -23.02 12.23 4.22
CA PRO A 272 -22.29 11.00 3.82
C PRO A 272 -20.93 11.28 3.18
N HIS A 273 -20.86 12.26 2.28
CA HIS A 273 -19.62 12.53 1.56
C HIS A 273 -18.66 13.42 2.33
N SER A 274 -19.07 13.99 3.46
CA SER A 274 -18.20 14.87 4.25
C SER A 274 -17.98 14.37 5.67
N GLY A 275 -18.96 13.70 6.28
CA GLY A 275 -18.80 13.10 7.58
C GLY A 275 -19.36 13.87 8.75
N LEU A 276 -20.19 14.88 8.51
CA LEU A 276 -20.77 15.69 9.58
C LEU A 276 -22.03 15.04 10.12
N VAL A 277 -22.03 14.75 11.42
CA VAL A 277 -23.18 14.19 12.14
C VAL A 277 -23.81 15.31 12.95
N THR A 278 -25.05 15.66 12.59
CA THR A 278 -25.78 16.80 13.15
C THR A 278 -27.10 16.37 13.80
N VAL A 279 -27.60 17.24 14.69
CA VAL A 279 -28.89 17.06 15.35
C VAL A 279 -29.99 17.62 14.45
N THR A 280 -31.04 16.82 14.24
CA THR A 280 -32.19 17.23 13.45
C THR A 280 -33.50 17.22 14.22
N GLY A 281 -33.61 16.40 15.28
CA GLY A 281 -34.87 16.23 16.01
C GLY A 281 -34.90 16.86 17.39
N ALA A 282 -35.94 16.54 18.16
CA ALA A 282 -36.10 17.06 19.51
C ALA A 282 -35.25 16.23 20.45
N LEU A 283 -34.20 16.84 21.01
CA LEU A 283 -33.40 16.21 22.04
C LEU A 283 -33.83 16.80 23.37
N ASP A 284 -34.27 15.95 24.29
CA ASP A 284 -34.74 16.36 25.60
C ASP A 284 -34.06 15.49 26.64
N TYR A 285 -33.17 16.10 27.43
CA TYR A 285 -32.51 15.36 28.50
C TYR A 285 -33.54 14.68 29.40
N GLU A 286 -34.68 15.34 29.62
CA GLU A 286 -35.69 14.78 30.51
C GLU A 286 -36.28 13.48 29.96
N GLU A 287 -36.26 13.30 28.64
CA GLU A 287 -36.77 12.07 28.05
C GLU A 287 -35.67 11.01 27.94
N GLY A 288 -34.50 11.40 27.44
CA GLY A 288 -33.37 10.49 27.35
C GLY A 288 -32.04 11.21 27.42
N HIS A 289 -31.07 10.56 28.06
CA HIS A 289 -29.75 11.17 28.26
C HIS A 289 -28.76 10.79 27.18
N VAL A 290 -28.87 9.59 26.60
CA VAL A 290 -27.85 9.07 25.70
C VAL A 290 -28.48 8.41 24.48
N TYR A 291 -27.73 8.41 23.37
CA TYR A 291 -28.10 7.73 22.14
C TYR A 291 -26.87 7.07 21.54
N GLU A 292 -27.06 5.93 20.88
CA GLU A 292 -25.96 5.15 20.31
C GLU A 292 -26.06 5.17 18.79
N LEU A 293 -25.05 5.73 18.14
CA LEU A 293 -24.98 5.77 16.68
C LEU A 293 -23.88 4.83 16.20
N ASP A 294 -24.20 3.96 15.25
CA ASP A 294 -23.20 3.09 14.63
C ASP A 294 -22.98 3.58 13.20
N VAL A 295 -21.82 4.19 12.97
CA VAL A 295 -21.50 4.79 11.68
C VAL A 295 -20.53 3.87 10.95
N GLN A 296 -20.74 3.73 9.63
CA GLN A 296 -19.87 2.96 8.77
C GLN A 296 -19.30 3.87 7.69
N ALA A 297 -18.00 3.76 7.45
CA ALA A 297 -17.31 4.41 6.35
C ALA A 297 -17.03 3.35 5.29
N LYS A 298 -17.34 3.68 4.04
CA LYS A 298 -17.20 2.76 2.93
C LYS A 298 -16.46 3.43 1.79
N ASP A 299 -15.60 2.68 1.11
CA ASP A 299 -14.89 3.20 -0.05
C ASP A 299 -15.72 2.92 -1.30
N LEU A 300 -15.52 3.76 -2.32
CA LEU A 300 -16.34 3.76 -3.53
C LEU A 300 -15.87 2.76 -4.58
N GLY A 301 -15.12 1.73 -4.22
CA GLY A 301 -14.54 0.86 -5.21
C GLY A 301 -15.00 -0.58 -5.10
N PRO A 302 -14.34 -1.46 -5.84
CA PRO A 302 -14.66 -2.89 -5.76
C PRO A 302 -14.07 -3.50 -4.50
N ASN A 303 -14.65 -4.63 -4.11
CA ASN A 303 -14.26 -5.30 -2.87
C ASN A 303 -14.37 -4.31 -1.72
N SER A 304 -15.48 -3.59 -1.70
CA SER A 304 -15.66 -2.52 -0.72
C SER A 304 -15.82 -3.13 0.66
N ILE A 305 -14.76 -3.04 1.45
CA ILE A 305 -14.75 -3.51 2.84
C ILE A 305 -15.04 -2.31 3.74
N PRO A 306 -16.20 -2.25 4.40
CA PRO A 306 -16.51 -1.10 5.25
C PRO A 306 -15.84 -1.20 6.62
N ALA A 307 -15.73 -0.04 7.25
CA ALA A 307 -15.22 0.05 8.62
C ALA A 307 -16.25 0.76 9.48
N HIS A 308 -16.36 0.36 10.73
CA HIS A 308 -17.40 0.86 11.61
C HIS A 308 -16.83 1.48 12.88
N CYS A 309 -17.61 2.38 13.47
CA CYS A 309 -17.32 2.95 14.78
C CYS A 309 -18.63 3.32 15.45
N LYS A 310 -18.61 3.33 16.79
CA LYS A 310 -19.80 3.64 17.58
C LYS A 310 -19.59 4.93 18.34
N VAL A 311 -20.55 5.84 18.23
CA VAL A 311 -20.54 7.14 18.89
C VAL A 311 -21.63 7.17 19.94
N THR A 312 -21.24 7.40 21.19
CA THR A 312 -22.16 7.53 22.31
C THR A 312 -22.46 9.02 22.52
N VAL A 313 -23.62 9.47 22.05
CA VAL A 313 -24.01 10.88 22.19
C VAL A 313 -24.74 11.04 23.52
N SER A 314 -24.06 11.64 24.50
CA SER A 314 -24.70 11.97 25.77
C SER A 314 -25.38 13.32 25.65
N VAL A 315 -26.61 13.40 26.10
CA VAL A 315 -27.34 14.66 26.08
C VAL A 315 -27.07 15.35 27.41
N LEU A 316 -27.01 16.68 27.38
CA LEU A 316 -26.73 17.48 28.56
C LEU A 316 -27.99 18.18 29.02
N ASP A 317 -28.09 18.36 30.34
CA ASP A 317 -29.27 18.94 30.96
C ASP A 317 -29.13 20.45 31.05
N THR A 318 -29.96 21.17 30.33
CA THR A 318 -30.08 22.61 30.48
C THR A 318 -31.25 22.92 31.41
N ASN A 319 -31.14 24.03 32.12
CA ASN A 319 -32.20 24.47 33.04
C ASN A 319 -33.32 25.09 32.23
N ASP A 320 -34.24 24.25 31.76
CA ASP A 320 -35.35 24.69 30.92
C ASP A 320 -36.70 24.24 31.47
N ASN A 321 -36.77 23.92 32.76
CA ASN A 321 -38.03 23.59 33.42
C ASN A 321 -38.16 24.37 34.71
N PRO A 322 -39.25 25.11 34.92
CA PRO A 322 -39.38 25.91 36.13
C PRO A 322 -39.66 25.04 37.34
N PRO A 323 -39.38 25.51 38.55
CA PRO A 323 -39.79 24.76 39.74
C PRO A 323 -41.29 24.85 39.95
N VAL A 324 -41.92 23.69 40.08
CA VAL A 324 -43.37 23.61 40.23
C VAL A 324 -43.71 23.58 41.71
N ILE A 325 -44.60 24.47 42.12
CA ILE A 325 -45.08 24.56 43.50
C ILE A 325 -46.42 23.84 43.61
N ASN A 326 -46.62 23.17 44.75
CA ASN A 326 -47.84 22.40 45.03
C ASN A 326 -48.15 22.56 46.50
N LEU A 327 -49.25 23.25 46.79
CA LEU A 327 -49.70 23.38 48.17
C LEU A 327 -50.52 22.17 48.56
N LEU A 328 -50.33 21.73 49.80
CA LEU A 328 -51.00 20.57 50.35
C LEU A 328 -51.61 21.00 51.68
N SER A 329 -52.92 21.22 51.64
CA SER A 329 -53.74 21.33 52.83
C SER A 329 -54.30 19.94 53.15
N VAL A 330 -54.52 19.70 54.44
CA VAL A 330 -54.93 18.37 54.89
C VAL A 330 -56.16 17.91 54.13
N ASN A 331 -57.15 18.79 54.00
CA ASN A 331 -58.42 18.45 53.38
C ASN A 331 -58.64 19.17 52.05
N SER A 332 -57.57 19.66 51.43
CA SER A 332 -57.67 20.38 50.16
C SER A 332 -58.75 21.46 50.23
N GLU A 333 -58.66 22.29 51.25
CA GLU A 333 -59.62 23.37 51.47
C GLU A 333 -58.89 24.66 51.80
N LEU A 334 -59.65 25.73 51.86
CA LEU A 334 -59.13 27.04 52.24
C LEU A 334 -58.47 26.96 53.62
N VAL A 335 -57.26 27.47 53.73
CA VAL A 335 -56.46 27.32 54.93
C VAL A 335 -56.95 28.30 55.98
N GLU A 336 -57.60 27.76 57.02
CA GLU A 336 -58.04 28.53 58.17
C GLU A 336 -57.12 28.28 59.37
N VAL A 337 -56.75 29.35 60.05
CA VAL A 337 -55.91 29.27 61.25
C VAL A 337 -56.61 30.05 62.37
N SER A 338 -56.53 29.51 63.58
CA SER A 338 -57.12 30.16 64.73
C SER A 338 -56.27 31.34 65.20
N GLU A 339 -56.94 32.34 65.77
CA GLU A 339 -56.24 33.49 66.33
C GLU A 339 -55.20 33.06 67.36
N SER A 340 -55.64 32.35 68.39
CA SER A 340 -54.75 31.89 69.45
C SER A 340 -53.96 30.65 68.97
N ALA A 341 -53.17 30.88 67.93
CA ALA A 341 -52.31 29.84 67.38
C ALA A 341 -50.91 30.08 67.93
N PRO A 342 -50.38 29.22 68.80
CA PRO A 342 -49.10 29.51 69.41
C PRO A 342 -48.01 29.58 68.36
N PRO A 343 -46.97 30.39 68.58
CA PRO A 343 -45.88 30.48 67.60
C PRO A 343 -45.37 29.10 67.21
N GLY A 344 -45.19 28.90 65.90
CA GLY A 344 -44.70 27.65 65.38
C GLY A 344 -45.76 26.64 64.99
N TYR A 345 -47.04 27.00 65.07
CA TYR A 345 -48.10 26.10 64.63
C TYR A 345 -48.12 26.00 63.11
N VAL A 346 -48.23 24.78 62.59
CA VAL A 346 -48.15 24.54 61.16
C VAL A 346 -49.46 24.94 60.51
N ILE A 347 -49.36 25.58 59.34
CA ILE A 347 -50.52 26.08 58.61
C ILE A 347 -50.82 25.20 57.42
N ALA A 348 -49.85 25.05 56.53
CA ALA A 348 -50.04 24.28 55.31
C ALA A 348 -48.68 23.74 54.86
N LEU A 349 -48.70 22.61 54.17
CA LEU A 349 -47.47 21.98 53.72
C LEU A 349 -47.23 22.32 52.26
N VAL A 350 -45.97 22.52 51.90
CA VAL A 350 -45.60 22.88 50.53
C VAL A 350 -44.68 21.80 49.97
N ARG A 351 -44.83 21.52 48.68
CA ARG A 351 -43.93 20.64 47.96
C ARG A 351 -43.57 21.27 46.64
N VAL A 352 -42.28 21.23 46.30
CA VAL A 352 -41.78 21.78 45.05
C VAL A 352 -41.03 20.69 44.30
N SER A 353 -41.18 20.69 42.98
CA SER A 353 -40.47 19.75 42.11
C SER A 353 -39.78 20.52 41.00
N ASP A 354 -38.99 19.80 40.20
CA ASP A 354 -38.31 20.41 39.06
C ASP A 354 -37.86 19.27 38.16
N ARG A 355 -38.37 19.24 36.92
CA ARG A 355 -38.09 18.14 36.03
C ARG A 355 -36.63 18.08 35.61
N ASP A 356 -35.86 19.13 35.87
CA ASP A 356 -34.43 19.13 35.54
C ASP A 356 -33.68 18.23 36.52
N SER A 357 -32.34 18.25 36.43
CA SER A 357 -31.47 17.45 37.27
C SER A 357 -30.33 18.31 37.80
N GLY A 358 -29.66 17.81 38.83
CA GLY A 358 -28.55 18.53 39.42
C GLY A 358 -28.98 19.88 39.98
N LEU A 359 -28.10 20.87 39.86
CA LEU A 359 -28.44 22.21 40.33
C LEU A 359 -29.56 22.84 39.52
N ASN A 360 -29.79 22.37 38.29
CA ASN A 360 -30.91 22.88 37.51
C ASN A 360 -32.25 22.48 38.12
N GLY A 361 -32.29 21.34 38.81
CA GLY A 361 -33.53 20.85 39.38
C GLY A 361 -33.68 21.05 40.88
N ARG A 362 -32.59 21.42 41.56
CA ARG A 362 -32.63 21.62 43.00
C ARG A 362 -33.17 23.02 43.31
N VAL A 363 -34.09 23.10 44.27
CA VAL A 363 -34.93 24.28 44.48
C VAL A 363 -34.73 24.84 45.90
N GLN A 364 -35.10 26.11 46.04
CA GLN A 364 -35.16 26.79 47.33
C GLN A 364 -36.33 27.76 47.30
N CYS A 365 -37.02 27.90 48.44
CA CYS A 365 -38.31 28.57 48.50
C CYS A 365 -38.25 29.81 49.36
N ARG A 366 -39.22 30.71 49.14
CA ARG A 366 -39.33 31.96 49.88
C ARG A 366 -40.80 32.29 50.12
N LEU A 367 -41.05 33.06 51.18
CA LEU A 367 -42.38 33.55 51.52
C LEU A 367 -42.34 35.06 51.52
N LEU A 368 -43.14 35.69 50.66
CA LEU A 368 -43.10 37.13 50.44
C LEU A 368 -44.00 37.87 51.45
N GLY A 369 -43.83 39.19 51.49
CA GLY A 369 -44.64 40.04 52.32
C GLY A 369 -44.18 40.10 53.77
N ASN A 370 -44.78 41.04 54.50
CA ASN A 370 -44.52 41.24 55.93
C ASN A 370 -45.41 40.38 56.81
N VAL A 371 -46.04 39.36 56.23
CA VAL A 371 -47.06 38.57 56.89
C VAL A 371 -46.50 37.82 58.10
N PRO A 372 -47.33 37.49 59.11
CA PRO A 372 -46.85 36.83 60.33
C PRO A 372 -46.71 35.32 60.20
N PHE A 373 -46.00 34.87 59.16
CA PHE A 373 -45.83 33.46 58.91
C PHE A 373 -44.42 33.22 58.38
N ARG A 374 -43.81 32.12 58.79
CA ARG A 374 -42.49 31.77 58.29
C ARG A 374 -42.59 30.50 57.45
N LEU A 375 -41.60 30.35 56.58
CA LEU A 375 -41.52 29.21 55.68
C LEU A 375 -40.19 28.53 55.94
N GLN A 376 -40.18 27.57 56.85
CA GLN A 376 -38.96 26.82 57.13
C GLN A 376 -38.95 25.63 56.19
N GLU A 377 -37.93 25.57 55.33
CA GLU A 377 -37.89 24.54 54.31
C GLU A 377 -37.18 23.32 54.88
N TYR A 378 -37.81 22.16 54.70
CA TYR A 378 -37.28 20.88 55.11
C TYR A 378 -36.81 20.14 53.87
N GLU A 379 -36.26 18.95 54.08
CA GLU A 379 -35.72 18.19 52.95
C GLU A 379 -36.83 17.94 51.94
N SER A 380 -36.81 18.70 50.85
CA SER A 380 -37.73 18.57 49.73
C SER A 380 -39.14 19.05 50.05
N PHE A 381 -39.38 19.55 51.26
CA PHE A 381 -40.74 19.94 51.66
C PHE A 381 -40.69 21.18 52.54
N SER A 382 -41.19 22.30 52.03
CA SER A 382 -41.22 23.53 52.78
C SER A 382 -42.51 23.64 53.59
N THR A 383 -42.37 23.89 54.89
CA THR A 383 -43.53 24.04 55.75
C THR A 383 -43.75 25.51 56.09
N ILE A 384 -45.02 25.91 56.12
CA ILE A 384 -45.43 27.24 56.57
C ILE A 384 -45.94 27.14 57.99
N LEU A 385 -45.51 28.07 58.84
CA LEU A 385 -45.85 28.09 60.26
C LEU A 385 -46.23 29.51 60.64
N VAL A 386 -46.96 29.63 61.75
CA VAL A 386 -47.40 30.94 62.23
C VAL A 386 -46.27 31.61 63.00
N ASP A 387 -46.03 32.88 62.67
CA ASP A 387 -45.02 33.70 63.34
C ASP A 387 -45.60 35.07 63.67
N GLY A 388 -46.10 35.22 64.90
CA GLY A 388 -46.60 36.50 65.36
C GLY A 388 -47.98 36.39 65.94
N ARG A 389 -48.55 37.57 66.26
CA ARG A 389 -49.91 37.69 66.77
C ARG A 389 -50.89 37.92 65.61
N LEU A 390 -51.99 37.19 65.63
CA LEU A 390 -53.04 37.28 64.61
C LEU A 390 -54.24 38.01 65.22
N ASP A 391 -54.55 39.18 64.68
CA ASP A 391 -55.70 39.95 65.13
C ASP A 391 -56.78 39.92 64.05
N ARG A 392 -57.99 39.48 64.42
CA ARG A 392 -59.10 39.45 63.48
C ARG A 392 -59.32 40.81 62.82
N GLU A 393 -59.04 41.89 63.53
CA GLU A 393 -59.31 43.23 63.01
C GLU A 393 -58.14 43.76 62.20
N GLN A 394 -56.96 43.83 62.81
CA GLN A 394 -55.79 44.37 62.11
C GLN A 394 -55.51 43.60 60.82
N HIS A 395 -55.71 42.29 60.84
CA HIS A 395 -55.57 41.47 59.64
C HIS A 395 -56.57 40.31 59.75
N ASP A 396 -57.68 40.42 59.01
CA ASP A 396 -58.66 39.34 58.97
C ASP A 396 -58.16 38.20 58.08
N GLN A 397 -57.79 38.53 56.84
CA GLN A 397 -57.32 37.54 55.87
C GLN A 397 -55.96 37.97 55.33
N TYR A 398 -55.14 36.97 55.02
CA TYR A 398 -53.87 37.19 54.33
C TYR A 398 -53.89 36.51 52.96
N ASN A 399 -52.99 36.96 52.11
CA ASN A 399 -52.79 36.43 50.76
C ASN A 399 -51.35 35.95 50.64
N LEU A 400 -51.01 34.85 51.30
CA LEU A 400 -49.65 34.36 51.27
C LEU A 400 -49.25 33.95 49.86
N THR A 401 -48.02 34.31 49.48
CA THR A 401 -47.47 33.98 48.17
C THR A 401 -46.09 33.37 48.35
N ILE A 402 -45.92 32.16 47.83
CA ILE A 402 -44.66 31.44 47.89
C ILE A 402 -43.94 31.57 46.56
N GLN A 403 -42.63 31.77 46.63
CA GLN A 403 -41.76 31.74 45.47
C GLN A 403 -40.88 30.49 45.55
N ALA A 404 -40.54 29.94 44.38
CA ALA A 404 -39.59 28.84 44.28
C ALA A 404 -38.57 29.20 43.22
N ARG A 405 -37.31 28.84 43.48
CA ARG A 405 -36.20 29.24 42.63
C ARG A 405 -35.21 28.09 42.50
N ASP A 406 -34.78 27.79 41.29
CA ASP A 406 -33.84 26.71 41.05
C ASP A 406 -32.40 27.25 41.02
N GLY A 407 -31.44 26.34 40.92
CA GLY A 407 -30.03 26.71 40.92
C GLY A 407 -29.38 26.55 39.56
N GLY A 408 -30.16 26.70 38.50
CA GLY A 408 -29.64 26.62 37.15
C GLY A 408 -29.21 27.97 36.61
N VAL A 409 -28.72 27.95 35.38
CA VAL A 409 -28.27 29.18 34.73
C VAL A 409 -28.82 29.25 33.30
N PRO A 410 -29.72 30.20 33.02
CA PRO A 410 -30.32 31.19 33.92
C PRO A 410 -31.32 30.56 34.88
N MET A 411 -31.34 31.01 36.13
CA MET A 411 -32.26 30.43 37.10
C MET A 411 -33.70 30.78 36.73
N LEU A 412 -34.62 29.95 37.23
CA LEU A 412 -36.04 30.11 36.96
C LEU A 412 -36.80 30.16 38.27
N GLN A 413 -37.85 30.98 38.31
CA GLN A 413 -38.67 31.12 39.50
C GLN A 413 -40.11 30.73 39.20
N SER A 414 -40.91 30.65 40.26
CA SER A 414 -42.34 30.43 40.13
C SER A 414 -43.02 30.97 41.37
N ALA A 415 -44.28 31.37 41.21
CA ALA A 415 -45.04 31.98 42.31
C ALA A 415 -46.40 31.31 42.42
N LYS A 416 -46.82 31.05 43.66
CA LYS A 416 -48.14 30.50 43.93
C LYS A 416 -48.75 31.23 45.11
N SER A 417 -49.97 31.74 44.92
CA SER A 417 -50.66 32.57 45.90
C SER A 417 -51.85 31.80 46.45
N PHE A 418 -51.91 31.66 47.77
CA PHE A 418 -53.06 31.09 48.46
C PHE A 418 -53.46 32.02 49.59
N THR A 419 -54.76 32.06 49.88
CA THR A 419 -55.31 32.92 50.91
C THR A 419 -55.50 32.14 52.20
N VAL A 420 -55.10 32.74 53.31
CA VAL A 420 -55.29 32.19 54.65
C VAL A 420 -56.25 33.08 55.40
N LEU A 421 -57.12 32.50 56.23
CA LEU A 421 -58.03 33.31 57.02
C LEU A 421 -57.92 32.95 58.50
N ILE A 422 -58.30 33.91 59.34
CA ILE A 422 -58.20 33.79 60.79
C ILE A 422 -59.59 33.56 61.37
N THR A 423 -59.68 32.66 62.35
CA THR A 423 -60.95 32.34 62.98
C THR A 423 -60.90 32.56 64.49
N ASP A 424 -62.08 32.66 65.10
CA ASP A 424 -62.21 32.71 66.55
C ASP A 424 -62.13 31.31 67.14
N HIS A 425 -63.21 30.55 67.01
CA HIS A 425 -63.25 29.18 67.53
C HIS A 425 -64.34 28.44 66.74
N HIS A 426 -63.96 27.85 65.61
CA HIS A 426 -64.89 27.18 64.72
C HIS A 426 -64.71 25.67 64.85
N HIS A 427 -65.80 24.97 65.13
CA HIS A 427 -65.82 23.51 65.21
C HIS A 427 -66.66 23.00 64.04
N HIS A 428 -66.09 23.05 62.85
CA HIS A 428 -66.78 22.56 61.66
C HIS A 428 -66.30 21.16 61.31
N LEU B 1 -39.07 13.85 55.45
CA LEU B 1 -38.46 13.65 56.76
C LEU B 1 -38.12 12.17 56.97
N ILE B 2 -39.16 11.33 57.00
CA ILE B 2 -39.01 9.89 57.20
C ILE B 2 -38.92 9.21 55.85
N ASN B 3 -38.12 8.16 55.77
CA ASN B 3 -37.93 7.42 54.53
C ASN B 3 -38.21 5.95 54.81
N LEU B 4 -38.98 5.32 53.92
CA LEU B 4 -39.26 3.90 54.02
C LEU B 4 -38.98 3.30 52.65
N LYS B 5 -37.93 2.48 52.56
CA LYS B 5 -37.59 1.80 51.33
C LYS B 5 -38.19 0.41 51.37
N TYR B 6 -38.64 -0.08 50.21
CA TYR B 6 -39.22 -1.40 50.13
C TYR B 6 -38.74 -2.05 48.83
N SER B 7 -39.13 -3.31 48.65
CA SER B 7 -38.73 -4.08 47.49
C SER B 7 -39.73 -5.18 47.20
N VAL B 8 -39.94 -5.44 45.91
CA VAL B 8 -40.91 -6.46 45.48
C VAL B 8 -40.55 -6.89 44.06
N GLU B 9 -40.69 -8.19 43.80
CA GLU B 9 -40.42 -8.73 42.48
C GLU B 9 -41.51 -8.28 41.49
N GLU B 10 -41.19 -8.32 40.20
CA GLU B 10 -42.17 -8.00 39.19
C GLU B 10 -43.11 -9.18 38.94
N GLU B 11 -44.14 -8.93 38.13
CA GLU B 11 -45.01 -9.98 37.62
C GLU B 11 -45.66 -10.79 38.74
N GLN B 12 -45.89 -10.16 39.88
CA GLN B 12 -46.59 -10.82 40.96
C GLN B 12 -48.10 -10.68 40.78
N ARG B 13 -48.85 -11.61 41.37
CA ARG B 13 -50.30 -11.53 41.30
C ARG B 13 -50.79 -10.17 41.78
N ALA B 14 -52.00 -9.79 41.37
CA ALA B 14 -52.54 -8.50 41.75
C ALA B 14 -53.09 -8.53 43.17
N GLY B 15 -53.08 -7.37 43.81
CA GLY B 15 -53.52 -7.27 45.19
C GLY B 15 -52.52 -7.81 46.20
N THR B 16 -51.23 -7.69 45.92
CA THR B 16 -50.21 -8.21 46.83
C THR B 16 -49.94 -7.20 47.92
N VAL B 17 -49.57 -7.69 49.11
CA VAL B 17 -49.20 -6.83 50.24
C VAL B 17 -47.69 -6.65 50.19
N ILE B 18 -47.23 -5.47 49.78
CA ILE B 18 -45.79 -5.21 49.74
C ILE B 18 -45.24 -5.07 51.15
N ALA B 19 -45.87 -4.26 51.97
CA ALA B 19 -45.40 -4.02 53.34
C ALA B 19 -46.49 -3.28 54.09
N ASN B 20 -46.47 -3.41 55.42
CA ASN B 20 -47.44 -2.74 56.29
C ASN B 20 -46.91 -1.34 56.59
N VAL B 21 -47.41 -0.36 55.83
CA VAL B 21 -46.93 1.01 55.97
C VAL B 21 -47.29 1.59 57.33
N ALA B 22 -48.47 1.24 57.85
CA ALA B 22 -48.87 1.77 59.13
C ALA B 22 -47.88 1.37 60.22
N LYS B 23 -47.57 0.07 60.30
CA LYS B 23 -46.64 -0.44 61.30
C LYS B 23 -45.26 0.16 61.14
N ASP B 24 -44.69 0.05 59.93
CA ASP B 24 -43.33 0.52 59.71
C ASP B 24 -43.21 2.01 60.02
N ALA B 25 -44.14 2.82 59.52
CA ALA B 25 -44.09 4.25 59.74
C ALA B 25 -44.29 4.60 61.21
N ARG B 26 -45.31 4.02 61.84
CA ARG B 26 -45.55 4.29 63.26
C ARG B 26 -44.32 3.99 64.10
N GLU B 27 -43.73 2.80 63.94
CA GLU B 27 -42.49 2.51 64.67
C GLU B 27 -41.43 3.53 64.30
N ALA B 28 -41.46 4.03 63.07
CA ALA B 28 -40.47 4.98 62.62
C ALA B 28 -40.78 6.39 63.09
N GLY B 29 -41.91 6.63 63.74
CA GLY B 29 -42.19 7.96 64.24
C GLY B 29 -43.11 8.77 63.34
N PHE B 30 -44.42 8.62 63.49
CA PHE B 30 -45.35 9.30 62.62
C PHE B 30 -46.68 9.44 63.36
N ALA B 31 -47.51 10.39 62.91
CA ALA B 31 -48.74 10.72 63.64
C ALA B 31 -49.74 9.59 63.41
N LEU B 32 -49.59 8.55 64.23
CA LEU B 32 -50.48 7.38 64.21
C LEU B 32 -51.42 7.52 65.39
N ASP B 33 -52.52 8.23 65.19
CA ASP B 33 -53.52 8.40 66.22
C ASP B 33 -54.78 7.61 65.88
N PRO B 34 -55.54 7.18 66.88
CA PRO B 34 -56.77 6.41 66.60
C PRO B 34 -57.90 7.29 66.08
N ARG B 35 -58.00 7.45 64.77
CA ARG B 35 -59.01 8.29 64.15
C ARG B 35 -59.89 7.43 63.24
N GLN B 36 -61.04 8.01 62.85
CA GLN B 36 -62.01 7.33 61.99
C GLN B 36 -61.51 7.35 60.55
N ALA B 37 -60.57 6.45 60.27
CA ALA B 37 -60.04 6.25 58.92
C ALA B 37 -59.61 7.58 58.29
N SER B 38 -58.68 8.26 58.98
CA SER B 38 -58.15 9.51 58.46
C SER B 38 -56.84 9.86 59.14
N ALA B 39 -55.85 8.96 59.06
CA ALA B 39 -54.56 9.21 59.67
C ALA B 39 -53.59 9.87 58.71
N PHE B 40 -53.70 9.55 57.43
CA PHE B 40 -52.78 10.07 56.43
C PHE B 40 -53.37 9.84 55.06
N ARG B 41 -52.77 10.49 54.07
CA ARG B 41 -53.14 10.33 52.68
C ARG B 41 -51.90 10.33 51.81
N VAL B 42 -51.93 9.50 50.76
CA VAL B 42 -50.84 9.54 49.81
C VAL B 42 -50.96 10.84 49.05
N VAL B 43 -49.94 11.67 49.11
CA VAL B 43 -49.96 12.93 48.38
C VAL B 43 -49.83 12.66 46.89
N SER B 44 -48.77 11.97 46.50
CA SER B 44 -48.49 11.69 45.10
C SER B 44 -47.58 10.49 45.04
N ASN B 45 -47.62 9.78 43.92
CA ASN B 45 -46.79 8.60 43.78
C ASN B 45 -46.38 8.39 42.34
N SER B 46 -45.20 7.79 42.17
CA SER B 46 -44.63 7.61 40.84
C SER B 46 -45.61 6.89 39.92
N ALA B 47 -46.30 5.88 40.44
CA ALA B 47 -47.20 5.06 39.63
C ALA B 47 -48.54 4.90 40.35
N PRO B 48 -49.54 5.74 40.02
CA PRO B 48 -50.83 5.62 40.69
C PRO B 48 -51.53 4.30 40.42
N HIS B 49 -51.49 3.83 39.18
CA HIS B 49 -52.20 2.63 38.79
C HIS B 49 -51.48 1.35 39.19
N LEU B 50 -50.30 1.45 39.79
CA LEU B 50 -49.50 0.28 40.17
C LEU B 50 -49.60 -0.02 41.66
N VAL B 51 -49.19 0.90 42.51
CA VAL B 51 -49.19 0.70 43.96
C VAL B 51 -49.99 1.81 44.62
N ASP B 52 -50.65 1.46 45.73
CA ASP B 52 -51.41 2.45 46.49
C ASP B 52 -51.46 2.06 47.97
N ILE B 53 -51.38 3.06 48.85
CA ILE B 53 -51.62 2.84 50.28
C ILE B 53 -53.02 3.30 50.62
N ASN B 54 -53.70 2.50 51.43
CA ASN B 54 -55.04 2.82 51.86
C ASN B 54 -55.04 3.22 53.34
N PRO B 55 -55.54 4.40 53.70
CA PRO B 55 -55.56 4.77 55.14
C PRO B 55 -56.41 3.86 56.00
N SER B 56 -57.43 3.22 55.43
CA SER B 56 -58.31 2.39 56.23
C SER B 56 -57.55 1.21 56.81
N SER B 57 -56.90 0.42 55.95
CA SER B 57 -56.12 -0.72 56.41
C SER B 57 -54.68 -0.36 56.76
N GLY B 58 -54.04 0.51 55.98
CA GLY B 58 -52.65 0.86 56.19
C GLY B 58 -51.64 -0.17 55.70
N LEU B 59 -51.80 -0.63 54.47
CA LEU B 59 -50.91 -1.62 53.88
C LEU B 59 -50.50 -1.15 52.49
N LEU B 60 -49.28 -1.52 52.09
CA LEU B 60 -48.79 -1.18 50.76
C LEU B 60 -49.19 -2.34 49.86
N VAL B 61 -50.25 -2.12 49.07
CA VAL B 61 -50.71 -3.15 48.16
C VAL B 61 -50.59 -2.67 46.71
N THR B 62 -50.34 -3.66 45.86
CA THR B 62 -50.22 -3.51 44.41
C THR B 62 -51.58 -3.64 43.74
N LYS B 63 -51.89 -2.70 42.85
CA LYS B 63 -53.18 -2.72 42.17
C LYS B 63 -53.27 -3.87 41.17
N GLN B 64 -52.26 -4.03 40.31
CA GLN B 64 -52.27 -5.10 39.31
C GLN B 64 -50.89 -5.72 39.24
N LYS B 65 -50.71 -6.63 38.28
CA LYS B 65 -49.40 -7.24 38.05
C LYS B 65 -48.48 -6.23 37.40
N ILE B 66 -47.30 -6.07 37.97
CA ILE B 66 -46.33 -5.08 37.51
C ILE B 66 -45.31 -5.76 36.61
N ASP B 67 -45.07 -5.17 35.45
CA ASP B 67 -44.03 -5.60 34.53
C ASP B 67 -42.91 -4.56 34.57
N ARG B 68 -41.85 -4.87 35.32
CA ARG B 68 -40.74 -3.92 35.47
C ARG B 68 -40.12 -3.59 34.12
N ASP B 69 -40.07 -4.58 33.22
CA ASP B 69 -39.38 -4.38 31.95
C ASP B 69 -40.07 -3.32 31.09
N LEU B 70 -41.31 -2.97 31.40
CA LEU B 70 -42.00 -1.86 30.75
C LEU B 70 -41.69 -0.54 31.43
N LEU B 71 -41.79 -0.50 32.75
CA LEU B 71 -41.56 0.74 33.50
C LEU B 71 -40.16 1.27 33.25
N CYS B 72 -39.13 0.49 33.58
CA CYS B 72 -37.76 1.00 33.67
C CYS B 72 -36.84 0.43 32.60
N ARG B 73 -37.33 -0.46 31.74
CA ARG B 73 -36.54 -0.97 30.62
C ARG B 73 -35.24 -1.56 31.19
N GLN B 74 -34.07 -1.09 30.77
CA GLN B 74 -32.80 -1.54 31.34
C GLN B 74 -32.30 -0.64 32.45
N SER B 75 -33.00 0.44 32.77
CA SER B 75 -32.57 1.33 33.84
C SER B 75 -32.21 0.51 35.07
N PRO B 76 -31.06 0.76 35.70
CA PRO B 76 -30.56 -0.21 36.70
C PRO B 76 -31.50 -0.41 37.88
N LYS B 77 -32.07 0.66 38.41
CA LYS B 77 -33.02 0.60 39.52
C LYS B 77 -34.40 1.00 39.04
N CYS B 78 -35.42 0.46 39.71
CA CYS B 78 -36.82 0.77 39.41
C CYS B 78 -37.54 1.03 40.74
N ILE B 79 -37.66 2.29 41.13
CA ILE B 79 -38.25 2.70 42.40
C ILE B 79 -39.52 3.51 42.16
N ILE B 80 -40.56 3.23 42.94
CA ILE B 80 -41.78 4.02 43.00
C ILE B 80 -41.79 4.79 44.31
N SER B 81 -41.71 6.13 44.24
CA SER B 81 -41.76 6.95 45.46
C SER B 81 -43.16 7.49 45.74
N LEU B 82 -43.79 6.96 46.79
CA LEU B 82 -45.08 7.38 47.32
C LEU B 82 -44.86 8.35 48.48
N GLU B 83 -45.57 9.46 48.46
CA GLU B 83 -45.47 10.46 49.51
C GLU B 83 -46.78 10.46 50.29
N VAL B 84 -46.68 10.35 51.62
CA VAL B 84 -47.85 10.29 52.50
C VAL B 84 -47.80 11.44 53.47
N MET B 85 -48.95 12.01 53.78
CA MET B 85 -49.05 13.14 54.67
C MET B 85 -49.89 12.74 55.87
N SER B 86 -49.46 13.17 57.06
CA SER B 86 -50.13 12.78 58.29
C SER B 86 -51.17 13.81 58.71
N SER B 87 -51.85 13.52 59.82
CA SER B 87 -52.85 14.45 60.35
C SER B 87 -52.25 15.82 60.64
N SER B 88 -51.05 15.86 61.25
CA SER B 88 -50.46 17.12 61.70
C SER B 88 -49.34 17.58 60.77
N MET B 89 -49.57 17.52 59.45
CA MET B 89 -48.62 18.02 58.46
C MET B 89 -47.26 17.35 58.61
N GLU B 90 -47.25 16.03 58.79
CA GLU B 90 -46.03 15.24 58.81
C GLU B 90 -46.03 14.31 57.60
N ILE B 91 -44.86 14.07 57.03
CA ILE B 91 -44.74 13.35 55.78
C ILE B 91 -43.81 12.16 55.95
N CYS B 92 -44.15 11.05 55.30
CA CYS B 92 -43.27 9.88 55.25
C CYS B 92 -43.06 9.49 53.77
N VAL B 93 -41.88 9.80 53.25
CA VAL B 93 -41.55 9.39 51.89
C VAL B 93 -41.25 7.89 51.85
N ILE B 94 -41.87 7.20 50.91
CA ILE B 94 -41.75 5.75 50.73
C ILE B 94 -41.24 5.50 49.33
N LYS B 95 -40.21 4.68 49.18
CA LYS B 95 -39.72 4.33 47.85
C LYS B 95 -39.68 2.81 47.74
N VAL B 96 -40.56 2.24 46.90
CA VAL B 96 -40.62 0.79 46.70
C VAL B 96 -39.93 0.47 45.38
N GLU B 97 -38.94 -0.41 45.44
CA GLU B 97 -38.17 -0.81 44.27
C GLU B 97 -38.70 -2.12 43.72
N ILE B 98 -38.69 -2.23 42.38
CA ILE B 98 -39.22 -3.41 41.69
C ILE B 98 -38.05 -4.23 41.18
N LYS B 99 -37.81 -5.37 41.83
CA LYS B 99 -36.77 -6.29 41.43
C LYS B 99 -37.13 -6.98 40.13
N ASP B 100 -36.17 -7.07 39.22
CA ASP B 100 -36.38 -7.64 37.90
C ASP B 100 -36.37 -9.17 37.96
N LEU B 101 -37.02 -9.78 36.96
CA LEU B 101 -37.07 -11.23 36.82
C LEU B 101 -36.73 -11.61 35.38
N ASN B 102 -36.15 -12.80 35.21
CA ASN B 102 -35.81 -13.32 33.89
C ASN B 102 -37.03 -13.96 33.22
N ASP B 103 -38.09 -13.19 33.11
CA ASP B 103 -39.28 -13.67 32.44
C ASP B 103 -39.20 -13.52 30.93
N ASN B 104 -38.14 -12.91 30.41
CA ASN B 104 -37.95 -12.72 28.98
C ASN B 104 -36.67 -13.42 28.54
N ALA B 105 -36.79 -14.29 27.51
CA ALA B 105 -35.62 -14.90 26.90
C ALA B 105 -35.14 -14.07 25.71
N PRO B 106 -33.84 -13.93 25.48
CA PRO B 106 -33.40 -13.12 24.34
C PRO B 106 -33.87 -13.73 23.03
N SER B 107 -34.39 -12.87 22.16
CA SER B 107 -34.96 -13.30 20.90
C SER B 107 -34.49 -12.37 19.81
N PHE B 108 -34.33 -12.92 18.59
CA PHE B 108 -33.93 -12.16 17.44
C PHE B 108 -35.13 -11.86 16.56
N PRO B 109 -35.28 -10.63 16.06
CA PRO B 109 -36.46 -10.32 15.25
C PRO B 109 -36.46 -10.99 13.87
N ALA B 110 -35.31 -11.04 13.18
CA ALA B 110 -35.23 -11.68 11.87
C ALA B 110 -34.94 -13.17 12.00
N ALA B 111 -35.48 -13.95 11.06
CA ALA B 111 -35.25 -15.39 11.05
C ALA B 111 -33.80 -15.71 10.76
N GLN B 112 -33.22 -15.06 9.75
CA GLN B 112 -31.83 -15.25 9.43
C GLN B 112 -31.14 -13.88 9.34
N ILE B 113 -29.83 -13.86 9.55
CA ILE B 113 -29.03 -12.66 9.40
C ILE B 113 -28.24 -12.80 8.11
N GLU B 114 -28.60 -12.00 7.11
CA GLU B 114 -27.94 -12.04 5.81
C GLU B 114 -26.73 -11.11 5.79
N LEU B 115 -25.60 -11.64 5.34
CA LEU B 115 -24.37 -10.88 5.23
C LEU B 115 -23.66 -11.11 3.90
N GLU B 116 -22.95 -10.07 3.48
CA GLU B 116 -22.12 -10.10 2.27
C GLU B 116 -20.71 -9.66 2.63
N ILE B 117 -19.73 -10.54 2.45
CA ILE B 117 -18.34 -10.22 2.73
C ILE B 117 -17.51 -10.49 1.48
N SER B 118 -16.65 -9.54 1.12
CA SER B 118 -15.74 -9.74 0.00
C SER B 118 -14.68 -10.77 0.35
N GLU B 119 -14.42 -11.68 -0.59
CA GLU B 119 -13.35 -12.66 -0.39
C GLU B 119 -12.03 -12.01 -0.06
N ALA B 120 -11.86 -10.73 -0.43
CA ALA B 120 -10.66 -9.98 -0.12
C ALA B 120 -10.68 -9.41 1.30
N ALA B 121 -11.60 -9.84 2.15
CA ALA B 121 -11.66 -9.34 3.51
C ALA B 121 -10.40 -9.77 4.26
N SER B 122 -9.55 -8.80 4.59
CA SER B 122 -8.34 -9.12 5.34
C SER B 122 -8.71 -9.77 6.67
N PRO B 123 -7.99 -10.82 7.08
CA PRO B 123 -8.21 -11.36 8.43
C PRO B 123 -8.12 -10.28 9.51
N GLY B 124 -9.13 -10.23 10.37
CA GLY B 124 -9.26 -9.23 11.41
C GLY B 124 -10.35 -8.20 11.18
N THR B 125 -10.64 -7.85 9.93
CA THR B 125 -11.77 -6.97 9.65
C THR B 125 -13.05 -7.56 10.24
N ARG B 126 -13.84 -6.72 10.92
CA ARG B 126 -15.01 -7.14 11.66
C ARG B 126 -16.27 -6.45 11.12
N ILE B 127 -17.40 -7.13 11.24
CA ILE B 127 -18.70 -6.62 10.79
C ILE B 127 -19.62 -6.61 12.00
N PRO B 128 -19.95 -5.44 12.56
CA PRO B 128 -20.89 -5.43 13.69
C PRO B 128 -22.18 -6.14 13.36
N LEU B 129 -22.55 -7.12 14.20
CA LEU B 129 -23.79 -7.85 14.03
C LEU B 129 -24.91 -7.25 14.86
N ASP B 130 -26.12 -7.41 14.34
CA ASP B 130 -27.31 -6.92 15.01
C ASP B 130 -27.49 -7.59 16.37
N SER B 131 -27.39 -6.80 17.42
CA SER B 131 -27.55 -7.32 18.78
C SER B 131 -28.94 -7.89 18.99
N ALA B 132 -29.01 -8.88 19.88
CA ALA B 132 -30.27 -9.51 20.22
C ALA B 132 -31.09 -8.60 21.13
N TYR B 133 -32.35 -8.98 21.34
CA TYR B 133 -33.29 -8.19 22.11
C TYR B 133 -33.79 -8.97 23.33
N ASP B 134 -33.39 -8.52 24.53
CA ASP B 134 -33.86 -9.04 25.81
C ASP B 134 -34.18 -7.87 26.73
N PRO B 135 -35.46 -7.59 27.03
CA PRO B 135 -35.80 -6.37 27.79
C PRO B 135 -35.44 -6.44 29.26
N ASP B 136 -34.96 -7.57 29.77
CA ASP B 136 -34.55 -7.64 31.17
C ASP B 136 -33.42 -6.65 31.46
N SER B 137 -33.16 -6.46 32.74
CA SER B 137 -32.24 -5.42 33.21
C SER B 137 -30.87 -6.02 33.51
N GLY B 138 -29.82 -5.38 32.99
CA GLY B 138 -28.46 -5.73 33.32
C GLY B 138 -28.13 -7.21 33.20
N SER B 139 -27.81 -7.83 34.33
CA SER B 139 -27.40 -9.23 34.34
C SER B 139 -28.36 -10.08 33.51
N PHE B 140 -29.65 -9.88 33.68
CA PHE B 140 -30.67 -10.71 33.04
C PHE B 140 -30.90 -10.40 31.57
N GLY B 141 -30.24 -9.39 31.00
CA GLY B 141 -30.34 -9.09 29.59
C GLY B 141 -29.35 -9.91 28.77
N VAL B 142 -29.27 -9.58 27.48
CA VAL B 142 -28.31 -10.26 26.61
C VAL B 142 -26.93 -10.13 27.22
N GLN B 143 -26.22 -11.25 27.32
CA GLN B 143 -24.88 -11.27 27.89
C GLN B 143 -23.81 -11.66 26.89
N THR B 144 -23.96 -12.81 26.23
CA THR B 144 -22.96 -13.28 25.27
C THR B 144 -23.68 -13.90 24.08
N TYR B 145 -22.93 -14.07 22.99
CA TYR B 145 -23.41 -14.68 21.76
C TYR B 145 -22.50 -15.84 21.36
N GLU B 146 -23.04 -16.76 20.57
CA GLU B 146 -22.29 -17.93 20.10
C GLU B 146 -22.65 -18.28 18.67
N LEU B 147 -21.63 -18.61 17.87
CA LEU B 147 -21.79 -19.07 16.50
C LEU B 147 -21.37 -20.54 16.36
N THR B 148 -21.87 -21.16 15.29
CA THR B 148 -21.50 -22.53 14.95
C THR B 148 -19.98 -22.67 14.90
N PRO B 149 -19.39 -23.65 15.60
CA PRO B 149 -17.93 -23.80 15.55
C PRO B 149 -17.41 -23.94 14.13
N ASN B 150 -16.46 -23.08 13.79
CA ASN B 150 -15.85 -23.09 12.46
C ASN B 150 -14.50 -22.39 12.55
N GLU B 151 -13.78 -22.38 11.42
CA GLU B 151 -12.44 -21.80 11.36
C GLU B 151 -12.42 -20.43 10.71
N LEU B 152 -13.37 -20.14 9.82
CA LEU B 152 -13.27 -18.92 9.02
C LEU B 152 -13.70 -17.69 9.82
N PHE B 153 -14.75 -17.82 10.61
CA PHE B 153 -15.33 -16.69 11.31
C PHE B 153 -15.37 -16.94 12.82
N GLY B 154 -15.28 -15.85 13.58
CA GLY B 154 -15.42 -15.88 15.02
C GLY B 154 -16.29 -14.75 15.51
N LEU B 155 -16.63 -14.80 16.80
CA LEU B 155 -17.47 -13.80 17.45
C LEU B 155 -16.67 -13.05 18.48
N GLU B 156 -16.92 -11.74 18.58
CA GLU B 156 -16.28 -10.91 19.58
C GLU B 156 -17.35 -10.13 20.33
N ILE B 157 -17.35 -10.24 21.67
CA ILE B 157 -18.30 -9.54 22.52
C ILE B 157 -17.67 -8.26 23.04
N LYS B 158 -18.44 -7.19 23.02
CA LYS B 158 -18.01 -5.88 23.48
C LYS B 158 -19.15 -5.14 24.18
N THR B 159 -18.79 -4.15 24.98
CA THR B 159 -19.73 -3.39 25.81
C THR B 159 -19.60 -1.89 25.50
N ARG B 160 -20.66 -1.29 24.94
CA ARG B 160 -20.59 0.09 24.43
C ARG B 160 -20.94 1.12 25.50
N GLY B 161 -22.19 1.16 25.93
CA GLY B 161 -22.62 2.20 26.86
C GLY B 161 -23.27 1.71 28.12
N ASP B 162 -22.48 1.62 29.20
CA ASP B 162 -22.98 1.18 30.50
C ASP B 162 -23.90 -0.01 30.33
N GLY B 163 -23.32 -1.07 29.76
CA GLY B 163 -24.05 -2.25 29.34
C GLY B 163 -24.23 -2.27 27.84
N SER B 164 -25.45 -2.49 27.38
CA SER B 164 -25.73 -2.57 25.95
C SER B 164 -24.66 -3.45 25.29
N ARG B 165 -24.81 -4.75 25.52
CA ARG B 165 -23.78 -5.68 25.09
C ARG B 165 -24.06 -6.00 23.64
N PHE B 166 -23.00 -6.10 22.85
CA PHE B 166 -23.13 -6.44 21.45
C PHE B 166 -21.95 -7.28 21.04
N ALA B 167 -22.14 -8.07 19.99
CA ALA B 167 -21.09 -8.96 19.52
C ALA B 167 -20.98 -8.74 18.02
N GLU B 168 -19.76 -8.46 17.55
CA GLU B 168 -19.53 -8.31 16.12
C GLU B 168 -18.82 -9.53 15.59
N LEU B 169 -18.98 -9.70 14.30
CA LEU B 169 -18.33 -10.77 13.58
C LEU B 169 -16.88 -10.39 13.28
N VAL B 170 -16.00 -11.40 13.27
CA VAL B 170 -14.58 -11.18 13.01
C VAL B 170 -14.06 -12.29 12.11
N VAL B 171 -13.44 -11.91 10.99
CA VAL B 171 -12.81 -12.87 10.10
C VAL B 171 -11.52 -13.42 10.70
N GLU B 172 -11.44 -14.75 10.82
CA GLU B 172 -10.30 -15.44 11.40
C GLU B 172 -9.22 -15.79 10.37
N LYS B 173 -9.60 -16.20 9.17
CA LYS B 173 -8.64 -16.55 8.13
C LYS B 173 -9.17 -16.12 6.77
N SER B 174 -8.26 -16.09 5.79
CA SER B 174 -8.59 -15.60 4.46
C SER B 174 -9.75 -16.37 3.87
N LEU B 175 -10.64 -15.63 3.19
CA LEU B 175 -11.74 -16.23 2.46
C LEU B 175 -11.38 -16.39 0.99
N ASP B 176 -12.20 -17.16 0.28
CA ASP B 176 -12.02 -17.35 -1.16
C ASP B 176 -13.34 -17.82 -1.75
N ARG B 177 -13.92 -17.00 -2.63
CA ARG B 177 -15.18 -17.36 -3.27
C ARG B 177 -14.99 -18.55 -4.21
N GLU B 178 -13.90 -18.54 -4.98
CA GLU B 178 -13.68 -19.59 -5.97
C GLU B 178 -13.60 -20.98 -5.34
N THR B 179 -13.50 -21.05 -4.02
CA THR B 179 -13.57 -22.33 -3.30
C THR B 179 -14.92 -22.53 -2.63
N GLN B 180 -15.40 -21.55 -1.87
CA GLN B 180 -16.71 -21.69 -1.22
C GLN B 180 -17.39 -20.33 -1.17
N SER B 181 -18.56 -20.21 -1.81
CA SER B 181 -19.25 -18.93 -1.95
C SER B 181 -20.22 -18.61 -0.82
N HIS B 182 -20.93 -19.61 -0.31
CA HIS B 182 -21.98 -19.39 0.69
C HIS B 182 -21.64 -20.11 1.98
N TYR B 183 -22.06 -19.55 3.10
CA TYR B 183 -21.92 -20.16 4.40
C TYR B 183 -23.24 -20.12 5.15
N SER B 184 -23.46 -21.17 5.94
CA SER B 184 -24.67 -21.32 6.74
C SER B 184 -24.23 -21.57 8.17
N PHE B 185 -24.47 -20.61 9.04
CA PHE B 185 -24.12 -20.72 10.44
C PHE B 185 -25.36 -20.43 11.29
N ARG B 186 -25.21 -20.62 12.60
CA ARG B 186 -26.29 -20.40 13.55
C ARG B 186 -25.76 -19.58 14.73
N ILE B 187 -26.44 -18.48 15.05
CA ILE B 187 -26.06 -17.64 16.17
C ILE B 187 -27.09 -17.74 17.27
N THR B 188 -26.63 -17.79 18.53
CA THR B 188 -27.51 -17.82 19.69
C THR B 188 -27.11 -16.76 20.70
N ALA B 189 -28.11 -16.07 21.25
CA ALA B 189 -27.96 -15.06 22.28
C ALA B 189 -28.32 -15.65 23.65
N LEU B 190 -27.60 -15.19 24.69
CA LEU B 190 -27.73 -15.68 26.06
C LEU B 190 -27.83 -14.54 27.06
N ASP B 191 -28.63 -14.75 28.11
CA ASP B 191 -28.80 -13.82 29.20
C ASP B 191 -28.12 -14.32 30.47
N GLY B 192 -27.90 -13.40 31.42
CA GLY B 192 -27.20 -13.72 32.65
C GLY B 192 -28.07 -14.23 33.78
N GLY B 193 -28.65 -15.41 33.60
CA GLY B 193 -29.47 -16.03 34.62
C GLY B 193 -28.92 -17.39 34.99
N ASP B 194 -29.37 -17.88 36.15
CA ASP B 194 -28.95 -19.22 36.57
C ASP B 194 -29.29 -20.27 35.52
N PRO B 195 -30.55 -20.51 35.17
CA PRO B 195 -30.84 -21.17 33.90
C PRO B 195 -30.88 -20.16 32.77
N PRO B 196 -29.83 -20.08 31.96
CA PRO B 196 -29.80 -19.02 30.95
C PRO B 196 -30.80 -19.31 29.84
N ARG B 197 -31.39 -18.25 29.32
CA ARG B 197 -32.32 -18.38 28.20
C ARG B 197 -31.63 -17.94 26.93
N LEU B 198 -32.04 -18.54 25.82
CA LEU B 198 -31.33 -18.35 24.58
C LEU B 198 -32.29 -17.96 23.46
N GLY B 199 -31.71 -17.39 22.41
CA GLY B 199 -32.42 -17.20 21.16
C GLY B 199 -31.51 -17.59 20.01
N THR B 200 -32.09 -17.91 18.86
CA THR B 200 -31.26 -18.38 17.76
C THR B 200 -31.75 -17.79 16.45
N VAL B 201 -30.81 -17.61 15.51
CA VAL B 201 -31.15 -17.19 14.15
C VAL B 201 -30.12 -17.76 13.20
N GLY B 202 -30.58 -18.03 11.98
CA GLY B 202 -29.70 -18.49 10.93
C GLY B 202 -28.91 -17.34 10.33
N LEU B 203 -27.63 -17.58 10.12
CA LEU B 203 -26.72 -16.56 9.62
C LEU B 203 -26.19 -17.05 8.27
N SER B 204 -26.69 -16.44 7.19
CA SER B 204 -26.21 -16.74 5.84
C SER B 204 -25.13 -15.73 5.46
N ILE B 205 -23.98 -16.23 5.04
CA ILE B 205 -22.85 -15.39 4.66
C ILE B 205 -22.56 -15.61 3.18
N LYS B 206 -22.81 -14.59 2.37
CA LYS B 206 -22.46 -14.63 0.96
C LYS B 206 -21.10 -14.00 0.75
N VAL B 207 -20.18 -14.74 0.13
CA VAL B 207 -18.83 -14.25 -0.14
C VAL B 207 -18.87 -13.52 -1.49
N THR B 208 -18.83 -12.20 -1.46
CA THR B 208 -18.79 -11.43 -2.68
C THR B 208 -17.42 -11.58 -3.36
N ASP B 209 -17.44 -11.56 -4.69
CA ASP B 209 -16.25 -11.89 -5.47
C ASP B 209 -15.27 -10.73 -5.50
N SER B 210 -14.01 -11.07 -5.75
CA SER B 210 -12.96 -10.10 -6.01
C SER B 210 -12.15 -10.57 -7.21
N ASN B 211 -11.78 -9.64 -8.08
CA ASN B 211 -10.98 -9.97 -9.25
C ASN B 211 -9.57 -10.36 -8.81
N ASP B 212 -9.43 -11.55 -8.23
CA ASP B 212 -8.15 -12.06 -7.75
C ASP B 212 -7.66 -13.24 -8.58
N ASN B 213 -8.17 -13.39 -9.79
CA ASN B 213 -7.69 -14.38 -10.74
C ASN B 213 -7.50 -13.72 -12.09
N ASN B 214 -6.36 -13.97 -12.71
CA ASN B 214 -6.04 -13.43 -14.02
C ASN B 214 -6.34 -14.46 -15.10
N PRO B 215 -6.69 -14.04 -16.32
CA PRO B 215 -6.85 -15.01 -17.40
C PRO B 215 -5.57 -15.81 -17.59
N VAL B 216 -5.72 -17.07 -18.00
CA VAL B 216 -4.59 -17.98 -18.15
C VAL B 216 -4.82 -18.85 -19.38
N PHE B 217 -3.82 -18.90 -20.26
CA PHE B 217 -3.86 -19.76 -21.44
C PHE B 217 -3.44 -21.18 -21.08
N SER B 218 -3.95 -22.14 -21.85
CA SER B 218 -3.62 -23.55 -21.61
C SER B 218 -2.13 -23.79 -21.65
N GLU B 219 -1.45 -23.25 -22.65
CA GLU B 219 -0.01 -23.42 -22.81
C GLU B 219 0.64 -22.06 -23.02
N SER B 220 1.96 -22.02 -22.86
CA SER B 220 2.67 -20.75 -22.98
C SER B 220 2.79 -20.29 -24.42
N THR B 221 3.09 -21.21 -25.33
CA THR B 221 3.24 -20.89 -26.75
C THR B 221 2.42 -21.86 -27.58
N TYR B 222 2.02 -21.42 -28.77
CA TYR B 222 1.26 -22.23 -29.70
C TYR B 222 1.90 -22.18 -31.08
N ALA B 223 1.58 -23.19 -31.89
CA ALA B 223 2.10 -23.33 -33.25
C ALA B 223 1.01 -23.85 -34.17
N VAL B 224 0.74 -23.11 -35.25
CA VAL B 224 -0.28 -23.49 -36.24
C VAL B 224 0.28 -23.29 -37.63
N SER B 225 -0.30 -24.00 -38.60
CA SER B 225 0.07 -23.91 -40.00
C SER B 225 -1.14 -23.52 -40.84
N VAL B 226 -0.91 -22.68 -41.85
CA VAL B 226 -1.98 -22.22 -42.74
C VAL B 226 -1.52 -22.24 -44.20
N PRO B 227 -2.26 -22.87 -45.11
CA PRO B 227 -1.87 -22.83 -46.53
C PRO B 227 -1.96 -21.42 -47.10
N GLU B 228 -0.93 -21.06 -47.88
CA GLU B 228 -0.89 -19.74 -48.48
C GLU B 228 -2.12 -19.49 -49.33
N ASN B 229 -2.42 -18.21 -49.53
CA ASN B 229 -3.57 -17.77 -50.32
C ASN B 229 -4.90 -18.20 -49.69
N SER B 230 -4.88 -18.56 -48.41
CA SER B 230 -6.12 -18.89 -47.72
C SER B 230 -7.06 -17.69 -47.81
N PRO B 231 -8.33 -17.89 -48.17
CA PRO B 231 -9.20 -16.74 -48.43
C PRO B 231 -9.44 -15.94 -47.16
N PRO B 232 -9.91 -14.70 -47.30
CA PRO B 232 -10.23 -13.90 -46.12
C PRO B 232 -11.17 -14.64 -45.17
N ASN B 233 -11.02 -14.36 -43.86
CA ASN B 233 -11.89 -14.93 -42.82
C ASN B 233 -11.75 -16.45 -42.73
N THR B 234 -10.51 -16.90 -42.64
CA THR B 234 -10.24 -18.32 -42.48
C THR B 234 -9.83 -18.66 -41.04
N PRO B 235 -10.32 -19.77 -40.44
CA PRO B 235 -9.90 -20.10 -39.06
C PRO B 235 -8.42 -20.41 -38.94
N VAL B 236 -7.67 -19.49 -38.32
CA VAL B 236 -6.25 -19.68 -38.03
C VAL B 236 -6.11 -20.44 -36.73
N ILE B 237 -6.60 -19.86 -35.64
CA ILE B 237 -6.39 -20.50 -34.34
C ILE B 237 -7.44 -20.00 -33.37
N ARG B 238 -7.87 -20.88 -32.47
CA ARG B 238 -8.88 -20.56 -31.47
C ARG B 238 -8.26 -20.57 -30.08
N LEU B 239 -7.92 -19.38 -29.59
CA LEU B 239 -7.37 -19.24 -28.25
C LEU B 239 -8.49 -19.35 -27.22
N ASN B 240 -8.15 -19.90 -26.06
CA ASN B 240 -9.12 -20.17 -25.00
C ASN B 240 -8.45 -19.90 -23.64
N ALA B 241 -8.65 -18.69 -23.12
CA ALA B 241 -8.20 -18.31 -21.79
C ALA B 241 -9.31 -18.56 -20.77
N SER B 242 -8.88 -18.86 -19.54
CA SER B 242 -9.80 -19.18 -18.46
C SER B 242 -9.61 -18.19 -17.30
N ASP B 243 -10.73 -17.74 -16.74
CA ASP B 243 -10.73 -16.89 -15.55
C ASP B 243 -11.88 -17.30 -14.63
N PRO B 244 -11.61 -17.86 -13.45
CA PRO B 244 -12.70 -18.35 -12.60
C PRO B 244 -13.44 -17.28 -11.82
N ASP B 245 -13.11 -16.00 -11.99
CA ASP B 245 -13.81 -14.94 -11.26
C ASP B 245 -15.27 -14.87 -11.69
N GLU B 246 -16.00 -13.96 -11.06
CA GLU B 246 -17.44 -13.84 -11.22
C GLU B 246 -17.80 -12.73 -12.19
N GLY B 247 -18.72 -13.03 -13.11
CA GLY B 247 -19.24 -12.00 -13.99
C GLY B 247 -18.15 -11.28 -14.75
N THR B 248 -18.19 -9.95 -14.69
CA THR B 248 -17.22 -9.14 -15.41
C THR B 248 -15.80 -9.57 -15.10
N ASN B 249 -15.49 -9.80 -13.82
CA ASN B 249 -14.12 -10.15 -13.44
C ASN B 249 -13.68 -11.45 -14.10
N GLY B 250 -14.62 -12.34 -14.41
CA GLY B 250 -14.29 -13.60 -15.03
C GLY B 250 -14.47 -13.62 -16.53
N GLN B 251 -14.86 -12.50 -17.13
CA GLN B 251 -15.06 -12.41 -18.57
C GLN B 251 -13.77 -12.00 -19.25
N VAL B 252 -13.32 -12.82 -20.19
CA VAL B 252 -12.06 -12.61 -20.90
C VAL B 252 -12.35 -11.91 -22.21
N VAL B 253 -11.48 -10.98 -22.58
CA VAL B 253 -11.54 -10.32 -23.88
C VAL B 253 -10.16 -10.46 -24.49
N TYR B 254 -10.07 -11.19 -25.60
CA TYR B 254 -8.78 -11.34 -26.25
C TYR B 254 -8.50 -10.15 -27.15
N SER B 255 -7.22 -9.94 -27.43
CA SER B 255 -6.84 -8.83 -28.30
C SER B 255 -5.38 -9.01 -28.70
N PHE B 256 -4.97 -8.26 -29.71
CA PHE B 256 -3.59 -8.30 -30.16
C PHE B 256 -2.70 -7.37 -29.33
N TYR B 257 -1.46 -7.81 -29.14
CA TYR B 257 -0.47 -7.07 -28.39
C TYR B 257 0.83 -7.08 -29.16
N GLY B 258 1.69 -6.09 -28.91
CA GLY B 258 2.96 -5.99 -29.57
C GLY B 258 3.16 -4.60 -30.13
N TYR B 259 4.18 -4.47 -30.98
CA TYR B 259 4.42 -3.20 -31.64
C TYR B 259 3.28 -2.94 -32.63
N VAL B 260 2.90 -1.68 -32.76
CA VAL B 260 1.73 -1.35 -33.56
C VAL B 260 2.08 -1.39 -35.04
N ASN B 261 3.20 -0.80 -35.42
CA ASN B 261 3.66 -0.73 -36.81
C ASN B 261 4.31 -2.04 -37.23
N ASP B 262 3.46 -3.05 -37.40
CA ASP B 262 3.94 -4.38 -37.74
C ASP B 262 3.11 -4.95 -38.89
N ARG B 263 3.77 -5.76 -39.72
CA ARG B 263 3.10 -6.39 -40.86
C ARG B 263 1.86 -7.16 -40.41
N THR B 264 2.03 -7.99 -39.38
CA THR B 264 0.96 -8.85 -38.90
C THR B 264 -0.36 -8.12 -38.77
N ARG B 265 -0.34 -6.89 -38.25
CA ARG B 265 -1.58 -6.18 -37.97
C ARG B 265 -2.56 -6.29 -39.13
N GLU B 266 -2.07 -6.13 -40.37
CA GLU B 266 -3.01 -6.18 -41.48
C GLU B 266 -3.35 -7.59 -41.92
N LEU B 267 -2.52 -8.59 -41.61
CA LEU B 267 -2.77 -9.91 -42.16
C LEU B 267 -3.88 -10.62 -41.40
N PHE B 268 -3.80 -10.64 -40.08
CA PHE B 268 -4.74 -11.40 -39.26
C PHE B 268 -5.63 -10.45 -38.46
N GLN B 269 -6.69 -11.02 -37.91
CA GLN B 269 -7.58 -10.34 -36.97
C GLN B 269 -8.01 -11.35 -35.93
N ILE B 270 -8.45 -10.86 -34.78
CA ILE B 270 -8.88 -11.73 -33.69
C ILE B 270 -10.28 -11.34 -33.23
N ASP B 271 -11.07 -12.34 -32.86
CA ASP B 271 -12.37 -12.12 -32.26
C ASP B 271 -12.17 -11.77 -30.79
N PRO B 272 -12.35 -10.52 -30.38
CA PRO B 272 -11.98 -10.15 -29.00
C PRO B 272 -12.81 -10.86 -27.95
N HIS B 273 -14.12 -10.95 -28.15
CA HIS B 273 -15.00 -11.55 -27.16
C HIS B 273 -15.06 -13.08 -27.25
N SER B 274 -14.51 -13.68 -28.31
CA SER B 274 -14.54 -15.12 -28.47
C SER B 274 -13.16 -15.76 -28.59
N GLY B 275 -12.21 -15.06 -29.21
CA GLY B 275 -10.85 -15.55 -29.28
C GLY B 275 -10.46 -16.22 -30.59
N LEU B 276 -11.27 -16.09 -31.64
CA LEU B 276 -10.96 -16.71 -32.92
C LEU B 276 -10.04 -15.79 -33.71
N VAL B 277 -8.90 -16.34 -34.12
CA VAL B 277 -7.94 -15.65 -34.96
C VAL B 277 -8.19 -16.12 -36.38
N THR B 278 -8.63 -15.17 -37.21
CA THR B 278 -9.00 -15.37 -38.60
C THR B 278 -8.03 -14.57 -39.46
N VAL B 279 -7.88 -14.98 -40.70
CA VAL B 279 -7.01 -14.29 -41.66
C VAL B 279 -7.78 -13.19 -42.36
N THR B 280 -7.16 -12.03 -42.54
CA THR B 280 -7.78 -10.94 -43.27
C THR B 280 -7.10 -10.66 -44.60
N GLY B 281 -5.78 -10.76 -44.67
CA GLY B 281 -5.09 -10.48 -45.91
C GLY B 281 -4.58 -11.74 -46.58
N ALA B 282 -3.87 -11.54 -47.68
CA ALA B 282 -3.35 -12.65 -48.48
C ALA B 282 -1.98 -13.08 -48.00
N LEU B 283 -1.85 -14.38 -47.72
CA LEU B 283 -0.61 -15.01 -47.29
C LEU B 283 0.09 -15.67 -48.48
N ASP B 284 1.38 -15.37 -48.66
CA ASP B 284 2.18 -15.93 -49.75
C ASP B 284 3.44 -16.55 -49.17
N TYR B 285 3.54 -17.89 -49.24
CA TYR B 285 4.73 -18.58 -48.76
C TYR B 285 5.98 -18.05 -49.43
N GLU B 286 5.89 -17.69 -50.71
CA GLU B 286 7.05 -17.21 -51.44
C GLU B 286 7.56 -15.89 -50.89
N GLU B 287 6.71 -15.12 -50.20
CA GLU B 287 7.13 -13.86 -49.60
C GLU B 287 7.67 -14.06 -48.18
N GLY B 288 6.96 -14.83 -47.37
CA GLY B 288 7.39 -15.13 -46.01
C GLY B 288 6.83 -16.45 -45.52
N HIS B 289 7.61 -17.18 -44.71
CA HIS B 289 7.22 -18.50 -44.26
C HIS B 289 6.50 -18.49 -42.90
N VAL B 290 6.90 -17.60 -41.99
CA VAL B 290 6.39 -17.62 -40.63
C VAL B 290 5.98 -16.21 -40.22
N TYR B 291 5.04 -16.15 -39.29
CA TYR B 291 4.57 -14.91 -38.71
C TYR B 291 4.41 -15.10 -37.21
N GLU B 292 4.70 -14.04 -36.46
CA GLU B 292 4.63 -14.08 -35.00
C GLU B 292 3.47 -13.20 -34.54
N LEU B 293 2.47 -13.83 -33.91
CA LEU B 293 1.32 -13.13 -33.37
C LEU B 293 1.42 -13.11 -31.85
N ASP B 294 1.24 -11.96 -31.24
CA ASP B 294 1.22 -11.87 -29.79
C ASP B 294 -0.20 -11.53 -29.33
N VAL B 295 -0.88 -12.54 -28.76
CA VAL B 295 -2.25 -12.34 -28.26
C VAL B 295 -2.23 -12.23 -26.75
N GLN B 296 -3.05 -11.31 -26.23
CA GLN B 296 -3.25 -11.14 -24.81
C GLN B 296 -4.72 -11.33 -24.46
N ALA B 297 -4.96 -12.06 -23.36
CA ALA B 297 -6.26 -12.18 -22.75
C ALA B 297 -6.28 -11.36 -21.47
N LYS B 298 -7.29 -10.52 -21.32
CA LYS B 298 -7.45 -9.67 -20.15
C LYS B 298 -8.91 -9.70 -19.74
N ASP B 299 -9.16 -9.71 -18.44
CA ASP B 299 -10.53 -9.71 -17.96
C ASP B 299 -11.02 -8.29 -17.78
N LEU B 300 -12.34 -8.11 -17.89
CA LEU B 300 -12.92 -6.80 -17.71
C LEU B 300 -12.98 -6.48 -16.23
N GLY B 301 -12.82 -5.21 -15.90
CA GLY B 301 -12.89 -4.80 -14.52
C GLY B 301 -11.60 -4.27 -13.95
N PRO B 302 -11.56 -4.13 -12.63
CA PRO B 302 -10.36 -3.63 -11.94
C PRO B 302 -9.25 -4.66 -11.77
N ASN B 303 -8.04 -4.12 -11.56
CA ASN B 303 -6.85 -4.94 -11.35
C ASN B 303 -6.68 -6.00 -12.44
N SER B 304 -6.87 -5.58 -13.68
CA SER B 304 -6.78 -6.51 -14.78
C SER B 304 -5.32 -6.89 -14.98
N ILE B 305 -4.96 -8.11 -14.58
CA ILE B 305 -3.63 -8.65 -14.82
C ILE B 305 -3.72 -9.45 -16.12
N PRO B 306 -3.16 -8.96 -17.22
CA PRO B 306 -3.32 -9.69 -18.48
C PRO B 306 -2.34 -10.83 -18.60
N ALA B 307 -2.69 -11.77 -19.46
CA ALA B 307 -1.85 -12.91 -19.77
C ALA B 307 -1.60 -12.93 -21.26
N HIS B 308 -0.39 -13.32 -21.66
CA HIS B 308 0.01 -13.27 -23.05
C HIS B 308 0.46 -14.64 -23.53
N CYS B 309 0.35 -14.83 -24.84
CA CYS B 309 0.91 -16.01 -25.47
C CYS B 309 1.32 -15.62 -26.89
N LYS B 310 2.29 -16.36 -27.41
CA LYS B 310 2.84 -16.14 -28.73
C LYS B 310 2.40 -17.28 -29.62
N VAL B 311 1.86 -16.93 -30.77
CA VAL B 311 1.41 -17.89 -31.76
C VAL B 311 2.38 -17.78 -32.93
N THR B 312 3.11 -18.86 -33.19
CA THR B 312 4.01 -18.93 -34.34
C THR B 312 3.21 -19.56 -35.47
N VAL B 313 2.68 -18.71 -36.34
CA VAL B 313 1.86 -19.16 -37.47
C VAL B 313 2.77 -19.38 -38.66
N SER B 314 3.04 -20.65 -38.97
CA SER B 314 3.81 -21.05 -40.14
C SER B 314 2.91 -21.22 -41.36
N VAL B 315 3.35 -20.69 -42.48
CA VAL B 315 2.62 -20.80 -43.75
C VAL B 315 3.07 -22.03 -44.52
N LEU B 316 2.15 -22.59 -45.29
CA LEU B 316 2.41 -23.75 -46.14
C LEU B 316 2.46 -23.34 -47.60
N ASP B 317 3.31 -24.04 -48.36
CA ASP B 317 3.54 -23.74 -49.76
C ASP B 317 2.56 -24.53 -50.63
N THR B 318 1.71 -23.82 -51.36
CA THR B 318 0.89 -24.43 -52.38
C THR B 318 1.58 -24.32 -53.73
N ASN B 319 1.31 -25.31 -54.59
CA ASN B 319 1.84 -25.32 -55.95
C ASN B 319 1.00 -24.35 -56.78
N ASP B 320 1.36 -23.07 -56.71
CA ASP B 320 0.63 -22.02 -57.40
C ASP B 320 1.54 -21.18 -58.29
N ASN B 321 2.70 -21.72 -58.65
CA ASN B 321 3.61 -21.06 -59.58
C ASN B 321 4.02 -22.08 -60.64
N PRO B 322 3.85 -21.78 -61.92
CA PRO B 322 4.16 -22.75 -62.95
C PRO B 322 5.67 -22.89 -63.13
N PRO B 323 6.15 -24.00 -63.68
CA PRO B 323 7.57 -24.10 -64.01
C PRO B 323 7.89 -23.22 -65.20
N VAL B 324 8.90 -22.36 -65.03
CA VAL B 324 9.29 -21.43 -66.08
C VAL B 324 10.37 -22.12 -66.90
N ILE B 325 10.14 -22.19 -68.21
CA ILE B 325 11.09 -22.76 -69.15
C ILE B 325 11.85 -21.59 -69.76
N ASN B 326 13.16 -21.75 -69.92
CA ASN B 326 13.95 -20.68 -70.51
C ASN B 326 15.11 -21.31 -71.25
N LEU B 327 15.02 -21.33 -72.59
CA LEU B 327 16.11 -21.77 -73.43
C LEU B 327 17.03 -20.60 -73.72
N LEU B 328 18.34 -20.86 -73.77
CA LEU B 328 19.32 -19.83 -74.04
C LEU B 328 20.33 -20.35 -75.04
N SER B 329 20.37 -19.71 -76.21
CA SER B 329 21.36 -20.03 -77.22
C SER B 329 22.66 -19.28 -76.96
N VAL B 330 23.69 -19.60 -77.75
CA VAL B 330 24.99 -18.99 -77.56
C VAL B 330 24.88 -17.47 -77.62
N ASN B 331 24.30 -16.95 -78.71
CA ASN B 331 24.18 -15.51 -78.93
C ASN B 331 22.73 -15.08 -79.05
N SER B 332 21.81 -15.79 -78.41
CA SER B 332 20.39 -15.47 -78.44
C SER B 332 19.92 -15.24 -79.89
N GLU B 333 20.16 -16.26 -80.71
CA GLU B 333 19.79 -16.23 -82.12
C GLU B 333 18.90 -17.42 -82.43
N LEU B 334 18.30 -17.40 -83.62
CA LEU B 334 17.57 -18.56 -84.10
C LEU B 334 18.51 -19.75 -84.13
N VAL B 335 18.05 -20.89 -83.62
CA VAL B 335 18.95 -22.02 -83.39
C VAL B 335 19.30 -22.64 -84.74
N GLU B 336 20.55 -22.47 -85.16
CA GLU B 336 21.11 -23.10 -86.34
C GLU B 336 21.95 -24.29 -85.93
N VAL B 337 21.80 -25.39 -86.64
CA VAL B 337 22.56 -26.60 -86.39
C VAL B 337 23.20 -27.02 -87.71
N SER B 338 24.44 -27.50 -87.62
CA SER B 338 25.13 -27.92 -88.82
C SER B 338 24.57 -29.24 -89.32
N GLU B 339 24.55 -29.40 -90.63
CA GLU B 339 24.07 -30.64 -91.22
C GLU B 339 24.86 -31.83 -90.70
N SER B 340 26.19 -31.75 -90.79
CA SER B 340 27.08 -32.81 -90.29
C SER B 340 27.18 -32.69 -88.77
N ALA B 341 26.03 -32.95 -88.11
CA ALA B 341 25.97 -32.89 -86.66
C ALA B 341 26.12 -34.29 -86.08
N PRO B 342 27.25 -34.64 -85.44
CA PRO B 342 27.42 -35.99 -84.95
C PRO B 342 26.43 -36.28 -83.82
N PRO B 343 26.00 -37.52 -83.67
CA PRO B 343 25.08 -37.83 -82.55
C PRO B 343 25.62 -37.31 -81.23
N GLY B 344 24.77 -36.63 -80.48
CA GLY B 344 25.15 -36.12 -79.19
C GLY B 344 25.73 -34.73 -79.20
N TYR B 345 25.78 -34.06 -80.35
CA TYR B 345 26.25 -32.69 -80.38
C TYR B 345 25.21 -31.75 -79.77
N VAL B 346 25.66 -30.85 -78.92
CA VAL B 346 24.78 -29.96 -78.17
C VAL B 346 24.25 -28.86 -79.09
N ILE B 347 22.97 -28.55 -78.98
CA ILE B 347 22.31 -27.55 -79.83
C ILE B 347 22.07 -26.26 -79.06
N ALA B 348 21.32 -26.36 -77.97
CA ALA B 348 20.90 -25.22 -77.17
C ALA B 348 20.69 -25.72 -75.74
N LEU B 349 20.91 -24.84 -74.78
CA LEU B 349 20.77 -25.19 -73.38
C LEU B 349 19.45 -24.68 -72.83
N VAL B 350 18.86 -25.46 -71.94
CA VAL B 350 17.58 -25.13 -71.33
C VAL B 350 17.78 -25.00 -69.83
N ARG B 351 17.07 -24.05 -69.23
CA ARG B 351 17.05 -23.91 -67.78
C ARG B 351 15.61 -23.70 -67.35
N VAL B 352 15.18 -24.41 -66.32
CA VAL B 352 13.82 -24.28 -65.81
C VAL B 352 13.89 -23.94 -64.33
N SER B 353 12.98 -23.09 -63.88
CA SER B 353 12.91 -22.78 -62.45
C SER B 353 11.46 -22.88 -61.99
N ASP B 354 11.25 -22.69 -60.68
CA ASP B 354 9.91 -22.73 -60.12
C ASP B 354 9.96 -22.04 -58.76
N ARG B 355 9.20 -20.94 -58.63
CA ARG B 355 9.22 -20.14 -57.41
C ARG B 355 8.67 -20.89 -56.20
N ASP B 356 8.02 -22.02 -56.40
CA ASP B 356 7.53 -22.84 -55.29
C ASP B 356 8.72 -23.54 -54.61
N SER B 357 8.41 -24.43 -53.68
CA SER B 357 9.42 -25.16 -52.93
C SER B 357 9.07 -26.64 -52.90
N GLY B 358 10.05 -27.46 -52.56
CA GLY B 358 9.84 -28.89 -52.49
C GLY B 358 9.42 -29.46 -53.83
N LEU B 359 8.54 -30.45 -53.79
CA LEU B 359 8.04 -31.05 -55.02
C LEU B 359 7.22 -30.05 -55.84
N ASN B 360 6.67 -29.01 -55.20
CA ASN B 360 5.99 -27.97 -55.96
C ASN B 360 6.98 -27.19 -56.82
N GLY B 361 8.24 -27.16 -56.42
CA GLY B 361 9.27 -26.42 -57.13
C GLY B 361 10.14 -27.30 -58.01
N ARG B 362 10.01 -28.61 -57.84
CA ARG B 362 10.80 -29.56 -58.62
C ARG B 362 10.19 -29.74 -60.01
N VAL B 363 11.03 -29.73 -61.04
CA VAL B 363 10.57 -29.69 -62.42
C VAL B 363 11.10 -30.91 -63.16
N GLN B 364 10.42 -31.24 -64.26
CA GLN B 364 10.83 -32.28 -65.19
C GLN B 364 10.42 -31.84 -66.59
N CYS B 365 11.27 -32.14 -67.58
CA CYS B 365 11.13 -31.58 -68.91
C CYS B 365 10.83 -32.67 -69.94
N ARG B 366 10.24 -32.26 -71.06
CA ARG B 366 9.86 -33.18 -72.12
C ARG B 366 10.06 -32.50 -73.48
N LEU B 367 10.31 -33.32 -74.50
CA LEU B 367 10.44 -32.87 -75.88
C LEU B 367 9.36 -33.53 -76.71
N LEU B 368 8.54 -32.72 -77.36
CA LEU B 368 7.42 -33.24 -78.14
C LEU B 368 7.86 -33.53 -79.58
N GLY B 369 7.01 -34.27 -80.30
CA GLY B 369 7.25 -34.57 -81.71
C GLY B 369 8.20 -35.75 -81.93
N ASN B 370 8.26 -36.18 -83.20
CA ASN B 370 9.11 -37.27 -83.65
C ASN B 370 10.50 -36.80 -84.03
N VAL B 371 10.88 -35.59 -83.62
CA VAL B 371 12.09 -34.91 -84.10
C VAL B 371 13.37 -35.64 -83.71
N PRO B 372 14.47 -35.47 -84.47
CA PRO B 372 15.73 -36.18 -84.22
C PRO B 372 16.61 -35.50 -83.17
N PHE B 373 16.04 -35.24 -81.99
CA PHE B 373 16.77 -34.54 -80.94
C PHE B 373 16.44 -35.14 -79.58
N ARG B 374 17.45 -35.14 -78.71
CA ARG B 374 17.38 -35.62 -77.34
C ARG B 374 17.41 -34.46 -76.36
N LEU B 375 16.84 -34.71 -75.17
CA LEU B 375 16.88 -33.77 -74.05
C LEU B 375 17.45 -34.53 -72.87
N GLN B 376 18.78 -34.50 -72.73
CA GLN B 376 19.46 -35.16 -71.63
C GLN B 376 19.59 -34.21 -70.44
N GLU B 377 19.09 -34.65 -69.29
CA GLU B 377 18.95 -33.82 -68.10
C GLU B 377 20.22 -33.81 -67.26
N TYR B 378 20.66 -32.60 -66.89
CA TYR B 378 21.69 -32.39 -65.88
C TYR B 378 21.06 -31.83 -64.62
N GLU B 379 21.89 -31.63 -63.60
CA GLU B 379 21.46 -30.97 -62.38
C GLU B 379 21.17 -29.49 -62.69
N SER B 380 19.90 -29.11 -62.68
CA SER B 380 19.43 -27.74 -62.87
C SER B 380 19.49 -27.26 -64.32
N PHE B 381 19.97 -28.07 -65.26
CA PHE B 381 20.09 -27.60 -66.65
C PHE B 381 19.86 -28.77 -67.61
N SER B 382 18.78 -28.73 -68.37
CA SER B 382 18.50 -29.76 -69.37
C SER B 382 19.14 -29.36 -70.70
N THR B 383 19.89 -30.28 -71.29
CA THR B 383 20.59 -30.03 -72.55
C THR B 383 19.86 -30.66 -73.72
N ILE B 384 19.84 -29.94 -74.85
CA ILE B 384 19.30 -30.46 -76.11
C ILE B 384 20.46 -30.89 -76.99
N LEU B 385 20.35 -32.07 -77.60
CA LEU B 385 21.40 -32.67 -78.41
C LEU B 385 20.80 -33.28 -79.67
N VAL B 386 21.65 -33.48 -80.68
CA VAL B 386 21.24 -34.10 -81.95
C VAL B 386 21.25 -35.61 -81.80
N ASP B 387 20.21 -36.28 -82.33
CA ASP B 387 20.12 -37.73 -82.23
C ASP B 387 19.89 -38.43 -83.57
N GLY B 388 19.35 -37.76 -84.57
CA GLY B 388 19.10 -38.36 -85.87
C GLY B 388 19.98 -37.83 -86.98
N ARG B 389 19.62 -38.21 -88.19
CA ARG B 389 20.29 -37.73 -89.40
C ARG B 389 19.61 -36.43 -89.81
N LEU B 390 20.42 -35.41 -90.10
CA LEU B 390 19.91 -34.09 -90.47
C LEU B 390 20.11 -33.90 -91.97
N ASP B 391 19.01 -33.95 -92.73
CA ASP B 391 19.02 -33.75 -94.16
C ASP B 391 18.35 -32.42 -94.48
N ARG B 392 19.07 -31.57 -95.23
CA ARG B 392 18.52 -30.26 -95.58
C ARG B 392 17.17 -30.39 -96.27
N GLU B 393 16.97 -31.45 -97.04
CA GLU B 393 15.76 -31.61 -97.85
C GLU B 393 14.65 -32.33 -97.08
N GLN B 394 14.93 -33.54 -96.59
CA GLN B 394 13.90 -34.31 -95.89
C GLN B 394 13.33 -33.53 -94.72
N HIS B 395 14.17 -32.76 -94.02
CA HIS B 395 13.71 -31.89 -92.94
C HIS B 395 14.59 -30.66 -92.93
N ASP B 396 14.08 -29.55 -93.47
CA ASP B 396 14.84 -28.30 -93.47
C ASP B 396 14.82 -27.64 -92.09
N GLN B 397 13.62 -27.38 -91.56
CA GLN B 397 13.49 -26.73 -90.26
C GLN B 397 12.57 -27.56 -89.38
N TYR B 398 12.84 -27.51 -88.08
CA TYR B 398 11.96 -28.09 -87.07
C TYR B 398 11.40 -26.97 -86.21
N ASN B 399 10.31 -27.28 -85.51
CA ASN B 399 9.69 -26.37 -84.56
C ASN B 399 9.65 -27.07 -83.21
N LEU B 400 10.81 -27.22 -82.58
CA LEU B 400 10.90 -27.95 -81.32
C LEU B 400 10.09 -27.24 -80.25
N THR B 401 9.38 -28.03 -79.44
CA THR B 401 8.57 -27.51 -78.35
C THR B 401 8.93 -28.26 -77.08
N ILE B 402 9.35 -27.52 -76.06
CA ILE B 402 9.72 -28.09 -74.77
C ILE B 402 8.55 -27.92 -73.81
N GLN B 403 8.27 -28.95 -73.03
CA GLN B 403 7.34 -28.86 -71.91
C GLN B 403 8.09 -28.97 -70.59
N ALA B 404 7.58 -28.29 -69.58
CA ALA B 404 8.08 -28.41 -68.22
C ALA B 404 6.91 -28.60 -67.26
N ARG B 405 7.10 -29.48 -66.28
CA ARG B 405 6.02 -29.84 -65.36
C ARG B 405 6.59 -30.05 -63.97
N ASP B 406 5.90 -29.50 -62.97
CA ASP B 406 6.34 -29.63 -61.59
C ASP B 406 5.69 -30.83 -60.93
N GLY B 407 6.09 -31.12 -59.70
CA GLY B 407 5.58 -32.28 -58.98
C GLY B 407 4.61 -31.91 -57.87
N GLY B 408 3.89 -30.81 -58.04
CA GLY B 408 2.89 -30.39 -57.08
C GLY B 408 1.52 -30.95 -57.38
N VAL B 409 0.57 -30.61 -56.52
CA VAL B 409 -0.81 -31.07 -56.67
C VAL B 409 -1.78 -29.89 -56.48
N PRO B 410 -2.49 -29.50 -57.55
CA PRO B 410 -2.46 -30.02 -58.91
C PRO B 410 -1.19 -29.60 -59.64
N MET B 411 -0.61 -30.50 -60.44
CA MET B 411 0.62 -30.18 -61.14
C MET B 411 0.36 -29.10 -62.20
N LEU B 412 1.42 -28.39 -62.54
CA LEU B 412 1.37 -27.29 -63.49
C LEU B 412 2.38 -27.53 -64.59
N GLN B 413 2.03 -27.12 -65.81
CA GLN B 413 2.92 -27.28 -66.95
C GLN B 413 3.22 -25.93 -67.57
N SER B 414 4.15 -25.95 -68.53
CA SER B 414 4.47 -24.79 -69.34
C SER B 414 5.08 -25.30 -70.64
N ALA B 415 4.92 -24.51 -71.69
CA ALA B 415 5.39 -24.88 -73.02
C ALA B 415 6.15 -23.72 -73.66
N LYS B 416 7.27 -24.03 -74.29
CA LYS B 416 8.05 -23.04 -75.02
C LYS B 416 8.51 -23.63 -76.34
N SER B 417 8.19 -22.95 -77.44
CA SER B 417 8.48 -23.45 -78.79
C SER B 417 9.51 -22.56 -79.47
N PHE B 418 10.59 -23.19 -79.94
CA PHE B 418 11.61 -22.52 -80.73
C PHE B 418 11.86 -23.33 -81.99
N THR B 419 12.21 -22.64 -83.07
CA THR B 419 12.46 -23.27 -84.36
C THR B 419 13.96 -23.48 -84.56
N VAL B 420 14.32 -24.65 -85.07
CA VAL B 420 15.70 -24.99 -85.40
C VAL B 420 15.81 -25.13 -86.90
N LEU B 421 16.94 -24.70 -87.46
CA LEU B 421 17.19 -24.87 -88.89
C LEU B 421 18.51 -25.56 -89.12
N ILE B 422 18.61 -26.29 -90.23
CA ILE B 422 19.78 -27.10 -90.56
C ILE B 422 20.55 -26.42 -91.68
N THR B 423 21.88 -26.43 -91.59
CA THR B 423 22.70 -25.82 -92.64
C THR B 423 24.05 -26.54 -92.74
N ASP B 424 24.65 -26.45 -93.93
CA ASP B 424 25.91 -27.15 -94.18
C ASP B 424 27.11 -26.31 -93.78
N HIS B 425 27.23 -25.10 -94.33
CA HIS B 425 28.40 -24.25 -94.10
C HIS B 425 27.95 -22.86 -93.70
N HIS B 426 28.44 -22.38 -92.56
CA HIS B 426 28.13 -21.05 -92.03
C HIS B 426 29.38 -20.20 -92.07
N HIS B 427 29.31 -19.10 -92.81
CA HIS B 427 30.42 -18.14 -92.95
C HIS B 427 29.92 -16.78 -92.48
N HIS B 428 29.79 -16.63 -91.17
CA HIS B 428 29.34 -15.37 -90.58
C HIS B 428 29.59 -15.36 -89.07
N LEU C 1 64.36 19.93 -47.85
CA LEU C 1 63.98 20.04 -49.29
C LEU C 1 63.06 18.88 -49.68
N ILE C 2 63.54 17.64 -49.54
CA ILE C 2 62.78 16.46 -49.91
C ILE C 2 61.99 15.97 -48.70
N ASN C 3 60.73 15.62 -48.92
CA ASN C 3 59.84 15.13 -47.88
C ASN C 3 59.14 13.86 -48.34
N LEU C 4 59.11 12.84 -47.47
CA LEU C 4 58.32 11.63 -47.70
C LEU C 4 57.47 11.37 -46.48
N LYS C 5 56.15 11.45 -46.67
CA LYS C 5 55.20 11.20 -45.60
C LYS C 5 54.56 9.83 -45.76
N TYR C 6 54.23 9.21 -44.63
CA TYR C 6 53.55 7.91 -44.61
C TYR C 6 52.52 7.91 -43.49
N SER C 7 51.76 6.81 -43.38
CA SER C 7 50.80 6.68 -42.31
C SER C 7 50.51 5.20 -42.11
N VAL C 8 50.27 4.79 -40.86
CA VAL C 8 50.02 3.39 -40.55
C VAL C 8 49.33 3.32 -39.20
N GLU C 9 48.47 2.31 -39.04
CA GLU C 9 47.80 2.10 -37.77
C GLU C 9 48.82 1.73 -36.69
N GLU C 10 48.41 1.91 -35.44
CA GLU C 10 49.25 1.57 -34.31
C GLU C 10 49.25 0.06 -34.07
N GLU C 11 50.09 -0.37 -33.13
CA GLU C 11 50.10 -1.74 -32.63
C GLU C 11 50.37 -2.75 -33.75
N GLN C 12 51.16 -2.35 -34.74
CA GLN C 12 51.57 -3.25 -35.81
C GLN C 12 52.63 -4.22 -35.32
N ARG C 13 52.50 -5.48 -35.72
CA ARG C 13 53.51 -6.49 -35.39
C ARG C 13 54.90 -5.94 -35.67
N ALA C 14 55.79 -6.06 -34.67
CA ALA C 14 57.15 -5.58 -34.85
C ALA C 14 57.76 -6.19 -36.10
N GLY C 15 58.71 -5.46 -36.68
CA GLY C 15 59.30 -5.88 -37.94
C GLY C 15 58.39 -5.62 -39.14
N THR C 16 57.56 -4.60 -39.08
CA THR C 16 56.72 -4.23 -40.21
C THR C 16 57.49 -3.39 -41.20
N VAL C 17 57.19 -3.60 -42.49
CA VAL C 17 57.76 -2.80 -43.56
C VAL C 17 56.78 -1.68 -43.88
N ILE C 18 57.11 -0.45 -43.49
CA ILE C 18 56.25 0.68 -43.78
C ILE C 18 56.23 0.98 -45.27
N ALA C 19 57.40 1.17 -45.87
CA ALA C 19 57.48 1.53 -47.27
C ALA C 19 58.92 1.45 -47.73
N ASN C 20 59.09 1.27 -49.04
CA ASN C 20 60.41 1.23 -49.67
C ASN C 20 60.81 2.66 -50.00
N VAL C 21 61.57 3.27 -49.09
CA VAL C 21 61.96 4.67 -49.29
C VAL C 21 62.86 4.84 -50.50
N ALA C 22 63.68 3.83 -50.81
CA ALA C 22 64.55 3.96 -51.97
C ALA C 22 63.73 4.18 -53.24
N LYS C 23 62.71 3.35 -53.46
CA LYS C 23 61.93 3.44 -54.69
C LYS C 23 61.24 4.79 -54.81
N ASP C 24 60.45 5.19 -53.81
CA ASP C 24 59.67 6.41 -53.91
C ASP C 24 60.53 7.67 -53.77
N ALA C 25 61.58 7.60 -52.96
CA ALA C 25 62.53 8.70 -52.86
C ALA C 25 63.22 8.96 -54.20
N ARG C 26 63.73 7.88 -54.82
CA ARG C 26 64.28 8.00 -56.16
C ARG C 26 63.25 8.62 -57.10
N GLU C 27 62.02 8.13 -57.05
CA GLU C 27 60.95 8.73 -57.84
C GLU C 27 60.84 10.23 -57.54
N ALA C 28 61.14 10.64 -56.31
CA ALA C 28 61.04 12.04 -55.87
C ALA C 28 62.26 12.89 -56.22
N GLY C 29 63.35 12.28 -56.71
CA GLY C 29 64.52 13.02 -57.19
C GLY C 29 65.70 13.06 -56.22
N PHE C 30 66.09 11.90 -55.71
CA PHE C 30 67.20 11.77 -54.79
C PHE C 30 68.53 11.57 -55.53
N ALA C 31 69.62 11.87 -54.84
CA ALA C 31 70.98 11.56 -55.30
C ALA C 31 71.28 10.08 -55.12
N PHE C 40 73.88 6.83 -48.36
CA PHE C 40 72.63 7.22 -47.74
C PHE C 40 72.56 6.74 -46.29
N ARG C 41 72.62 7.68 -45.34
CA ARG C 41 72.69 7.34 -43.93
C ARG C 41 71.75 8.24 -43.14
N VAL C 42 71.22 7.69 -42.05
CA VAL C 42 70.32 8.44 -41.16
C VAL C 42 71.09 9.50 -40.39
N VAL C 43 70.70 10.76 -40.54
CA VAL C 43 71.25 11.83 -39.73
C VAL C 43 70.59 11.87 -38.37
N SER C 44 69.26 11.92 -38.33
CA SER C 44 68.54 12.10 -37.08
C SER C 44 67.15 11.52 -37.25
N ASN C 45 66.52 11.15 -36.14
CA ASN C 45 65.16 10.65 -36.22
C ASN C 45 64.43 10.88 -34.91
N SER C 46 63.12 11.10 -35.02
CA SER C 46 62.30 11.40 -33.86
C SER C 46 62.41 10.31 -32.81
N ALA C 47 62.28 9.05 -33.23
CA ALA C 47 62.27 7.91 -32.31
C ALA C 47 63.09 6.76 -32.86
N PRO C 48 64.34 6.59 -32.43
CA PRO C 48 65.14 5.46 -32.95
C PRO C 48 64.58 4.10 -32.59
N HIS C 49 63.94 3.96 -31.43
CA HIS C 49 63.52 2.64 -30.98
C HIS C 49 62.29 2.10 -31.69
N LEU C 50 61.62 2.91 -32.51
CA LEU C 50 60.44 2.46 -33.22
C LEU C 50 60.69 2.18 -34.70
N VAL C 51 61.33 3.10 -35.41
CA VAL C 51 61.50 2.98 -36.84
C VAL C 51 62.98 3.12 -37.18
N ASP C 52 63.39 2.41 -38.23
CA ASP C 52 64.76 2.44 -38.73
C ASP C 52 64.70 2.24 -40.23
N ILE C 53 65.59 2.91 -40.94
CA ILE C 53 65.79 2.72 -42.36
C ILE C 53 67.01 1.84 -42.54
N ASN C 54 66.96 0.96 -43.54
CA ASN C 54 68.08 0.09 -43.80
C ASN C 54 68.92 0.73 -44.90
N PRO C 55 70.19 1.05 -44.64
CA PRO C 55 71.02 1.63 -45.72
C PRO C 55 71.21 0.68 -46.89
N SER C 56 71.22 -0.62 -46.63
CA SER C 56 71.41 -1.61 -47.69
C SER C 56 70.15 -1.78 -48.55
N SER C 57 69.03 -2.09 -47.91
CA SER C 57 67.80 -2.38 -48.65
C SER C 57 67.04 -1.10 -49.02
N GLY C 58 67.10 -0.08 -48.17
CA GLY C 58 66.33 1.13 -48.43
C GLY C 58 64.87 0.93 -48.09
N LEU C 59 64.59 0.39 -46.90
CA LEU C 59 63.24 0.07 -46.47
C LEU C 59 62.97 0.65 -45.09
N LEU C 60 61.71 1.01 -44.88
CA LEU C 60 61.25 1.57 -43.61
C LEU C 60 60.72 0.42 -42.76
N VAL C 61 61.45 0.06 -41.71
CA VAL C 61 60.99 -1.04 -40.86
C VAL C 61 60.77 -0.52 -39.44
N THR C 62 59.76 -1.10 -38.78
CA THR C 62 59.48 -0.79 -37.39
C THR C 62 60.33 -1.72 -36.52
N LYS C 63 61.10 -1.14 -35.61
CA LYS C 63 61.92 -1.95 -34.72
C LYS C 63 61.07 -2.67 -33.69
N GLN C 64 60.06 -1.99 -33.14
CA GLN C 64 59.18 -2.58 -32.15
C GLN C 64 57.73 -2.32 -32.54
N LYS C 65 56.82 -2.82 -31.71
CA LYS C 65 55.40 -2.54 -31.90
C LYS C 65 55.11 -1.13 -31.42
N ILE C 66 54.41 -0.36 -32.23
CA ILE C 66 54.17 1.04 -31.93
C ILE C 66 52.82 1.16 -31.22
N ASP C 67 52.84 1.81 -30.06
CA ASP C 67 51.63 2.11 -29.29
C ASP C 67 51.49 3.62 -29.27
N ARG C 68 50.69 4.15 -30.21
CA ARG C 68 50.53 5.60 -30.32
C ARG C 68 50.13 6.22 -28.99
N ASP C 69 49.30 5.50 -28.22
CA ASP C 69 48.77 6.06 -26.98
C ASP C 69 49.87 6.30 -25.94
N LEU C 70 51.04 5.69 -26.10
CA LEU C 70 52.18 5.98 -25.24
C LEU C 70 53.00 7.15 -25.77
N LEU C 71 53.31 7.14 -27.07
CA LEU C 71 54.12 8.21 -27.64
C LEU C 71 53.47 9.56 -27.44
N CYS C 72 52.25 9.73 -27.92
CA CYS C 72 51.63 11.04 -28.06
C CYS C 72 50.46 11.25 -27.11
N ARG C 73 50.14 10.27 -26.27
CA ARG C 73 49.10 10.41 -25.25
C ARG C 73 47.81 10.80 -25.96
N GLN C 74 47.19 11.92 -25.64
CA GLN C 74 46.03 12.43 -26.36
C GLN C 74 46.40 13.44 -27.44
N SER C 75 47.68 13.77 -27.58
CA SER C 75 48.10 14.74 -28.59
C SER C 75 47.45 14.39 -29.94
N PRO C 76 46.86 15.36 -30.64
CA PRO C 76 45.99 15.01 -31.77
C PRO C 76 46.69 14.24 -32.88
N LYS C 77 47.90 14.65 -33.24
CA LYS C 77 48.67 13.97 -34.26
C LYS C 77 49.86 13.27 -33.64
N CYS C 78 50.28 12.18 -34.26
CA CYS C 78 51.44 11.42 -33.79
C CYS C 78 52.29 11.09 -35.01
N ILE C 79 53.29 11.92 -35.28
CA ILE C 79 54.19 11.74 -36.40
C ILE C 79 55.57 11.47 -35.85
N ILE C 80 56.25 10.49 -36.42
CA ILE C 80 57.66 10.25 -36.15
C ILE C 80 58.42 10.93 -37.29
N SER C 81 59.17 11.97 -36.92
CA SER C 81 60.01 12.71 -37.85
C SER C 81 61.37 12.05 -37.92
N LEU C 82 61.80 11.76 -39.14
CA LEU C 82 63.01 10.99 -39.35
C LEU C 82 63.75 11.55 -40.55
N GLU C 83 64.92 12.13 -40.33
CA GLU C 83 65.66 12.86 -41.34
C GLU C 83 66.91 12.09 -41.73
N VAL C 84 67.13 11.96 -43.04
CA VAL C 84 68.25 11.22 -43.59
C VAL C 84 69.04 12.11 -44.55
N MET C 85 70.34 11.84 -44.68
CA MET C 85 71.26 12.63 -45.50
C MET C 85 71.83 11.84 -46.66
N SER C 86 72.05 12.55 -47.76
CA SER C 86 72.54 11.99 -49.01
C SER C 86 74.07 12.05 -49.13
N SER C 87 74.55 11.48 -50.23
CA SER C 87 75.95 11.62 -50.61
C SER C 87 76.31 13.08 -50.83
N SER C 88 75.40 13.84 -51.46
CA SER C 88 75.66 15.21 -51.88
C SER C 88 74.96 16.24 -51.00
N MET C 89 75.06 16.10 -49.67
CA MET C 89 74.50 17.08 -48.75
C MET C 89 73.02 17.32 -49.01
N GLU C 90 72.30 16.27 -49.38
CA GLU C 90 70.87 16.37 -49.64
C GLU C 90 70.13 15.50 -48.63
N ILE C 91 68.98 15.99 -48.18
CA ILE C 91 68.28 15.41 -47.05
C ILE C 91 66.87 15.04 -47.47
N CYS C 92 66.37 13.95 -46.90
CA CYS C 92 64.98 13.55 -47.02
C CYS C 92 64.42 13.49 -45.60
N VAL C 93 63.58 14.46 -45.28
CA VAL C 93 62.81 14.41 -44.05
C VAL C 93 61.63 13.48 -44.31
N ILE C 94 61.44 12.50 -43.45
CA ILE C 94 60.40 11.49 -43.60
C ILE C 94 59.52 11.57 -42.36
N LYS C 95 58.24 11.84 -42.57
CA LYS C 95 57.31 11.98 -41.45
C LYS C 95 56.24 10.91 -41.60
N VAL C 96 56.25 9.97 -40.66
CA VAL C 96 55.33 8.84 -40.67
C VAL C 96 54.26 9.09 -39.61
N GLU C 97 53.00 9.01 -40.01
CA GLU C 97 51.89 9.25 -39.11
C GLU C 97 51.42 7.94 -38.51
N ILE C 98 51.11 7.99 -37.22
CA ILE C 98 50.63 6.83 -36.48
C ILE C 98 49.15 7.07 -36.25
N LYS C 99 48.31 6.41 -37.03
CA LYS C 99 46.87 6.58 -36.87
C LYS C 99 46.41 5.89 -35.59
N ASP C 100 45.59 6.60 -34.81
CA ASP C 100 45.15 6.07 -33.52
C ASP C 100 44.03 5.06 -33.74
N LEU C 101 44.11 3.95 -33.02
CA LEU C 101 43.07 2.95 -32.99
C LEU C 101 42.38 2.96 -31.64
N ASN C 102 41.09 2.63 -31.64
CA ASN C 102 40.32 2.52 -30.40
C ASN C 102 40.55 1.14 -29.78
N ASP C 103 41.82 0.83 -29.54
CA ASP C 103 42.20 -0.43 -28.95
C ASP C 103 42.06 -0.45 -27.44
N ASN C 104 41.70 0.68 -26.83
CA ASN C 104 41.48 0.77 -25.39
C ASN C 104 40.04 1.17 -25.13
N ALA C 105 39.37 0.39 -24.34
CA ALA C 105 38.04 0.73 -23.86
C ALA C 105 38.16 1.45 -22.52
N PRO C 106 37.27 2.40 -22.23
CA PRO C 106 37.40 3.12 -20.96
C PRO C 106 37.39 2.14 -19.80
N SER C 107 38.25 2.39 -18.83
CA SER C 107 38.49 1.44 -17.75
C SER C 107 38.44 2.17 -16.42
N PHE C 108 37.83 1.52 -15.43
CA PHE C 108 37.84 2.01 -14.06
C PHE C 108 38.81 1.16 -13.26
N PRO C 109 39.80 1.76 -12.59
CA PRO C 109 40.72 0.92 -11.81
C PRO C 109 40.07 0.32 -10.59
N ALA C 110 39.21 1.08 -9.92
CA ALA C 110 38.50 0.60 -8.76
C ALA C 110 37.24 -0.14 -9.18
N ALA C 111 36.91 -1.20 -8.46
CA ALA C 111 35.66 -1.91 -8.74
C ALA C 111 34.46 -1.05 -8.39
N GLN C 112 34.50 -0.37 -7.24
CA GLN C 112 33.45 0.56 -6.86
C GLN C 112 34.03 1.91 -6.45
N ILE C 113 33.22 2.94 -6.61
CA ILE C 113 33.52 4.29 -6.15
C ILE C 113 32.58 4.59 -4.99
N GLU C 114 33.13 4.63 -3.79
CA GLU C 114 32.35 4.95 -2.60
C GLU C 114 32.41 6.45 -2.34
N LEU C 115 31.25 7.04 -2.06
CA LEU C 115 31.16 8.47 -1.79
C LEU C 115 30.35 8.66 -0.52
N GLU C 116 30.63 9.75 0.19
CA GLU C 116 29.90 10.09 1.41
C GLU C 116 29.29 11.48 1.24
N ILE C 117 27.97 11.55 1.29
CA ILE C 117 27.23 12.79 1.14
C ILE C 117 26.36 12.99 2.38
N SER C 118 26.42 14.19 2.94
CA SER C 118 25.57 14.52 4.08
C SER C 118 24.13 14.68 3.63
N GLU C 119 23.20 14.10 4.39
CA GLU C 119 21.79 14.25 4.08
C GLU C 119 21.39 15.72 3.95
N ALA C 120 22.16 16.63 4.53
CA ALA C 120 21.91 18.06 4.43
C ALA C 120 22.45 18.66 3.13
N ALA C 121 22.81 17.83 2.17
CA ALA C 121 23.33 18.32 0.89
C ALA C 121 22.24 19.09 0.15
N SER C 122 22.43 20.40 0.01
CA SER C 122 21.46 21.21 -0.70
C SER C 122 21.32 20.71 -2.14
N PRO C 123 20.11 20.62 -2.67
CA PRO C 123 19.97 20.31 -4.10
C PRO C 123 20.81 21.26 -4.93
N GLY C 124 21.59 20.70 -5.85
CA GLY C 124 22.60 21.45 -6.56
C GLY C 124 24.01 21.08 -6.14
N THR C 125 24.18 20.57 -4.93
CA THR C 125 25.48 20.10 -4.47
C THR C 125 26.12 19.20 -5.52
N ARG C 126 27.39 19.48 -5.82
CA ARG C 126 28.11 18.80 -6.88
C ARG C 126 29.35 18.10 -6.31
N ILE C 127 29.63 16.91 -6.81
CA ILE C 127 30.80 16.13 -6.40
C ILE C 127 31.54 15.61 -7.63
N PRO C 128 32.69 16.18 -7.99
CA PRO C 128 33.48 15.63 -9.12
C PRO C 128 33.81 14.16 -8.93
N LEU C 129 33.53 13.38 -9.98
CA LEU C 129 33.81 11.95 -9.97
C LEU C 129 35.14 11.70 -10.66
N ASP C 130 35.84 10.66 -10.20
CA ASP C 130 37.10 10.29 -10.82
C ASP C 130 36.82 9.83 -12.23
N SER C 131 37.28 10.58 -13.23
CA SER C 131 37.01 10.21 -14.60
C SER C 131 37.65 8.87 -14.93
N ALA C 132 37.03 8.14 -15.87
CA ALA C 132 37.57 6.86 -16.27
C ALA C 132 38.83 7.06 -17.09
N TYR C 133 39.54 5.97 -17.36
CA TYR C 133 40.84 6.04 -18.00
C TYR C 133 40.74 5.39 -19.38
N ASP C 134 40.86 6.21 -20.42
CA ASP C 134 40.94 5.71 -21.79
C ASP C 134 42.06 6.48 -22.49
N PRO C 135 43.21 5.85 -22.75
CA PRO C 135 44.36 6.58 -23.29
C PRO C 135 44.25 6.97 -24.76
N ASP C 136 43.21 6.54 -25.46
CA ASP C 136 43.05 6.92 -26.86
C ASP C 136 42.94 8.44 -26.99
N SER C 137 43.05 8.91 -28.23
CA SER C 137 43.15 10.35 -28.51
C SER C 137 41.79 10.89 -28.93
N GLY C 138 41.41 12.02 -28.34
CA GLY C 138 40.21 12.74 -28.70
C GLY C 138 38.94 11.90 -28.76
N SER C 139 38.32 11.85 -29.95
CA SER C 139 37.07 11.11 -30.11
C SER C 139 37.17 9.71 -29.51
N PHE C 140 38.27 9.02 -29.76
CA PHE C 140 38.41 7.64 -29.29
C PHE C 140 38.62 7.56 -27.79
N GLY C 141 38.78 8.69 -27.11
CA GLY C 141 38.88 8.71 -25.67
C GLY C 141 37.49 8.73 -25.04
N VAL C 142 37.48 8.87 -23.72
CA VAL C 142 36.22 8.96 -23.00
C VAL C 142 35.40 10.11 -23.55
N GLN C 143 34.13 9.85 -23.86
CA GLN C 143 33.22 10.85 -24.36
C GLN C 143 32.07 11.14 -23.40
N THR C 144 31.37 10.11 -22.92
CA THR C 144 30.21 10.36 -22.07
C THR C 144 30.17 9.36 -20.93
N TYR C 145 29.37 9.68 -19.93
CA TYR C 145 29.10 8.80 -18.81
C TYR C 145 27.59 8.66 -18.65
N GLU C 146 27.19 7.58 -17.97
CA GLU C 146 25.79 7.30 -17.71
C GLU C 146 25.68 6.80 -16.28
N LEU C 147 24.70 7.31 -15.56
CA LEU C 147 24.39 6.85 -14.21
C LEU C 147 23.08 6.09 -14.22
N THR C 148 22.95 5.16 -13.29
CA THR C 148 21.70 4.42 -13.16
C THR C 148 20.55 5.41 -13.04
N PRO C 149 19.50 5.29 -13.85
CA PRO C 149 18.38 6.22 -13.75
C PRO C 149 17.81 6.27 -12.34
N ASN C 150 17.70 7.48 -11.79
CA ASN C 150 17.15 7.67 -10.46
C ASN C 150 16.62 9.09 -10.39
N GLU C 151 15.97 9.40 -9.26
CA GLU C 151 15.35 10.71 -9.05
C GLU C 151 16.18 11.61 -8.16
N LEU C 152 17.00 11.05 -7.28
CA LEU C 152 17.77 11.82 -6.31
C LEU C 152 19.03 12.42 -6.89
N PHE C 153 19.73 11.69 -7.74
CA PHE C 153 21.04 12.11 -8.22
C PHE C 153 21.05 12.26 -9.73
N GLY C 154 21.89 13.17 -10.22
CA GLY C 154 22.09 13.36 -11.63
C GLY C 154 23.56 13.46 -11.95
N LEU C 155 23.86 13.39 -13.24
CA LEU C 155 25.23 13.44 -13.72
C LEU C 155 25.40 14.63 -14.66
N GLU C 156 26.52 15.33 -14.54
CA GLU C 156 26.84 16.43 -15.42
C GLU C 156 28.19 16.17 -16.08
N ILE C 157 28.22 16.22 -17.42
CA ILE C 157 29.43 15.97 -18.19
C ILE C 157 30.06 17.31 -18.53
N LYS C 158 31.38 17.37 -18.39
CA LYS C 158 32.15 18.58 -18.65
C LYS C 158 33.46 18.23 -19.34
N THR C 159 34.03 19.23 -20.00
CA THR C 159 35.28 19.08 -20.73
C THR C 159 36.24 20.06 -20.06
N ARG C 160 37.13 19.51 -19.22
CA ARG C 160 37.99 20.32 -18.37
C ARG C 160 39.23 20.80 -19.10
N GLY C 161 40.02 19.88 -19.66
CA GLY C 161 41.35 20.24 -20.11
C GLY C 161 41.52 20.14 -21.60
N ASP C 162 41.08 21.18 -22.31
CA ASP C 162 41.21 21.25 -23.77
C ASP C 162 40.78 19.93 -24.42
N GLY C 163 39.52 19.56 -24.19
CA GLY C 163 38.94 18.32 -24.67
C GLY C 163 38.84 17.18 -23.68
N SER C 164 39.62 17.17 -22.60
CA SER C 164 39.51 16.10 -21.62
C SER C 164 38.18 16.19 -20.87
N ARG C 165 37.45 15.08 -20.79
CA ARG C 165 36.14 15.07 -20.17
C ARG C 165 36.12 14.37 -18.81
N PHE C 166 35.30 14.92 -17.91
CA PHE C 166 35.01 14.31 -16.63
C PHE C 166 33.57 14.66 -16.28
N ALA C 167 32.97 13.88 -15.38
CA ALA C 167 31.56 14.02 -15.04
C ALA C 167 31.39 14.03 -13.53
N GLU C 168 30.61 14.99 -13.00
CA GLU C 168 30.35 15.03 -11.57
C GLU C 168 28.92 14.66 -11.23
N LEU C 169 28.77 14.21 -9.99
CA LEU C 169 27.47 13.93 -9.41
C LEU C 169 26.81 15.22 -8.96
N VAL C 170 25.49 15.22 -8.96
CA VAL C 170 24.70 16.39 -8.56
C VAL C 170 23.53 15.90 -7.73
N VAL C 171 23.40 16.43 -6.51
CA VAL C 171 22.21 16.12 -5.73
C VAL C 171 21.05 16.84 -6.41
N GLU C 172 20.09 16.08 -6.92
CA GLU C 172 19.00 16.67 -7.69
C GLU C 172 17.86 17.14 -6.79
N LYS C 173 17.60 16.43 -5.71
CA LYS C 173 16.61 16.86 -4.74
C LYS C 173 17.07 16.42 -3.35
N SER C 174 16.41 16.96 -2.33
CA SER C 174 16.85 16.77 -0.96
C SER C 174 17.02 15.30 -0.62
N LEU C 175 18.10 15.01 0.12
CA LEU C 175 18.36 13.67 0.65
C LEU C 175 17.89 13.59 2.10
N ASP C 176 17.83 12.36 2.61
CA ASP C 176 17.47 12.14 4.01
C ASP C 176 17.97 10.76 4.41
N ARG C 177 18.91 10.71 5.35
CA ARG C 177 19.44 9.42 5.81
C ARG C 177 18.37 8.63 6.54
N GLU C 178 17.57 9.29 7.38
CA GLU C 178 16.56 8.60 8.17
C GLU C 178 15.53 7.87 7.33
N THR C 179 15.49 8.10 6.02
CA THR C 179 14.63 7.37 5.11
C THR C 179 15.37 6.29 4.34
N GLN C 180 16.50 6.64 3.73
CA GLN C 180 17.35 5.72 3.00
C GLN C 180 18.79 6.13 3.28
N SER C 181 19.55 5.25 3.93
CA SER C 181 20.90 5.58 4.35
C SER C 181 21.92 5.32 3.25
N HIS C 182 21.71 4.26 2.47
CA HIS C 182 22.65 3.86 1.43
C HIS C 182 21.98 3.85 0.07
N TYR C 183 22.77 4.13 -0.97
CA TYR C 183 22.33 4.03 -2.34
C TYR C 183 23.36 3.25 -3.12
N SER C 184 22.90 2.44 -4.09
CA SER C 184 23.78 1.65 -4.94
C SER C 184 23.42 1.89 -6.38
N PHE C 185 24.35 2.47 -7.15
CA PHE C 185 24.11 2.82 -8.54
C PHE C 185 25.20 2.18 -9.41
N ARG C 186 25.06 2.38 -10.71
CA ARG C 186 26.01 1.87 -11.70
C ARG C 186 26.34 2.98 -12.68
N ILE C 187 27.63 3.24 -12.84
CA ILE C 187 28.13 4.22 -13.79
C ILE C 187 28.79 3.47 -14.93
N THR C 188 28.56 3.92 -16.16
CA THR C 188 29.23 3.37 -17.32
C THR C 188 29.79 4.50 -18.15
N ALA C 189 31.06 4.38 -18.54
CA ALA C 189 31.72 5.35 -19.38
C ALA C 189 31.76 4.84 -20.82
N LEU C 190 31.66 5.76 -21.76
CA LEU C 190 31.59 5.44 -23.17
C LEU C 190 32.59 6.32 -23.90
N ASP C 191 33.30 5.72 -24.86
CA ASP C 191 34.25 6.43 -25.72
C ASP C 191 33.66 6.60 -27.11
N GLY C 192 34.25 7.52 -27.86
CA GLY C 192 33.76 7.86 -29.17
C GLY C 192 34.33 6.98 -30.28
N GLY C 193 33.91 5.72 -30.32
CA GLY C 193 34.36 4.79 -31.32
C GLY C 193 33.23 4.37 -32.23
N ASP C 194 33.59 3.85 -33.40
CA ASP C 194 32.60 3.40 -34.38
C ASP C 194 31.67 2.38 -33.72
N PRO C 195 32.18 1.25 -33.23
CA PRO C 195 31.44 0.52 -32.19
C PRO C 195 31.95 0.91 -30.82
N PRO C 196 31.32 1.90 -30.17
CA PRO C 196 31.91 2.46 -28.95
C PRO C 196 32.09 1.41 -27.86
N ARG C 197 33.17 1.58 -27.10
CA ARG C 197 33.54 0.68 -26.01
C ARG C 197 33.20 1.34 -24.68
N LEU C 198 32.94 0.52 -23.67
CA LEU C 198 32.46 1.03 -22.39
C LEU C 198 33.29 0.51 -21.23
N GLY C 199 33.12 1.18 -20.09
CA GLY C 199 33.63 0.71 -18.82
C GLY C 199 32.55 0.87 -17.77
N THR C 200 32.69 0.12 -16.68
CA THR C 200 31.65 0.07 -15.68
C THR C 200 32.23 0.15 -14.28
N VAL C 201 31.47 0.76 -13.37
CA VAL C 201 31.84 0.82 -11.97
C VAL C 201 30.58 0.92 -11.12
N GLY C 202 30.58 0.23 -9.99
CA GLY C 202 29.50 0.36 -9.02
C GLY C 202 29.74 1.58 -8.14
N LEU C 203 28.68 2.35 -7.93
CA LEU C 203 28.77 3.61 -7.20
C LEU C 203 27.99 3.49 -5.89
N SER C 204 28.70 3.40 -4.78
CA SER C 204 28.10 3.33 -3.46
C SER C 204 28.03 4.74 -2.87
N ILE C 205 26.83 5.14 -2.45
CA ILE C 205 26.60 6.45 -1.85
C ILE C 205 26.18 6.23 -0.41
N LYS C 206 27.04 6.63 0.52
CA LYS C 206 26.72 6.62 1.94
C LYS C 206 26.19 8.00 2.32
N VAL C 207 24.97 8.05 2.85
CA VAL C 207 24.36 9.30 3.26
C VAL C 207 24.80 9.55 4.70
N THR C 208 25.74 10.48 4.88
CA THR C 208 26.20 10.82 6.22
C THR C 208 25.10 11.58 6.97
N ASP C 209 25.03 11.32 8.27
CA ASP C 209 23.94 11.81 9.10
C ASP C 209 24.13 13.28 9.44
N SER C 210 23.01 13.93 9.76
CA SER C 210 23.01 15.29 10.28
CA SER C 210 23.01 15.30 10.27
C SER C 210 22.03 15.36 11.44
N ASN C 211 22.43 16.05 12.50
CA ASN C 211 21.58 16.17 13.69
C ASN C 211 20.42 17.09 13.33
N ASP C 212 19.48 16.54 12.55
CA ASP C 212 18.29 17.25 12.13
C ASP C 212 17.02 16.66 12.74
N ASN C 213 17.16 15.91 13.83
CA ASN C 213 16.02 15.40 14.59
C ASN C 213 16.27 15.66 16.06
N ASN C 214 15.28 16.18 16.73
CA ASN C 214 15.33 16.44 18.15
C ASN C 214 14.65 15.30 18.91
N PRO C 215 15.07 15.01 20.13
CA PRO C 215 14.34 14.00 20.92
C PRO C 215 12.87 14.38 21.05
N VAL C 216 12.01 13.36 21.12
CA VAL C 216 10.57 13.57 21.17
C VAL C 216 9.95 12.56 22.13
N PHE C 217 9.19 13.06 23.09
CA PHE C 217 8.47 12.20 24.02
C PHE C 217 7.15 11.75 23.42
N SER C 218 6.67 10.60 23.87
CA SER C 218 5.40 10.08 23.38
C SER C 218 4.27 11.07 23.63
N GLU C 219 4.17 11.59 24.85
CA GLU C 219 3.11 12.51 25.21
C GLU C 219 3.70 13.67 26.00
N SER C 220 2.95 14.78 26.05
CA SER C 220 3.38 15.95 26.81
C SER C 220 3.09 15.83 28.31
N THR C 221 1.96 15.21 28.67
CA THR C 221 1.55 15.11 30.07
C THR C 221 1.45 13.65 30.48
N TYR C 222 1.77 13.37 31.74
CA TYR C 222 1.77 12.02 32.26
C TYR C 222 1.15 12.00 33.65
N ALA C 223 0.79 10.79 34.09
CA ALA C 223 0.20 10.58 35.41
C ALA C 223 0.79 9.33 36.02
N VAL C 224 1.36 9.47 37.22
CA VAL C 224 1.97 8.37 37.94
C VAL C 224 1.52 8.42 39.39
N SER C 225 1.49 7.26 40.03
CA SER C 225 1.17 7.15 41.45
C SER C 225 2.27 6.37 42.15
N VAL C 226 2.64 6.83 43.34
CA VAL C 226 3.70 6.18 44.11
C VAL C 226 3.25 6.11 45.57
N PRO C 227 3.23 4.94 46.20
CA PRO C 227 2.90 4.90 47.63
C PRO C 227 3.98 5.57 48.46
N GLU C 228 3.56 6.37 49.43
CA GLU C 228 4.51 7.06 50.27
C GLU C 228 5.43 6.05 50.96
N ASN C 229 6.60 6.54 51.36
CA ASN C 229 7.61 5.72 52.04
C ASN C 229 8.17 4.63 51.13
N SER C 230 7.98 4.75 49.83
CA SER C 230 8.58 3.79 48.90
C SER C 230 10.10 3.79 49.11
N PRO C 231 10.74 2.63 49.19
CA PRO C 231 12.14 2.59 49.58
C PRO C 231 13.03 3.29 48.57
N PRO C 232 14.26 3.64 48.94
CA PRO C 232 15.17 4.27 47.99
C PRO C 232 15.30 3.46 46.70
N ASN C 233 15.49 4.17 45.60
CA ASN C 233 15.67 3.57 44.30
C ASN C 233 14.44 2.76 43.91
N THR C 234 13.24 3.38 44.09
CA THR C 234 12.03 2.71 43.65
C THR C 234 11.63 3.23 42.27
N PRO C 235 11.24 2.37 41.34
CA PRO C 235 10.93 2.85 39.99
C PRO C 235 9.69 3.75 39.93
N VAL C 236 9.88 5.04 39.64
CA VAL C 236 8.73 5.93 39.48
C VAL C 236 8.17 5.82 38.07
N ILE C 237 8.96 6.20 37.07
CA ILE C 237 8.49 6.19 35.69
C ILE C 237 9.70 6.22 34.77
N ARG C 238 9.60 5.48 33.67
CA ARG C 238 10.68 5.38 32.69
C ARG C 238 10.20 6.06 31.42
N LEU C 239 10.62 7.30 31.21
CA LEU C 239 10.22 8.07 30.06
C LEU C 239 10.90 7.54 28.80
N ASN C 240 10.25 7.77 27.65
CA ASN C 240 10.71 7.19 26.38
C ASN C 240 10.71 8.27 25.31
N ALA C 241 11.85 8.93 25.14
CA ALA C 241 12.09 9.83 24.03
C ALA C 241 12.77 9.09 22.89
N SER C 242 12.49 9.52 21.67
CA SER C 242 13.04 8.90 20.48
C SER C 242 13.82 9.94 19.67
N ASP C 243 14.99 9.55 19.17
CA ASP C 243 15.75 10.39 18.27
C ASP C 243 16.33 9.49 17.18
N PRO C 244 15.86 9.62 15.93
CA PRO C 244 16.31 8.71 14.87
C PRO C 244 17.67 9.04 14.27
N ASP C 245 18.35 10.07 14.76
CA ASP C 245 19.67 10.41 14.22
C ASP C 245 20.65 9.27 14.52
N GLU C 246 21.88 9.43 14.04
CA GLU C 246 22.87 8.37 14.09
C GLU C 246 23.91 8.64 15.17
N GLY C 247 24.30 7.58 15.88
CA GLY C 247 25.36 7.68 16.86
C GLY C 247 25.08 8.76 17.89
N THR C 248 26.08 9.62 18.08
CA THR C 248 25.97 10.69 19.07
C THR C 248 24.70 11.51 18.86
N ASN C 249 24.41 11.86 17.60
CA ASN C 249 23.24 12.69 17.32
C ASN C 249 21.94 12.03 17.75
N GLY C 250 21.91 10.69 17.79
CA GLY C 250 20.73 9.95 18.18
C GLY C 250 20.71 9.47 19.61
N GLN C 251 21.72 9.80 20.41
CA GLN C 251 21.80 9.36 21.80
C GLN C 251 21.08 10.38 22.69
N VAL C 252 20.11 9.91 23.46
CA VAL C 252 19.29 10.76 24.31
C VAL C 252 19.83 10.72 25.74
N VAL C 253 19.84 11.88 26.39
CA VAL C 253 20.16 11.99 27.81
C VAL C 253 19.04 12.78 28.49
N TYR C 254 18.39 12.15 29.45
CA TYR C 254 17.30 12.74 30.23
C TYR C 254 17.86 13.52 31.41
N SER C 255 17.07 14.48 31.89
CA SER C 255 17.49 15.27 33.05
C SER C 255 16.32 16.11 33.52
N PHE C 256 16.48 16.69 34.71
CA PHE C 256 15.54 17.66 35.24
C PHE C 256 15.88 19.05 34.70
N TYR C 257 14.84 19.84 34.41
CA TYR C 257 15.04 21.13 33.77
C TYR C 257 14.79 22.26 34.76
N GLY C 258 15.58 23.33 34.61
CA GLY C 258 15.46 24.55 35.38
C GLY C 258 15.42 24.38 36.90
N TYR C 259 15.15 25.48 37.59
CA TYR C 259 14.96 25.47 39.04
C TYR C 259 13.60 24.92 39.42
N VAL C 260 13.53 24.35 40.63
CA VAL C 260 12.30 23.72 41.11
C VAL C 260 12.34 23.74 42.64
N ASN C 261 11.29 23.20 43.27
CA ASN C 261 11.27 23.19 44.73
C ASN C 261 12.37 22.26 45.22
N ASP C 262 13.27 22.81 46.05
CA ASP C 262 14.43 22.04 46.47
C ASP C 262 14.04 20.65 46.93
N ARG C 263 12.94 20.53 47.67
CA ARG C 263 12.52 19.23 48.15
C ARG C 263 12.30 18.27 46.98
N THR C 264 11.54 18.71 45.97
CA THR C 264 11.34 17.88 44.79
C THR C 264 12.68 17.43 44.22
N ARG C 265 13.59 18.38 44.03
CA ARG C 265 14.91 18.08 43.48
C ARG C 265 15.62 16.99 44.27
N GLU C 266 15.53 17.06 45.60
CA GLU C 266 16.24 16.13 46.47
C GLU C 266 15.55 14.78 46.60
N LEU C 267 14.23 14.72 46.38
CA LEU C 267 13.49 13.49 46.58
C LEU C 267 13.65 12.49 45.43
N PHE C 268 13.53 12.95 44.20
CA PHE C 268 13.56 12.06 43.05
C PHE C 268 14.89 12.18 42.32
N GLN C 269 15.16 11.20 41.48
CA GLN C 269 16.34 11.21 40.63
C GLN C 269 15.98 10.55 39.30
N ILE C 270 16.79 10.84 38.27
CA ILE C 270 16.61 10.23 36.96
C ILE C 270 17.94 9.62 36.53
N ASP C 271 17.86 8.47 35.87
CA ASP C 271 19.02 7.85 35.25
C ASP C 271 19.27 8.58 33.93
N PRO C 272 20.31 9.42 33.85
CA PRO C 272 20.42 10.29 32.67
C PRO C 272 20.56 9.53 31.36
N HIS C 273 21.36 8.46 31.34
CA HIS C 273 21.62 7.76 30.09
C HIS C 273 20.55 6.74 29.73
N SER C 274 19.61 6.46 30.63
CA SER C 274 18.57 5.46 30.39
C SER C 274 17.15 5.99 30.51
N GLY C 275 16.88 6.94 31.40
CA GLY C 275 15.56 7.52 31.53
C GLY C 275 14.73 7.01 32.69
N LEU C 276 15.34 6.33 33.66
CA LEU C 276 14.62 5.79 34.81
C LEU C 276 14.46 6.87 35.88
N VAL C 277 13.21 7.16 36.25
CA VAL C 277 12.88 8.12 37.29
C VAL C 277 12.53 7.33 38.55
N THR C 278 13.37 7.45 39.58
CA THR C 278 13.26 6.69 40.81
C THR C 278 13.15 7.60 42.04
N VAL C 279 12.60 7.01 43.13
CA VAL C 279 12.48 7.68 44.43
C VAL C 279 13.78 7.48 45.21
N THR C 280 14.32 8.57 45.76
CA THR C 280 15.51 8.50 46.59
C THR C 280 15.33 9.00 48.02
N GLY C 281 14.39 9.91 48.27
CA GLY C 281 14.20 10.51 49.56
C GLY C 281 12.93 10.05 50.24
N ALA C 282 12.60 10.77 51.31
CA ALA C 282 11.43 10.45 52.12
C ALA C 282 10.19 11.03 51.45
N LEU C 283 9.29 10.13 51.02
CA LEU C 283 8.00 10.53 50.48
C LEU C 283 6.97 10.34 51.58
N ASP C 284 6.28 11.43 51.93
CA ASP C 284 5.30 11.42 53.00
C ASP C 284 4.04 12.09 52.48
N TYR C 285 2.97 11.31 52.31
CA TYR C 285 1.70 11.89 51.88
C TYR C 285 1.29 13.02 52.81
N GLU C 286 1.58 12.87 54.10
CA GLU C 286 1.19 13.87 55.08
C GLU C 286 1.90 15.20 54.86
N GLU C 287 3.06 15.18 54.20
CA GLU C 287 3.81 16.40 53.91
C GLU C 287 3.38 17.04 52.59
N GLY C 288 3.20 16.24 51.54
CA GLY C 288 2.85 16.77 50.24
C GLY C 288 1.99 15.79 49.49
N HIS C 289 1.09 16.32 48.65
CA HIS C 289 0.12 15.48 47.95
C HIS C 289 0.63 15.01 46.59
N VAL C 290 1.19 15.92 45.80
CA VAL C 290 1.66 15.62 44.45
C VAL C 290 2.94 16.40 44.21
N TYR C 291 3.72 15.95 43.24
CA TYR C 291 4.97 16.60 42.88
C TYR C 291 5.05 16.75 41.37
N GLU C 292 5.67 17.83 40.92
CA GLU C 292 5.75 18.17 39.51
C GLU C 292 7.20 18.04 39.05
N LEU C 293 7.43 17.12 38.11
CA LEU C 293 8.75 16.90 37.53
C LEU C 293 8.73 17.43 36.10
N ASP C 294 9.69 18.29 35.76
CA ASP C 294 9.87 18.77 34.40
C ASP C 294 11.14 18.15 33.86
N VAL C 295 10.99 17.19 32.96
CA VAL C 295 12.11 16.43 32.42
C VAL C 295 12.39 16.94 31.01
N GLN C 296 13.68 17.06 30.69
CA GLN C 296 14.12 17.41 29.35
C GLN C 296 15.00 16.28 28.84
N ALA C 297 14.76 15.88 27.60
CA ALA C 297 15.63 14.96 26.87
C ALA C 297 16.42 15.78 25.88
N LYS C 298 17.73 15.56 25.85
CA LYS C 298 18.63 16.31 24.98
C LYS C 298 19.52 15.31 24.27
N ASP C 299 19.78 15.57 22.98
CA ASP C 299 20.64 14.69 22.22
C ASP C 299 22.09 15.15 22.30
N LEU C 300 23.01 14.20 22.15
CA LEU C 300 24.44 14.47 22.27
C LEU C 300 25.02 14.71 20.88
N GLY C 301 24.70 15.88 20.33
CA GLY C 301 25.25 16.29 19.06
C GLY C 301 25.23 17.80 18.92
N PRO C 302 25.53 18.28 17.72
CA PRO C 302 25.44 19.72 17.47
C PRO C 302 24.00 20.16 17.25
N ASN C 303 23.77 21.44 17.50
CA ASN C 303 22.43 22.02 17.40
C ASN C 303 21.45 21.22 18.24
N SER C 304 21.86 20.91 19.47
CA SER C 304 21.05 20.06 20.34
C SER C 304 19.80 20.80 20.76
N ILE C 305 18.66 20.42 20.18
CA ILE C 305 17.36 20.98 20.53
C ILE C 305 16.71 20.05 21.54
N PRO C 306 16.55 20.46 22.79
CA PRO C 306 15.93 19.56 23.78
C PRO C 306 14.42 19.60 23.70
N ALA C 307 13.80 18.55 24.23
CA ALA C 307 12.34 18.44 24.32
C ALA C 307 11.97 18.18 25.77
N HIS C 308 10.81 18.69 26.20
CA HIS C 308 10.43 18.65 27.60
C HIS C 308 9.09 17.95 27.77
N CYS C 309 8.88 17.40 28.98
CA CYS C 309 7.59 16.83 29.37
C CYS C 309 7.45 16.97 30.88
N LYS C 310 6.20 17.01 31.34
CA LYS C 310 5.89 17.16 32.76
C LYS C 310 5.22 15.90 33.30
N VAL C 311 5.75 15.39 34.41
CA VAL C 311 5.23 14.21 35.09
C VAL C 311 4.64 14.64 36.42
N THR C 312 3.35 14.38 36.59
CA THR C 312 2.64 14.67 37.84
C THR C 312 2.63 13.42 38.70
N VAL C 313 3.50 13.37 39.69
CA VAL C 313 3.61 12.23 40.59
C VAL C 313 2.64 12.42 41.74
N SER C 314 1.54 11.67 41.74
CA SER C 314 0.62 11.70 42.87
C SER C 314 1.10 10.69 43.90
N VAL C 315 1.22 11.12 45.14
CA VAL C 315 1.63 10.25 46.23
C VAL C 315 0.37 9.64 46.83
N LEU C 316 0.49 8.40 47.29
CA LEU C 316 -0.64 7.68 47.87
C LEU C 316 -0.47 7.58 49.37
N ASP C 317 -1.59 7.63 50.09
CA ASP C 317 -1.57 7.65 51.54
C ASP C 317 -1.63 6.21 52.06
N THR C 318 -0.51 5.74 52.60
CA THR C 318 -0.50 4.49 53.34
C THR C 318 -0.82 4.77 54.81
N ASN C 319 -1.46 3.79 55.45
CA ASN C 319 -1.81 3.90 56.87
C ASN C 319 -0.56 3.58 57.67
N ASP C 320 0.26 4.62 57.89
CA ASP C 320 1.52 4.46 58.61
C ASP C 320 1.61 5.41 59.78
N ASN C 321 0.48 5.93 60.25
CA ASN C 321 0.51 6.79 61.40
C ASN C 321 -0.62 6.41 62.35
N PRO C 322 -0.33 6.20 63.63
CA PRO C 322 -1.35 5.71 64.57
C PRO C 322 -2.36 6.79 64.92
N PRO C 323 -3.55 6.40 65.39
CA PRO C 323 -4.49 7.40 65.91
C PRO C 323 -4.00 7.93 67.25
N VAL C 324 -3.87 9.25 67.33
CA VAL C 324 -3.35 9.91 68.53
C VAL C 324 -4.49 10.30 69.43
N ILE C 325 -4.39 9.90 70.70
CA ILE C 325 -5.38 10.20 71.72
C ILE C 325 -4.89 11.39 72.53
N ASN C 326 -5.84 12.25 72.95
CA ASN C 326 -5.55 13.43 73.74
C ASN C 326 -6.67 13.59 74.74
N LEU C 327 -6.34 13.37 76.01
CA LEU C 327 -7.28 13.57 77.10
C LEU C 327 -7.26 15.03 77.51
N LEU C 328 -8.45 15.58 77.71
CA LEU C 328 -8.63 16.98 78.10
C LEU C 328 -9.62 16.98 79.26
N SER C 329 -9.08 17.09 80.47
CA SER C 329 -9.85 17.28 81.68
C SER C 329 -9.92 18.78 82.01
N LEU C 334 -5.70 15.32 87.56
CA LEU C 334 -6.27 14.03 87.94
C LEU C 334 -7.80 14.11 87.96
N VAL C 335 -8.46 13.15 87.32
CA VAL C 335 -9.91 13.22 87.12
C VAL C 335 -10.59 12.86 88.43
N GLU C 336 -11.24 13.85 89.04
CA GLU C 336 -12.05 13.67 90.24
C GLU C 336 -13.50 13.57 89.82
N VAL C 337 -14.20 12.56 90.34
CA VAL C 337 -15.62 12.38 90.07
C VAL C 337 -16.35 12.20 91.39
N SER C 338 -17.50 12.84 91.51
CA SER C 338 -18.31 12.71 92.72
C SER C 338 -19.07 11.39 92.72
N GLU C 339 -19.29 10.86 93.92
CA GLU C 339 -20.11 9.66 94.06
C GLU C 339 -21.48 9.86 93.45
N SER C 340 -22.18 10.92 93.86
CA SER C 340 -23.53 11.23 93.38
C SER C 340 -23.47 11.86 91.99
N ALA C 341 -22.95 11.06 91.04
CA ALA C 341 -22.89 11.47 89.64
C ALA C 341 -24.03 10.79 88.89
N PRO C 342 -25.05 11.50 88.44
CA PRO C 342 -26.17 10.81 87.79
C PRO C 342 -25.72 10.15 86.51
N PRO C 343 -26.37 9.04 86.12
CA PRO C 343 -25.97 8.35 84.89
C PRO C 343 -25.87 9.30 83.70
N GLY C 344 -24.78 9.17 82.95
CA GLY C 344 -24.56 9.97 81.76
C GLY C 344 -23.83 11.28 81.99
N TYR C 345 -23.42 11.55 83.23
CA TYR C 345 -22.66 12.77 83.52
C TYR C 345 -21.25 12.66 82.97
N VAL C 346 -20.77 13.76 82.38
CA VAL C 346 -19.50 13.76 81.67
C VAL C 346 -18.34 13.68 82.66
N ILE C 347 -17.33 12.89 82.33
CA ILE C 347 -16.18 12.65 83.18
C ILE C 347 -14.99 13.46 82.69
N ALA C 348 -14.64 13.26 81.41
CA ALA C 348 -13.49 13.93 80.80
C ALA C 348 -13.73 13.96 79.30
N LEU C 349 -13.11 14.92 78.63
CA LEU C 349 -13.28 15.05 77.18
C LEU C 349 -12.10 14.40 76.48
N VAL C 350 -12.38 13.72 75.36
CA VAL C 350 -11.36 13.04 74.59
C VAL C 350 -11.36 13.61 73.18
N ARG C 351 -10.18 13.72 72.59
CA ARG C 351 -10.06 14.04 71.17
C ARG C 351 -9.04 13.11 70.55
N VAL C 352 -9.36 12.56 69.39
CA VAL C 352 -8.46 11.66 68.68
C VAL C 352 -8.22 12.22 67.29
N SER C 353 -7.00 12.06 66.80
CA SER C 353 -6.63 12.49 65.47
C SER C 353 -5.93 11.35 64.74
N ASP C 354 -5.63 11.58 63.47
CA ASP C 354 -4.89 10.62 62.66
C ASP C 354 -4.34 11.39 61.47
N ARG C 355 -3.02 11.51 61.37
CA ARG C 355 -2.43 12.31 60.32
C ARG C 355 -2.64 11.72 58.94
N ASP C 356 -3.07 10.47 58.84
CA ASP C 356 -3.35 9.86 57.55
C ASP C 356 -4.64 10.47 56.99
N SER C 357 -5.10 9.95 55.86
CA SER C 357 -6.31 10.45 55.20
C SER C 357 -7.20 9.28 54.81
N GLY C 358 -8.45 9.60 54.50
CA GLY C 358 -9.39 8.58 54.08
C GLY C 358 -9.63 7.56 55.17
N LEU C 359 -9.78 6.30 54.76
CA LEU C 359 -10.01 5.23 55.73
C LEU C 359 -8.81 5.05 56.67
N ASN C 360 -7.61 5.46 56.23
CA ASN C 360 -6.44 5.40 57.09
C ASN C 360 -6.54 6.40 58.25
N GLY C 361 -7.29 7.49 58.06
CA GLY C 361 -7.38 8.54 59.05
C GLY C 361 -8.64 8.50 59.89
N ARG C 362 -9.60 7.67 59.51
CA ARG C 362 -10.84 7.58 60.26
C ARG C 362 -10.65 6.69 61.48
N VAL C 363 -11.10 7.16 62.64
CA VAL C 363 -10.81 6.54 63.92
C VAL C 363 -12.12 6.16 64.60
N GLN C 364 -12.02 5.20 65.52
CA GLN C 364 -13.13 4.82 66.38
C GLN C 364 -12.55 4.40 67.71
N CYS C 365 -13.24 4.74 68.80
CA CYS C 365 -12.68 4.66 70.14
C CYS C 365 -13.39 3.61 70.98
N ARG C 366 -12.69 3.15 72.01
CA ARG C 366 -13.18 2.13 72.93
C ARG C 366 -12.68 2.42 74.33
N LEU C 367 -13.45 1.96 75.32
CA LEU C 367 -13.10 2.07 76.72
C LEU C 367 -13.00 0.65 77.28
N LEU C 368 -11.82 0.28 77.77
CA LEU C 368 -11.59 -1.10 78.18
C LEU C 368 -12.09 -1.34 79.60
N GLY C 369 -12.20 -2.62 79.96
CA GLY C 369 -12.64 -3.01 81.27
C GLY C 369 -14.16 -2.93 81.40
N ASN C 370 -14.67 -3.51 82.48
CA ASN C 370 -16.08 -3.48 82.80
C ASN C 370 -16.49 -2.27 83.64
N VAL C 371 -15.67 -1.22 83.64
CA VAL C 371 -15.82 -0.05 84.50
C VAL C 371 -17.14 0.66 84.19
N PRO C 372 -17.70 1.45 85.15
CA PRO C 372 -19.03 2.06 84.97
C PRO C 372 -18.99 3.35 84.16
N PHE C 373 -18.37 3.30 82.99
CA PHE C 373 -18.25 4.47 82.15
C PHE C 373 -18.41 4.07 80.69
N ARG C 374 -19.06 4.92 79.92
CA ARG C 374 -19.24 4.72 78.49
C ARG C 374 -18.43 5.78 77.76
N LEU C 375 -18.10 5.49 76.51
CA LEU C 375 -17.38 6.42 75.65
C LEU C 375 -18.26 6.61 74.43
N GLN C 376 -19.16 7.59 74.50
CA GLN C 376 -20.06 7.92 73.41
C GLN C 376 -19.35 8.93 72.52
N GLU C 377 -19.06 8.54 71.28
CA GLU C 377 -18.25 9.38 70.41
C GLU C 377 -19.13 10.32 69.59
N TYR C 378 -18.75 11.59 69.55
CA TYR C 378 -19.36 12.60 68.72
C TYR C 378 -18.43 12.90 67.54
N GLU C 379 -18.86 13.82 66.69
CA GLU C 379 -18.02 14.26 65.59
C GLU C 379 -16.79 14.97 66.13
N SER C 380 -15.62 14.31 66.02
CA SER C 380 -14.31 14.84 66.37
C SER C 380 -14.04 14.90 67.88
N PHE C 381 -14.99 14.54 68.73
CA PHE C 381 -14.78 14.60 70.18
C PHE C 381 -15.58 13.47 70.83
N SER C 382 -14.89 12.48 71.38
CA SER C 382 -15.54 11.39 72.09
C SER C 382 -15.67 11.76 73.57
N THR C 383 -16.88 11.63 74.10
CA THR C 383 -17.16 11.95 75.49
C THR C 383 -17.22 10.69 76.34
N ILE C 384 -16.68 10.79 77.55
CA ILE C 384 -16.80 9.74 78.56
C ILE C 384 -17.89 10.14 79.54
N LEU C 385 -18.74 9.19 79.91
CA LEU C 385 -19.85 9.45 80.81
C LEU C 385 -19.94 8.33 81.84
N VAL C 386 -20.60 8.64 82.96
CA VAL C 386 -20.79 7.66 84.01
C VAL C 386 -21.96 6.76 83.66
N ASP C 387 -21.76 5.46 83.82
CA ASP C 387 -22.75 4.45 83.44
C ASP C 387 -22.99 3.46 84.58
N GLY C 388 -22.98 3.94 85.82
CA GLY C 388 -23.26 3.05 86.93
C GLY C 388 -23.28 3.81 88.23
N ARG C 389 -23.32 3.07 89.32
CA ARG C 389 -23.20 3.65 90.65
C ARG C 389 -21.74 3.73 91.03
N LEU C 390 -21.33 4.88 91.53
CA LEU C 390 -19.96 5.13 91.95
C LEU C 390 -19.95 5.11 93.46
N ASP C 391 -19.40 4.06 94.04
CA ASP C 391 -19.32 3.90 95.49
C ASP C 391 -17.88 4.06 95.93
N ARG C 392 -17.65 4.98 96.87
CA ARG C 392 -16.31 5.23 97.39
C ARG C 392 -15.65 3.94 97.89
N GLU C 393 -16.43 3.02 98.44
CA GLU C 393 -15.89 1.81 99.04
C GLU C 393 -15.76 0.66 98.03
N GLN C 394 -16.87 0.28 97.40
CA GLN C 394 -16.86 -0.85 96.47
C GLN C 394 -15.84 -0.63 95.36
N HIS C 395 -15.71 0.61 94.89
CA HIS C 395 -14.71 0.95 93.89
C HIS C 395 -14.25 2.38 94.19
N ASP C 396 -13.09 2.50 94.82
CA ASP C 396 -12.55 3.82 95.15
C ASP C 396 -11.97 4.52 93.92
N GLN C 397 -11.01 3.88 93.26
CA GLN C 397 -10.36 4.44 92.08
C GLN C 397 -10.37 3.43 90.94
N TYR C 398 -10.47 3.93 89.71
CA TYR C 398 -10.38 3.11 88.50
C TYR C 398 -9.15 3.50 87.68
N ASN C 399 -8.77 2.57 86.80
CA ASN C 399 -7.63 2.70 85.89
C ASN C 399 -8.19 2.66 84.47
N LEU C 400 -8.89 3.73 84.10
CA LEU C 400 -9.52 3.79 82.78
C LEU C 400 -8.46 3.78 81.69
N THR C 401 -8.69 3.01 80.64
CA THR C 401 -7.78 2.94 79.50
C THR C 401 -8.61 3.06 78.23
N ILE C 402 -8.31 4.06 77.41
CA ILE C 402 -8.99 4.26 76.13
C ILE C 402 -8.12 3.71 75.03
N GLN C 403 -8.74 3.01 74.08
CA GLN C 403 -8.09 2.66 72.83
C GLN C 403 -8.72 3.45 71.68
N ALA C 404 -7.89 3.72 70.67
CA ALA C 404 -8.36 4.32 69.43
C ALA C 404 -7.82 3.47 68.29
N ARG C 405 -8.65 3.27 67.25
CA ARG C 405 -8.30 2.36 66.17
C ARG C 405 -8.77 2.94 64.85
N ASP C 406 -7.89 2.92 63.86
CA ASP C 406 -8.24 3.43 62.54
C ASP C 406 -8.73 2.31 61.64
N GLY C 407 -9.18 2.69 60.43
CA GLY C 407 -9.72 1.73 59.49
C GLY C 407 -8.83 1.48 58.31
N GLY C 408 -7.51 1.58 58.50
CA GLY C 408 -6.56 1.32 57.45
C GLY C 408 -6.11 -0.14 57.42
N VAL C 409 -5.24 -0.42 56.46
CA VAL C 409 -4.71 -1.77 56.29
C VAL C 409 -3.18 -1.70 56.11
N PRO C 410 -2.41 -2.22 57.09
CA PRO C 410 -2.84 -2.82 58.36
C PRO C 410 -3.35 -1.77 59.34
N MET C 411 -4.41 -2.10 60.07
CA MET C 411 -4.98 -1.13 61.01
C MET C 411 -4.01 -0.89 62.16
N LEU C 412 -4.17 0.27 62.79
CA LEU C 412 -3.31 0.68 63.90
C LEU C 412 -4.18 1.09 65.08
N GLN C 413 -3.71 0.76 66.28
CA GLN C 413 -4.39 1.12 67.52
C GLN C 413 -3.47 1.96 68.39
N SER C 414 -4.04 2.49 69.46
CA SER C 414 -3.27 3.22 70.46
C SER C 414 -4.03 3.17 71.78
N ALA C 415 -3.29 3.26 72.88
CA ALA C 415 -3.85 3.15 74.22
C ALA C 415 -3.35 4.29 75.09
N LYS C 416 -4.28 4.87 75.87
CA LYS C 416 -3.94 5.93 76.81
C LYS C 416 -4.69 5.67 78.11
N SER C 417 -3.97 5.60 79.22
CA SER C 417 -4.55 5.23 80.51
C SER C 417 -4.53 6.41 81.47
N PHE C 418 -5.70 6.74 82.03
CA PHE C 418 -5.81 7.74 83.08
C PHE C 418 -6.60 7.15 84.24
N THR C 419 -6.25 7.63 85.44
CA THR C 419 -6.86 7.16 86.68
C THR C 419 -7.96 8.12 87.10
N VAL C 420 -9.10 7.56 87.52
CA VAL C 420 -10.20 8.37 88.02
C VAL C 420 -10.41 8.01 89.49
N LEU C 421 -10.73 9.03 90.31
CA LEU C 421 -11.02 8.75 91.72
C LEU C 421 -12.38 9.33 92.10
N ILE C 422 -12.99 8.68 93.09
CA ILE C 422 -14.33 9.03 93.57
C ILE C 422 -14.20 9.73 94.90
N THR C 423 -15.02 10.75 95.11
CA THR C 423 -14.98 11.53 96.34
C THR C 423 -15.92 10.95 97.39
C1 NAG D . -51.68 37.94 46.26
C2 NAG D . -52.63 38.25 45.13
C3 NAG D . -51.95 37.94 43.80
C4 NAG D . -50.66 38.74 43.67
C5 NAG D . -49.77 38.59 44.92
C6 NAG D . -48.69 39.63 44.94
C7 NAG D . -54.97 37.99 45.83
C8 NAG D . -56.14 37.07 45.90
N2 NAG D . -53.86 37.49 45.27
O3 NAG D . -52.82 38.33 42.73
O4 NAG D . -49.87 38.32 42.56
O5 NAG D . -50.52 38.75 46.13
O6 NAG D . -49.12 40.75 44.18
O7 NAG D . -55.02 39.14 46.26
H2 NAG D . -52.84 39.20 45.15
H3 NAG D . -51.76 36.99 43.74
H4 NAG D . -50.88 39.69 43.57
H5 NAG D . -49.37 37.69 44.91
H61 NAG D . -47.87 39.27 44.56
H62 NAG D . -48.52 39.91 45.87
H81 NAG D . -55.91 36.29 46.42
H82 NAG D . -56.39 36.79 45.00
H83 NAG D . -56.90 37.54 46.31
HN2 NAG D . -53.88 36.63 44.96
HO3 NAG D . -52.46 38.11 41.95
C1 NAG D . -49.80 39.33 41.54
C2 NAG D . -49.04 38.85 40.32
C3 NAG D . -49.12 39.87 39.17
C4 NAG D . -50.56 40.30 38.92
C5 NAG D . -51.22 40.74 40.22
C6 NAG D . -52.69 41.04 40.05
C7 NAG D . -46.69 39.44 40.82
C8 NAG D . -45.32 38.91 41.09
N2 NAG D . -47.65 38.52 40.61
O3 NAG D . -48.58 39.27 37.99
O4 NAG D . -50.57 41.41 38.03
O5 NAG D . -51.11 39.70 41.19
O6 NAG D . -53.43 39.84 39.84
O7 NAG D . -46.94 40.63 40.77
H1 NAG D . -49.35 40.12 41.91
H2 NAG D . -49.48 38.03 40.00
H3 NAG D . -48.58 40.65 39.40
H4 NAG D . -51.06 39.56 38.53
H5 NAG D . -50.76 41.54 40.55
H61 NAG D . -52.82 41.63 39.29
H62 NAG D . -53.02 41.48 40.86
H81 NAG D . -45.33 38.36 41.89
H82 NAG D . -45.02 38.37 40.32
H83 NAG D . -44.71 39.66 41.21
HN2 NAG D . -47.42 37.63 40.65
HO3 NAG D . -48.22 39.90 37.48
HO6 NAG D . -54.24 39.94 40.19
C1 BMA D . -50.37 41.03 36.65
C2 BMA D . -51.21 42.01 35.80
C3 BMA D . -50.97 41.78 34.31
C4 BMA D . -49.46 41.75 33.98
C5 BMA D . -48.74 40.75 34.90
C6 BMA D . -47.24 40.75 34.68
O2 BMA D . -50.83 43.36 36.06
O3 BMA D . -51.62 42.76 33.52
O4 BMA D . -49.27 41.37 32.62
O5 BMA D . -49.00 41.10 36.27
O6 BMA D . -46.61 40.44 35.91
H1 BMA D . -50.75 40.00 36.49
H2 BMA D . -52.28 41.87 36.03
H3 BMA D . -51.40 40.81 34.01
H4 BMA D . -49.06 42.75 34.18
H5 BMA D . -49.12 39.73 34.70
H61 BMA D . -47.00 40.01 33.90
H62 BMA D . -46.96 41.74 34.31
HO2 BMA D . -51.63 43.80 36.40
HO3 BMA D . -52.44 42.35 33.21
HO4 BMA D . -49.23 42.21 32.13
HO6 BMA D . -45.67 40.32 35.74
C1 FUC D . -48.42 41.97 44.49
C2 FUC D . -49.31 43.14 44.02
C3 FUC D . -48.59 44.44 44.36
C4 FUC D . -47.16 44.11 44.93
C5 FUC D . -47.24 43.10 46.13
C6 FUC D . -46.01 42.25 46.32
O2 FUC D . -50.64 43.08 44.55
O3 FUC D . -48.44 45.23 43.15
O4 FUC D . -46.36 43.53 43.90
O5 FUC D . -48.17 42.10 45.85
C1 NAG E . 5.38 -24.73 -82.96
C2 NAG E . 4.49 -23.74 -83.72
C3 NAG E . 3.40 -23.19 -82.80
C4 NAG E . 2.64 -24.31 -82.12
C5 NAG E . 3.64 -25.19 -81.37
C6 NAG E . 2.99 -26.36 -80.68
C7 NAG E . 4.89 -21.87 -85.26
C8 NAG E . 5.86 -20.80 -85.67
N2 NAG E . 5.30 -22.66 -84.26
O3 NAG E . 2.49 -22.42 -83.59
O4 NAG E . 1.69 -23.78 -81.20
O5 NAG E . 4.57 -25.73 -82.32
O6 NAG E . 2.12 -27.07 -81.55
O7 NAG E . 3.80 -21.99 -85.79
H2 NAG E . 4.07 -24.21 -84.46
H3 NAG E . 3.80 -22.61 -82.14
H4 NAG E . 2.18 -24.85 -82.79
H5 NAG E . 4.11 -24.64 -80.73
H61 NAG E . 3.69 -26.96 -80.37
H62 NAG E . 2.48 -26.03 -79.91
H81 NAG E . 6.69 -21.21 -85.98
H82 NAG E . 6.05 -20.21 -84.92
H83 NAG E . 5.47 -20.27 -86.40
HN2 NAG E . 6.13 -22.51 -83.89
HO3 NAG E . 2.82 -21.60 -83.71
HO4 NAG E . 0.90 -23.71 -81.60
C1 FUC E . 1.76 -28.30 -80.89
C2 FUC E . 0.23 -28.29 -80.68
C3 FUC E . -0.29 -29.69 -80.37
C4 FUC E . 0.86 -30.61 -79.93
C5 FUC E . 1.90 -30.70 -81.07
C6 FUC E . 3.24 -31.25 -80.61
O2 FUC E . -0.45 -27.72 -81.79
O3 FUC E . -1.24 -29.64 -79.30
O4 FUC E . 1.47 -30.12 -78.75
O5 FUC E . 2.17 -29.41 -81.66
H2 FUC E . 0.02 -27.65 -79.82
H3 FUC E . -0.76 -30.11 -81.28
H4 FUC E . 0.46 -31.62 -79.77
H5 FUC E . 1.47 -31.36 -81.85
H61 FUC E . 3.94 -31.29 -81.46
H62 FUC E . 3.11 -32.26 -80.21
H63 FUC E . 3.67 -30.61 -79.84
HO2 FUC E . -0.64 -26.80 -81.54
HO3 FUC E . -2.10 -29.84 -79.71
HO4 FUC E . 0.84 -30.34 -78.04
C1 NAG F . -3.66 0.17 84.08
C2 NAG F . -2.35 -0.02 84.83
C3 NAG F . -1.17 -0.10 83.85
C4 NAG F . -1.40 -1.18 82.80
C5 NAG F . -2.78 -1.04 82.14
C6 NAG F . -3.15 -2.21 81.26
C7 NAG F . -1.99 2.33 85.52
C8 NAG F . -2.05 2.69 84.07
N2 NAG F . -2.14 1.02 85.81
O3 NAG F . 0.04 -0.33 84.55
O4 NAG F . -0.40 -1.05 81.80
O5 NAG F . -3.83 -0.91 83.12
O6 NAG F . -3.21 -3.45 81.95
O7 NAG F . -1.83 3.18 86.39
C1 NAG F . 0.50 -2.18 81.74
C2 NAG F . 0.91 -2.39 80.28
C3 NAG F . 2.42 -2.61 80.16
C4 NAG F . 2.93 -3.56 81.23
C5 NAG F . 2.49 -3.12 82.63
C6 NAG F . 3.65 -2.76 83.51
C7 NAG F . -0.74 -3.34 78.75
C8 NAG F . -1.38 -4.59 78.22
N2 NAG F . 0.18 -3.50 79.69
O3 NAG F . 3.10 -1.37 80.27
O4 NAG F . 2.46 -4.89 80.96
O5 NAG F . 1.67 -1.95 82.52
O6 NAG F . 4.28 -1.56 83.08
O7 NAG F . -1.06 -2.23 78.34
CA CA G . 24.69 -4.46 -43.64
CA CA H . 25.57 -6.97 -41.05
CA CA I . 24.58 -6.29 -34.42
CA CA J . -1.33 -1.48 -1.45
CA CA K . -4.12 0.56 -3.16
CA CA L . -10.24 1.77 -0.39
CA CA M . -33.61 20.25 31.52
CA CA N . -36.17 19.94 28.54
CA CA O . -35.26 24.03 36.93
C1 NAG P . -8.42 13.62 8.58
C2 NAG P . -8.59 14.97 7.90
C3 NAG P . -7.38 15.27 7.01
C4 NAG P . -6.09 15.16 7.82
C5 NAG P . -6.00 13.80 8.50
C6 NAG P . -4.80 13.68 9.41
C7 NAG P . -11.00 15.39 7.59
C8 NAG P . -12.16 15.33 6.63
N2 NAG P . -9.82 14.99 7.12
O3 NAG P . -7.49 16.58 6.47
O4 NAG P . -4.95 15.30 6.97
O5 NAG P . -7.16 13.60 9.31
O6 NAG P . -4.83 14.66 10.44
O7 NAG P . -11.14 15.79 8.75
NI NI Q . -63.78 26.12 59.23
CL CL R . -9.09 5.35 -10.46
CL CL S . 15.70 -8.73 -10.16
CA CA T . -41.52 -8.56 32.79
CA CA U . -33.34 -12.55 29.73
CA CA V . -37.87 -8.99 33.40
CA CA W . -12.32 -14.21 -7.34
CA CA X . -10.19 -16.21 -4.87
CA CA Y . -10.43 -12.31 -13.44
CA CA Z . 3.77 -21.32 -53.76
CA CA AA . 2.25 -18.19 -54.06
CA CA BA . 5.43 -25.13 -59.29
C1 NAG CA . -12.17 -23.54 -23.06
C2 NAG CA . -13.62 -23.43 -23.53
C3 NAG CA . -14.57 -24.01 -22.48
C4 NAG CA . -14.15 -25.42 -22.08
C5 NAG CA . -12.69 -25.41 -21.65
C6 NAG CA . -12.16 -26.80 -21.34
C7 NAG CA . -14.82 -21.68 -24.78
C8 NAG CA . -15.05 -20.20 -24.91
N2 NAG CA . -13.96 -22.05 -23.81
O3 NAG CA . -15.91 -24.04 -22.99
O4 NAG CA . -14.95 -25.89 -21.00
O5 NAG CA . -11.89 -24.90 -22.72
O6 NAG CA . -10.99 -26.72 -20.53
O7 NAG CA . -15.38 -22.49 -25.50
NI NI DA . 23.37 -19.27 -89.86
CL CL EA . -46.03 -9.08 54.90
CL CL FA . -10.88 -5.87 -39.66
CA CA GA . 47.45 1.45 -28.10
CA CA HA . 44.78 3.87 -29.20
CA CA IA . 38.73 4.35 -26.21
CA CA JA . 19.45 12.90 10.75
CA CA KA . 16.78 13.74 8.05
CA CA LA . 19.18 14.17 17.44
CA CA MA . 3.43 8.87 56.44
CA CA NA . 0.17 8.28 55.78
CA CA OA . -3.92 5.99 60.72
C1 NAG PA . 10.20 3.71 23.08
C2 NAG PA . 11.03 2.50 23.54
C3 NAG PA . 11.66 1.78 22.34
C4 NAG PA . 10.63 1.51 21.26
C5 NAG PA . 9.90 2.79 20.90
C6 NAG PA . 8.83 2.61 19.84
C7 NAG PA . 12.99 2.10 24.97
C8 NAG PA . 13.97 2.74 25.93
N2 NAG PA . 12.06 2.92 24.48
O3 NAG PA . 12.23 0.55 22.78
O4 NAG PA . 11.27 0.98 20.10
O5 NAG PA . 9.25 3.30 22.07
O6 NAG PA . 8.27 3.85 19.45
O7 NAG PA . 13.05 0.92 24.67
H2 NAG PA . 10.42 1.87 23.99
H3 NAG PA . 12.37 2.34 21.97
H4 NAG PA . 9.99 0.85 21.59
H5 NAG PA . 10.55 3.45 20.58
H61 NAG PA . 8.12 2.03 20.20
H62 NAG PA . 9.23 2.18 19.07
H81 NAG PA . 14.61 2.07 26.23
H82 NAG PA . 13.48 3.10 26.69
H83 NAG PA . 14.44 3.46 25.47
HN2 NAG PA . 12.06 3.79 24.74
HO3 NAG PA . 12.00 -0.10 22.22
HO4 NAG PA . 11.18 0.10 20.09
HO6 NAG PA . 8.40 3.98 18.60
#